data_4IMO
# 
_entry.id   4IMO 
# 
_audit_conform.dict_name       mmcif_pdbx.dic 
_audit_conform.dict_version    5.379 
_audit_conform.dict_location   http://mmcif.pdb.org/dictionaries/ascii/mmcif_pdbx.dic 
# 
loop_
_database_2.database_id 
_database_2.database_code 
_database_2.pdbx_database_accession 
_database_2.pdbx_DOI 
PDB   4IMO         pdb_00004imo 10.2210/pdb4imo/pdb 
RCSB  RCSB076944   ?            ?                   
WWPDB D_1000076944 ?            ?                   
# 
_pdbx_database_related.db_name        PDB 
_pdbx_database_related.db_id          4IMN 
_pdbx_database_related.details        'Crystal structure of wild type human Lipocalin PGDS bound with PEG' 
_pdbx_database_related.content_type   unspecified 
# 
_pdbx_database_status.status_code                     REL 
_pdbx_database_status.entry_id                        4IMO 
_pdbx_database_status.recvd_initial_deposition_date   2013-01-03 
_pdbx_database_status.deposit_site                    RCSB 
_pdbx_database_status.process_site                    RCSB 
_pdbx_database_status.status_code_sf                  REL 
_pdbx_database_status.status_code_mr                  ? 
_pdbx_database_status.SG_entry                        ? 
_pdbx_database_status.status_code_cs                  ? 
_pdbx_database_status.methods_development_category    ? 
_pdbx_database_status.pdb_format_compatible           Y 
_pdbx_database_status.status_code_nmr_data            ? 
# 
loop_
_audit_author.name 
_audit_author.pdbx_ordinal 
'Lim, S.M.'      1 
'Chen, D.'       2 
'Teo, H.'        3 
'Roos, A.'       4 
'Nyman, T.'      5 
'Tresaugues, L.' 6 
'Pervushin, K.'  7 
'Nordlund, P.'   8 
# 
_citation.id                        primary 
_citation.title                     
'Structural and dynamic insights into substrate binding and catalysis of human lipocalin prostaglandin D synthase.' 
_citation.journal_abbrev            'J.Lipid Res.' 
_citation.journal_volume            54 
_citation.page_first                1630 
_citation.page_last                 1643 
_citation.year                      2013 
_citation.journal_id_ASTM           JLPRAW 
_citation.country                   US 
_citation.journal_id_ISSN           0022-2275 
_citation.journal_id_CSD            0484 
_citation.book_publisher            ? 
_citation.pdbx_database_id_PubMed   23526831 
_citation.pdbx_database_id_DOI      10.1194/jlr.M035410 
# 
loop_
_citation_author.citation_id 
_citation_author.name 
_citation_author.ordinal 
_citation_author.identifier_ORCID 
primary 'Lim, S.M.'      1 ? 
primary 'Chen, D.'       2 ? 
primary 'Teo, H.'        3 ? 
primary 'Roos, A.'       4 ? 
primary 'Jansson, A.E.'  5 ? 
primary 'Nyman, T.'      6 ? 
primary 'Tresaugues, L.' 7 ? 
primary 'Pervushin, K.'  8 ? 
primary 'Nordlund, P.'   9 ? 
# 
_cell.entry_id           4IMO 
_cell.length_a           36.240 
_cell.length_b           56.380 
_cell.length_c           72.920 
_cell.angle_alpha        90.00 
_cell.angle_beta         90.00 
_cell.angle_gamma        90.00 
_cell.Z_PDB              4 
_cell.pdbx_unique_axis   ? 
_cell.length_a_esd       ? 
_cell.length_b_esd       ? 
_cell.length_c_esd       ? 
_cell.angle_alpha_esd    ? 
_cell.angle_beta_esd     ? 
_cell.angle_gamma_esd    ? 
# 
_symmetry.entry_id                         4IMO 
_symmetry.space_group_name_H-M             'P 21 21 21' 
_symmetry.pdbx_full_space_group_name_H-M   ? 
_symmetry.cell_setting                     ? 
_symmetry.Int_Tables_number                19 
_symmetry.space_group_name_Hall            ? 
# 
loop_
_entity.id 
_entity.type 
_entity.src_method 
_entity.pdbx_description 
_entity.formula_weight 
_entity.pdbx_number_of_molecules 
_entity.pdbx_ec 
_entity.pdbx_mutation 
_entity.pdbx_fragment 
_entity.details 
1 polymer     man 'Lipocalin-type prostaglandin-D synthase'                                                                 
19748.145 1  5.3.99.2 ? ? ? 
2 non-polymer syn '(5E)-7-{(1R,4S,5S,6R)-5-[(1E,3S)-3-hydroxyoct-1-en-1-yl]-2-oxabicyclo[2.2.1]hept-6-yl}hept-5-enoic acid' 
350.492   2  ?        ? ? ? 
3 non-polymer syn 'THIOCYANATE ION'                                                                                         58.082 
2  ?        ? ? ? 
4 water       nat water                                                                                                     18.015 
82 ?        ? ? ? 
# 
_entity_name_com.entity_id   1 
_entity_name_com.name        
;Beta-trace protein, Cerebrin-28, Glutathione-independent PGD synthase, Prostaglandin-H2 D-isomerase, Prostaglandin-D2 synthase, PGD2 synthase, PGDS, PGDS2
;
# 
_entity_poly.entity_id                      1 
_entity_poly.type                           'polypeptide(L)' 
_entity_poly.nstd_linkage                   no 
_entity_poly.nstd_monomer                   no 
_entity_poly.pdbx_seq_one_letter_code       
;MAPEAQVSVQPNFQQDKFLGRWFSAGLASNSSWLREKKAALSMCKSVVAPATDGGLNLTSTFLRKNQCETRTMLLQPAGS
LGSYSYRSPHWGSTYSVSVVETDYDQYALLYSQGSKGPGEDFRMATLYSRTQTPRAELKEKFTAFCKAQGFTEDTIVFLP
QTDKCMTEQAHHHHHH
;
_entity_poly.pdbx_seq_one_letter_code_can   
;MAPEAQVSVQPNFQQDKFLGRWFSAGLASNSSWLREKKAALSMCKSVVAPATDGGLNLTSTFLRKNQCETRTMLLQPAGS
LGSYSYRSPHWGSTYSVSVVETDYDQYALLYSQGSKGPGEDFRMATLYSRTQTPRAELKEKFTAFCKAQGFTEDTIVFLP
QTDKCMTEQAHHHHHH
;
_entity_poly.pdbx_strand_id                 A 
_entity_poly.pdbx_target_identifier         ? 
# 
loop_
_entity_poly_seq.entity_id 
_entity_poly_seq.num 
_entity_poly_seq.mon_id 
_entity_poly_seq.hetero 
1 1   MET n 
1 2   ALA n 
1 3   PRO n 
1 4   GLU n 
1 5   ALA n 
1 6   GLN n 
1 7   VAL n 
1 8   SER n 
1 9   VAL n 
1 10  GLN n 
1 11  PRO n 
1 12  ASN n 
1 13  PHE n 
1 14  GLN n 
1 15  GLN n 
1 16  ASP n 
1 17  LYS n 
1 18  PHE n 
1 19  LEU n 
1 20  GLY n 
1 21  ARG n 
1 22  TRP n 
1 23  PHE n 
1 24  SER n 
1 25  ALA n 
1 26  GLY n 
1 27  LEU n 
1 28  ALA n 
1 29  SER n 
1 30  ASN n 
1 31  SER n 
1 32  SER n 
1 33  TRP n 
1 34  LEU n 
1 35  ARG n 
1 36  GLU n 
1 37  LYS n 
1 38  LYS n 
1 39  ALA n 
1 40  ALA n 
1 41  LEU n 
1 42  SER n 
1 43  MET n 
1 44  CYS n 
1 45  LYS n 
1 46  SER n 
1 47  VAL n 
1 48  VAL n 
1 49  ALA n 
1 50  PRO n 
1 51  ALA n 
1 52  THR n 
1 53  ASP n 
1 54  GLY n 
1 55  GLY n 
1 56  LEU n 
1 57  ASN n 
1 58  LEU n 
1 59  THR n 
1 60  SER n 
1 61  THR n 
1 62  PHE n 
1 63  LEU n 
1 64  ARG n 
1 65  LYS n 
1 66  ASN n 
1 67  GLN n 
1 68  CYS n 
1 69  GLU n 
1 70  THR n 
1 71  ARG n 
1 72  THR n 
1 73  MET n 
1 74  LEU n 
1 75  LEU n 
1 76  GLN n 
1 77  PRO n 
1 78  ALA n 
1 79  GLY n 
1 80  SER n 
1 81  LEU n 
1 82  GLY n 
1 83  SER n 
1 84  TYR n 
1 85  SER n 
1 86  TYR n 
1 87  ARG n 
1 88  SER n 
1 89  PRO n 
1 90  HIS n 
1 91  TRP n 
1 92  GLY n 
1 93  SER n 
1 94  THR n 
1 95  TYR n 
1 96  SER n 
1 97  VAL n 
1 98  SER n 
1 99  VAL n 
1 100 VAL n 
1 101 GLU n 
1 102 THR n 
1 103 ASP n 
1 104 TYR n 
1 105 ASP n 
1 106 GLN n 
1 107 TYR n 
1 108 ALA n 
1 109 LEU n 
1 110 LEU n 
1 111 TYR n 
1 112 SER n 
1 113 GLN n 
1 114 GLY n 
1 115 SER n 
1 116 LYS n 
1 117 GLY n 
1 118 PRO n 
1 119 GLY n 
1 120 GLU n 
1 121 ASP n 
1 122 PHE n 
1 123 ARG n 
1 124 MET n 
1 125 ALA n 
1 126 THR n 
1 127 LEU n 
1 128 TYR n 
1 129 SER n 
1 130 ARG n 
1 131 THR n 
1 132 GLN n 
1 133 THR n 
1 134 PRO n 
1 135 ARG n 
1 136 ALA n 
1 137 GLU n 
1 138 LEU n 
1 139 LYS n 
1 140 GLU n 
1 141 LYS n 
1 142 PHE n 
1 143 THR n 
1 144 ALA n 
1 145 PHE n 
1 146 CYS n 
1 147 LYS n 
1 148 ALA n 
1 149 GLN n 
1 150 GLY n 
1 151 PHE n 
1 152 THR n 
1 153 GLU n 
1 154 ASP n 
1 155 THR n 
1 156 ILE n 
1 157 VAL n 
1 158 PHE n 
1 159 LEU n 
1 160 PRO n 
1 161 GLN n 
1 162 THR n 
1 163 ASP n 
1 164 LYS n 
1 165 CYS n 
1 166 MET n 
1 167 THR n 
1 168 GLU n 
1 169 GLN n 
1 170 ALA n 
1 171 HIS n 
1 172 HIS n 
1 173 HIS n 
1 174 HIS n 
1 175 HIS n 
1 176 HIS n 
# 
_entity_src_gen.entity_id                          1 
_entity_src_gen.pdbx_src_id                        1 
_entity_src_gen.pdbx_alt_source_flag               sample 
_entity_src_gen.pdbx_seq_type                      ? 
_entity_src_gen.pdbx_beg_seq_num                   ? 
_entity_src_gen.pdbx_end_seq_num                   ? 
_entity_src_gen.gene_src_common_name               human 
_entity_src_gen.gene_src_genus                     ? 
_entity_src_gen.pdbx_gene_src_gene                 'PDS, PTGDS' 
_entity_src_gen.gene_src_species                   ? 
_entity_src_gen.gene_src_strain                    ? 
_entity_src_gen.gene_src_tissue                    ? 
_entity_src_gen.gene_src_tissue_fraction           ? 
_entity_src_gen.gene_src_details                   ? 
_entity_src_gen.pdbx_gene_src_fragment             ? 
_entity_src_gen.pdbx_gene_src_scientific_name      'Homo sapiens' 
_entity_src_gen.pdbx_gene_src_ncbi_taxonomy_id     9606 
_entity_src_gen.pdbx_gene_src_variant              ? 
_entity_src_gen.pdbx_gene_src_cell_line            ? 
_entity_src_gen.pdbx_gene_src_atcc                 ? 
_entity_src_gen.pdbx_gene_src_organ                ? 
_entity_src_gen.pdbx_gene_src_organelle            ? 
_entity_src_gen.pdbx_gene_src_cell                 ? 
_entity_src_gen.pdbx_gene_src_cellular_location    ? 
_entity_src_gen.host_org_common_name               ? 
_entity_src_gen.pdbx_host_org_scientific_name      'Escherichia coli' 
_entity_src_gen.pdbx_host_org_ncbi_taxonomy_id     562 
_entity_src_gen.host_org_genus                     ? 
_entity_src_gen.pdbx_host_org_gene                 ? 
_entity_src_gen.pdbx_host_org_organ                ? 
_entity_src_gen.host_org_species                   ? 
_entity_src_gen.pdbx_host_org_tissue               ? 
_entity_src_gen.pdbx_host_org_tissue_fraction      ? 
_entity_src_gen.pdbx_host_org_strain               'Rosetta BL21' 
_entity_src_gen.pdbx_host_org_variant              ? 
_entity_src_gen.pdbx_host_org_cell_line            ? 
_entity_src_gen.pdbx_host_org_atcc                 ? 
_entity_src_gen.pdbx_host_org_culture_collection   ? 
_entity_src_gen.pdbx_host_org_cell                 ? 
_entity_src_gen.pdbx_host_org_organelle            ? 
_entity_src_gen.pdbx_host_org_cellular_location    ? 
_entity_src_gen.pdbx_host_org_vector_type          plasmid 
_entity_src_gen.pdbx_host_org_vector               ? 
_entity_src_gen.host_org_details                   ? 
_entity_src_gen.expression_system_id               ? 
_entity_src_gen.plasmid_name                       pNIC-CH4 
_entity_src_gen.plasmid_details                    ? 
_entity_src_gen.pdbx_description                   ? 
# 
_struct_ref.id                         1 
_struct_ref.db_name                    UNP 
_struct_ref.db_code                    PTGDS_HUMAN 
_struct_ref.pdbx_db_accession          P41222 
_struct_ref.entity_id                  1 
_struct_ref.pdbx_seq_one_letter_code   
;APEAQVSVQPNFQQDKFLGRWFSAGLASNSSWLREKKAALSMCKSVVAPATDGGLNLTSTFLRKNQCETRTMLLQPAGSL
GSYSYRSPHWGSTYSVSVVETDYDQYALLYSQGSKGPGEDFRMATLYSRTQTPRAELKEKFTAFCKAQGFTEDTIVFLPQ
TDKCMTEQ
;
_struct_ref.pdbx_align_begin           23 
_struct_ref.pdbx_db_isoform            ? 
# 
_struct_ref_seq.align_id                      1 
_struct_ref_seq.ref_id                        1 
_struct_ref_seq.pdbx_PDB_id_code              4IMO 
_struct_ref_seq.pdbx_strand_id                A 
_struct_ref_seq.seq_align_beg                 2 
_struct_ref_seq.pdbx_seq_align_beg_ins_code   ? 
_struct_ref_seq.seq_align_end                 169 
_struct_ref_seq.pdbx_seq_align_end_ins_code   ? 
_struct_ref_seq.pdbx_db_accession             P41222 
_struct_ref_seq.db_align_beg                  23 
_struct_ref_seq.pdbx_db_align_beg_ins_code    ? 
_struct_ref_seq.db_align_end                  190 
_struct_ref_seq.pdbx_db_align_end_ins_code    ? 
_struct_ref_seq.pdbx_auth_seq_align_beg       23 
_struct_ref_seq.pdbx_auth_seq_align_end       190 
# 
loop_
_struct_ref_seq_dif.align_id 
_struct_ref_seq_dif.pdbx_pdb_id_code 
_struct_ref_seq_dif.mon_id 
_struct_ref_seq_dif.pdbx_pdb_strand_id 
_struct_ref_seq_dif.seq_num 
_struct_ref_seq_dif.pdbx_pdb_ins_code 
_struct_ref_seq_dif.pdbx_seq_db_name 
_struct_ref_seq_dif.pdbx_seq_db_accession_code 
_struct_ref_seq_dif.db_mon_id 
_struct_ref_seq_dif.pdbx_seq_db_seq_num 
_struct_ref_seq_dif.details 
_struct_ref_seq_dif.pdbx_auth_seq_num 
_struct_ref_seq_dif.pdbx_ordinal 
1 4IMO MET A 1   ? UNP P41222 ? ? 'expression tag' 22  1 
1 4IMO ALA A 170 ? UNP P41222 ? ? 'expression tag' 191 2 
1 4IMO HIS A 171 ? UNP P41222 ? ? 'expression tag' 192 3 
1 4IMO HIS A 172 ? UNP P41222 ? ? 'expression tag' 193 4 
1 4IMO HIS A 173 ? UNP P41222 ? ? 'expression tag' 194 5 
1 4IMO HIS A 174 ? UNP P41222 ? ? 'expression tag' 195 6 
1 4IMO HIS A 175 ? UNP P41222 ? ? 'expression tag' 196 7 
1 4IMO HIS A 176 ? UNP P41222 ? ? 'expression tag' 197 8 
# 
loop_
_chem_comp.id 
_chem_comp.type 
_chem_comp.mon_nstd_flag 
_chem_comp.name 
_chem_comp.pdbx_synonyms 
_chem_comp.formula 
_chem_comp.formula_weight 
ALA 'L-peptide linking' y ALANINE ? 'C3 H7 N O2'     89.093  
ARG 'L-peptide linking' y ARGININE ? 'C6 H15 N4 O2 1' 175.209 
ASN 'L-peptide linking' y ASPARAGINE ? 'C4 H8 N2 O3'    132.118 
ASP 'L-peptide linking' y 'ASPARTIC ACID' ? 'C4 H7 N O4'     133.103 
CYS 'L-peptide linking' y CYSTEINE ? 'C3 H7 N O2 S'   121.158 
GLN 'L-peptide linking' y GLUTAMINE ? 'C5 H10 N2 O3'   146.144 
GLU 'L-peptide linking' y 'GLUTAMIC ACID' ? 'C5 H9 N O4'     147.129 
GLY 'peptide linking'   y GLYCINE ? 'C2 H5 N O2'     75.067  
HIS 'L-peptide linking' y HISTIDINE ? 'C6 H10 N3 O2 1' 156.162 
HOH non-polymer         . WATER ? 'H2 O'           18.015  
ILE 'L-peptide linking' y ISOLEUCINE ? 'C6 H13 N O2'    131.173 
LEU 'L-peptide linking' y LEUCINE ? 'C6 H13 N O2'    131.173 
LYS 'L-peptide linking' y LYSINE ? 'C6 H15 N2 O2 1' 147.195 
MET 'L-peptide linking' y METHIONINE ? 'C5 H11 N O2 S'  149.211 
PHE 'L-peptide linking' y PHENYLALANINE ? 'C9 H11 N O2'    165.189 
PRO 'L-peptide linking' y PROLINE ? 'C5 H9 N O2'     115.130 
PWZ non-polymer         . 
'(5E)-7-{(1R,4S,5S,6R)-5-[(1E,3S)-3-hydroxyoct-1-en-1-yl]-2-oxabicyclo[2.2.1]hept-6-yl}hept-5-enoic acid' ? 'C21 H34 O4'     
350.492 
SCN non-polymer         . 'THIOCYANATE ION' ? 'C N S -1'       58.082  
SER 'L-peptide linking' y SERINE ? 'C3 H7 N O3'     105.093 
THR 'L-peptide linking' y THREONINE ? 'C4 H9 N O3'     119.119 
TRP 'L-peptide linking' y TRYPTOPHAN ? 'C11 H12 N2 O2'  204.225 
TYR 'L-peptide linking' y TYROSINE ? 'C9 H11 N O3'    181.189 
VAL 'L-peptide linking' y VALINE ? 'C5 H11 N O2'    117.146 
# 
_exptl.entry_id          4IMO 
_exptl.method            'X-RAY DIFFRACTION' 
_exptl.crystals_number   1 
# 
_exptl_crystal.id                    1 
_exptl_crystal.density_meas          ? 
_exptl_crystal.density_Matthews      1.89 
_exptl_crystal.density_percent_sol   34.79 
_exptl_crystal.description           ? 
_exptl_crystal.F_000                 ? 
_exptl_crystal.preparation           ? 
# 
_exptl_crystal_grow.crystal_id      1 
_exptl_crystal_grow.method          'VAPOR DIFFUSION, HANGING DROP' 
_exptl_crystal_grow.temp            277 
_exptl_crystal_grow.temp_details    ? 
_exptl_crystal_grow.pH              6.5 
_exptl_crystal_grow.pdbx_details    
'0.1M potassium thiocyanate, 30% PEG MME 2000, pH 6.5, VAPOR DIFFUSION, HANGING DROP, temperature 277K' 
_exptl_crystal_grow.pdbx_pH_range   ? 
# 
_diffrn.id                     1 
_diffrn.ambient_temp           198.0 
_diffrn.ambient_temp_details   ? 
_diffrn.crystal_id             1 
# 
_diffrn_detector.diffrn_id              1 
_diffrn_detector.detector               CCD 
_diffrn_detector.type                   'ADSC QUANTUM 315' 
_diffrn_detector.pdbx_collection_date   2011-09-30 
_diffrn_detector.details                ? 
# 
_diffrn_radiation.diffrn_id                        1 
_diffrn_radiation.wavelength_id                    1 
_diffrn_radiation.pdbx_monochromatic_or_laue_m_l   M 
_diffrn_radiation.monochromator                    'LN2-cooled, fixed-exit double crystal monochromator' 
_diffrn_radiation.pdbx_diffrn_protocol             'SINGLE WAVELENGTH' 
_diffrn_radiation.pdbx_scattering_type             x-ray 
# 
_diffrn_radiation_wavelength.id           1 
_diffrn_radiation_wavelength.wavelength   0.97622 
_diffrn_radiation_wavelength.wt           1.0 
# 
_diffrn_source.diffrn_id                   1 
_diffrn_source.source                      SYNCHROTRON 
_diffrn_source.type                        'NSRRC BEAMLINE BL13B1' 
_diffrn_source.pdbx_synchrotron_site       NSRRC 
_diffrn_source.pdbx_synchrotron_beamline   BL13B1 
_diffrn_source.pdbx_wavelength             ? 
_diffrn_source.pdbx_wavelength_list        0.97622 
# 
_reflns.entry_id                     4IMO 
_reflns.observed_criterion_sigma_I   -3.0 
_reflns.observed_criterion_sigma_F   0.0 
_reflns.d_resolution_low             36.49 
_reflns.d_resolution_high            1.88 
_reflns.number_obs                   12735 
_reflns.number_all                   12735 
_reflns.percent_possible_obs         100 
_reflns.pdbx_Rmerge_I_obs            0.078 
_reflns.pdbx_Rsym_value              0.078 
_reflns.pdbx_netI_over_sigmaI        7.4 
_reflns.B_iso_Wilson_estimate        23.5 
_reflns.pdbx_redundancy              4.2 
_reflns.R_free_details               ? 
_reflns.limit_h_max                  ? 
_reflns.limit_h_min                  ? 
_reflns.limit_k_max                  ? 
_reflns.limit_k_min                  ? 
_reflns.limit_l_max                  ? 
_reflns.limit_l_min                  ? 
_reflns.observed_criterion_F_max     ? 
_reflns.observed_criterion_F_min     ? 
_reflns.pdbx_chi_squared             ? 
_reflns.pdbx_scaling_rejects         ? 
_reflns.pdbx_ordinal                 1 
_reflns.pdbx_diffrn_id               1 
# 
_reflns_shell.d_res_high             1.88 
_reflns_shell.d_res_low              1.98 
_reflns_shell.percent_possible_all   100 
_reflns_shell.Rmerge_I_obs           0.359 
_reflns_shell.pdbx_Rsym_value        0.274 
_reflns_shell.meanI_over_sigI_obs    2.8 
_reflns_shell.pdbx_redundancy        4.2 
_reflns_shell.percent_possible_obs   ? 
_reflns_shell.number_unique_all      1826 
_reflns_shell.number_measured_all    ? 
_reflns_shell.number_measured_obs    ? 
_reflns_shell.number_unique_obs      ? 
_reflns_shell.pdbx_chi_squared       ? 
_reflns_shell.pdbx_ordinal           1 
_reflns_shell.pdbx_diffrn_id         1 
# 
_refine.entry_id                                 4IMO 
_refine.ls_number_reflns_obs                     12074 
_refine.ls_number_reflns_all                     12074 
_refine.pdbx_ls_sigma_I                          -3.0 
_refine.pdbx_ls_sigma_F                          0.0 
_refine.pdbx_data_cutoff_high_absF               ? 
_refine.pdbx_data_cutoff_low_absF                ? 
_refine.pdbx_data_cutoff_high_rms_absF           ? 
_refine.ls_d_res_low                             36.49 
_refine.ls_d_res_high                            1.88 
_refine.ls_percent_reflns_obs                    99.98 
_refine.ls_R_factor_obs                          0.19174 
_refine.ls_R_factor_all                          ? 
_refine.ls_R_factor_R_work                       0.18911 
_refine.ls_R_factor_R_free                       0.24154 
_refine.ls_R_factor_R_free_error                 ? 
_refine.ls_R_factor_R_free_error_details         ? 
_refine.ls_percent_reflns_R_free                 4.9 
_refine.ls_number_reflns_R_free                  620 
_refine.ls_number_parameters                     ? 
_refine.ls_number_restraints                     ? 
_refine.occupancy_min                            ? 
_refine.occupancy_max                            ? 
_refine.correlation_coeff_Fo_to_Fc               0.943 
_refine.correlation_coeff_Fo_to_Fc_free          0.918 
_refine.B_iso_mean                               23.509 
_refine.aniso_B[1][1]                            0.16 
_refine.aniso_B[2][2]                            -0.71 
_refine.aniso_B[3][3]                            0.55 
_refine.aniso_B[1][2]                            0.00 
_refine.aniso_B[1][3]                            0.00 
_refine.aniso_B[2][3]                            0.00 
_refine.solvent_model_details                    MASK 
_refine.solvent_model_param_ksol                 ? 
_refine.solvent_model_param_bsol                 ? 
_refine.pdbx_solvent_vdw_probe_radii             1.20 
_refine.pdbx_solvent_ion_probe_radii             0.80 
_refine.pdbx_solvent_shrinkage_radii             0.80 
_refine.pdbx_ls_cross_valid_method               THROUGHOUT 
_refine.details                                  'HYDROGENS HAVE BEEN ADDED IN THE RIDING POSITIONS' 
_refine.pdbx_starting_model                      2CZT 
_refine.pdbx_method_to_determine_struct          'MOLECULAR REPLACEMENT' 
_refine.pdbx_isotropic_thermal_model             ? 
_refine.pdbx_stereochemistry_target_values       'MAXIMUM LIKELIHOOD' 
_refine.pdbx_stereochem_target_val_spec_case     ? 
_refine.pdbx_R_Free_selection_details            RANDOM 
_refine.pdbx_overall_ESU_R                       0.165 
_refine.pdbx_overall_ESU_R_Free                  0.156 
_refine.overall_SU_ML                            0.103 
_refine.pdbx_overall_phase_error                 ? 
_refine.overall_SU_B                             3.340 
_refine.overall_SU_R_Cruickshank_DPI             ? 
_refine.ls_redundancy_reflns_obs                 ? 
_refine.B_iso_min                                ? 
_refine.B_iso_max                                ? 
_refine.overall_SU_R_free                        ? 
_refine.ls_wR_factor_R_free                      ? 
_refine.ls_wR_factor_R_work                      ? 
_refine.overall_FOM_free_R_set                   ? 
_refine.overall_FOM_work_R_set                   ? 
_refine.pdbx_diffrn_id                           1 
_refine.pdbx_refine_id                           'X-RAY DIFFRACTION' 
_refine.pdbx_TLS_residual_ADP_flag               ? 
_refine.pdbx_overall_SU_R_free_Cruickshank_DPI   ? 
_refine.pdbx_overall_SU_R_Blow_DPI               ? 
_refine.pdbx_overall_SU_R_free_Blow_DPI          ? 
# 
_refine_hist.pdbx_refine_id                   'X-RAY DIFFRACTION' 
_refine_hist.cycle_id                         LAST 
_refine_hist.pdbx_number_atoms_protein        1215 
_refine_hist.pdbx_number_atoms_nucleic_acid   0 
_refine_hist.pdbx_number_atoms_ligand         56 
_refine_hist.number_atoms_solvent             82 
_refine_hist.number_atoms_total               1353 
_refine_hist.d_res_high                       1.88 
_refine_hist.d_res_low                        36.49 
# 
loop_
_refine_ls_restr.type 
_refine_ls_restr.dev_ideal 
_refine_ls_restr.dev_ideal_target 
_refine_ls_restr.weight 
_refine_ls_restr.number 
_refine_ls_restr.pdbx_restraint_function 
_refine_ls_restr.pdbx_refine_id 
r_bond_refined_d       0.011  0.020  ? 1324 ? 'X-RAY DIFFRACTION' 
r_bond_other_d         0.007  0.020  ? 1240 ? 'X-RAY DIFFRACTION' 
r_angle_refined_deg    1.508  1.987  ? 1792 ? 'X-RAY DIFFRACTION' 
r_angle_other_deg      1.478  3.016  ? 2877 ? 'X-RAY DIFFRACTION' 
r_dihedral_angle_1_deg 6.316  5.000  ? 164  ? 'X-RAY DIFFRACTION' 
r_dihedral_angle_2_deg 36.653 23.455 ? 55   ? 'X-RAY DIFFRACTION' 
r_dihedral_angle_3_deg 11.994 15.000 ? 214  ? 'X-RAY DIFFRACTION' 
r_dihedral_angle_4_deg 13.963 15.000 ? 8    ? 'X-RAY DIFFRACTION' 
r_chiral_restr         0.082  0.200  ? 198  ? 'X-RAY DIFFRACTION' 
r_gen_planes_refined   0.006  0.021  ? 1475 ? 'X-RAY DIFFRACTION' 
r_gen_planes_other     0.001  0.020  ? 315  ? 'X-RAY DIFFRACTION' 
# 
_refine_ls_shell.pdbx_total_number_of_bins_used   20 
_refine_ls_shell.d_res_high                       1.880 
_refine_ls_shell.d_res_low                        1.929 
_refine_ls_shell.number_reflns_R_work             869 
_refine_ls_shell.R_factor_R_work                  0.192 
_refine_ls_shell.percent_reflns_obs               100.00 
_refine_ls_shell.R_factor_R_free                  0.264 
_refine_ls_shell.R_factor_R_free_error            ? 
_refine_ls_shell.percent_reflns_R_free            ? 
_refine_ls_shell.number_reflns_R_free             45 
_refine_ls_shell.number_reflns_all                ? 
_refine_ls_shell.R_factor_all                     ? 
_refine_ls_shell.number_reflns_obs                ? 
_refine_ls_shell.redundancy_reflns_obs            ? 
_refine_ls_shell.pdbx_refine_id                   'X-RAY DIFFRACTION' 
# 
_struct.entry_id                  4IMO 
_struct.title                     'Crystal structure of wild type human Lipocalin PGDS in complex with substrate analog U44069' 
_struct.pdbx_model_details        ? 
_struct.pdbx_CASP_flag            ? 
_struct.pdbx_model_type_details   ? 
# 
_struct_keywords.entry_id        4IMO 
_struct_keywords.pdbx_keywords   ISOMERASE 
_struct_keywords.text            'Beta barrel, Isomerase, Endoplasmic reticulum' 
# 
loop_
_struct_asym.id 
_struct_asym.pdbx_blank_PDB_chainid_flag 
_struct_asym.pdbx_modified 
_struct_asym.entity_id 
_struct_asym.details 
A N N 1 ? 
B N N 2 ? 
C N N 2 ? 
D N N 3 ? 
E N N 3 ? 
F N N 4 ? 
# 
_struct_biol.id        1 
_struct_biol.details   ? 
# 
loop_
_struct_conf.conf_type_id 
_struct_conf.id 
_struct_conf.pdbx_PDB_helix_id 
_struct_conf.beg_label_comp_id 
_struct_conf.beg_label_asym_id 
_struct_conf.beg_label_seq_id 
_struct_conf.pdbx_beg_PDB_ins_code 
_struct_conf.end_label_comp_id 
_struct_conf.end_label_asym_id 
_struct_conf.end_label_seq_id 
_struct_conf.pdbx_end_PDB_ins_code 
_struct_conf.beg_auth_comp_id 
_struct_conf.beg_auth_asym_id 
_struct_conf.beg_auth_seq_id 
_struct_conf.end_auth_comp_id 
_struct_conf.end_auth_asym_id 
_struct_conf.end_auth_seq_id 
_struct_conf.pdbx_PDB_helix_class 
_struct_conf.details 
_struct_conf.pdbx_PDB_helix_length 
HELX_P HELX_P1 1 GLN A 14  ? LEU A 19  ? GLN A 35  LEU A 40  1 ? 6  
HELX_P HELX_P2 2 SER A 31  ? LYS A 37  ? SER A 52  LYS A 58  1 ? 7  
HELX_P HELX_P3 3 ARG A 135 ? GLN A 149 ? ARG A 156 GLN A 170 1 ? 15 
HELX_P HELX_P4 4 THR A 152 ? ASP A 154 ? THR A 173 ASP A 175 5 ? 3  
# 
_struct_conf_type.id          HELX_P 
_struct_conf_type.criteria    ? 
_struct_conf_type.reference   ? 
# 
_struct_sheet.id               A 
_struct_sheet.type             ? 
_struct_sheet.number_strands   10 
_struct_sheet.details          ? 
# 
loop_
_struct_sheet_order.sheet_id 
_struct_sheet_order.range_id_1 
_struct_sheet_order.range_id_2 
_struct_sheet_order.offset 
_struct_sheet_order.sense 
A 1 2  ? anti-parallel 
A 2 3  ? anti-parallel 
A 3 4  ? anti-parallel 
A 4 5  ? anti-parallel 
A 5 6  ? anti-parallel 
A 6 7  ? anti-parallel 
A 7 8  ? anti-parallel 
A 8 9  ? anti-parallel 
A 9 10 ? anti-parallel 
# 
loop_
_struct_sheet_range.sheet_id 
_struct_sheet_range.id 
_struct_sheet_range.beg_label_comp_id 
_struct_sheet_range.beg_label_asym_id 
_struct_sheet_range.beg_label_seq_id 
_struct_sheet_range.pdbx_beg_PDB_ins_code 
_struct_sheet_range.end_label_comp_id 
_struct_sheet_range.end_label_asym_id 
_struct_sheet_range.end_label_seq_id 
_struct_sheet_range.pdbx_end_PDB_ins_code 
_struct_sheet_range.beg_auth_comp_id 
_struct_sheet_range.beg_auth_asym_id 
_struct_sheet_range.beg_auth_seq_id 
_struct_sheet_range.end_auth_comp_id 
_struct_sheet_range.end_auth_asym_id 
_struct_sheet_range.end_auth_seq_id 
A 1  ILE A 156 ? PHE A 158 ? ILE A 177 PHE A 179 
A 2  GLY A 20  ? SER A 29  ? GLY A 41  SER A 50  
A 3  ARG A 123 ? SER A 129 ? ARG A 144 SER A 150 
A 4  TYR A 107 ? LYS A 116 ? TYR A 128 LYS A 137 
A 5  SER A 93  ? THR A 102 ? SER A 114 THR A 123 
A 6  SER A 83  ? SER A 88  ? SER A 104 SER A 109 
A 7  GLN A 67  ? PRO A 77  ? GLN A 88  PRO A 98  
A 8  LEU A 56  ? ARG A 64  ? LEU A 77  ARG A 85  
A 9  CYS A 44  ? PRO A 50  ? CYS A 65  PRO A 71  
A 10 GLY A 20  ? SER A 29  ? GLY A 41  SER A 50  
# 
loop_
_pdbx_struct_sheet_hbond.sheet_id 
_pdbx_struct_sheet_hbond.range_id_1 
_pdbx_struct_sheet_hbond.range_id_2 
_pdbx_struct_sheet_hbond.range_1_label_atom_id 
_pdbx_struct_sheet_hbond.range_1_label_comp_id 
_pdbx_struct_sheet_hbond.range_1_label_asym_id 
_pdbx_struct_sheet_hbond.range_1_label_seq_id 
_pdbx_struct_sheet_hbond.range_1_PDB_ins_code 
_pdbx_struct_sheet_hbond.range_1_auth_atom_id 
_pdbx_struct_sheet_hbond.range_1_auth_comp_id 
_pdbx_struct_sheet_hbond.range_1_auth_asym_id 
_pdbx_struct_sheet_hbond.range_1_auth_seq_id 
_pdbx_struct_sheet_hbond.range_2_label_atom_id 
_pdbx_struct_sheet_hbond.range_2_label_comp_id 
_pdbx_struct_sheet_hbond.range_2_label_asym_id 
_pdbx_struct_sheet_hbond.range_2_label_seq_id 
_pdbx_struct_sheet_hbond.range_2_PDB_ins_code 
_pdbx_struct_sheet_hbond.range_2_auth_atom_id 
_pdbx_struct_sheet_hbond.range_2_auth_comp_id 
_pdbx_struct_sheet_hbond.range_2_auth_asym_id 
_pdbx_struct_sheet_hbond.range_2_auth_seq_id 
A 1 2  O VAL A 157 ? O VAL A 178 N LEU A 27  ? N LEU A 48  
A 2 3  N GLY A 26  ? N GLY A 47  O LEU A 127 ? O LEU A 148 
A 3 4  O MET A 124 ? O MET A 145 N SER A 112 ? N SER A 133 
A 4 5  O SER A 115 ? O SER A 136 N THR A 94  ? N THR A 115 
A 5 6  O SER A 93  ? O SER A 114 N SER A 88  ? N SER A 109 
A 6 7  O SER A 85  ? O SER A 106 N GLN A 76  ? N GLN A 97  
A 7 8  O LEU A 75  ? O LEU A 96  N LEU A 56  ? N LEU A 77  
A 8 9  O ASN A 57  ? O ASN A 78  N ALA A 49  ? N ALA A 70  
A 9 10 O SER A 46  ? O SER A 67  N TRP A 22  ? N TRP A 43  
# 
loop_
_struct_site.id 
_struct_site.pdbx_evidence_code 
_struct_site.pdbx_auth_asym_id 
_struct_site.pdbx_auth_comp_id 
_struct_site.pdbx_auth_seq_id 
_struct_site.pdbx_auth_ins_code 
_struct_site.pdbx_num_residues 
_struct_site.details 
AC1 Software A PWZ 201 ? 10 'BINDING SITE FOR RESIDUE PWZ A 201' 
AC2 Software A PWZ 202 ? 11 'BINDING SITE FOR RESIDUE PWZ A 202' 
AC3 Software A SCN 203 ? 4  'BINDING SITE FOR RESIDUE SCN A 203' 
AC4 Software A SCN 204 ? 5  'BINDING SITE FOR RESIDUE SCN A 204' 
# 
loop_
_struct_site_gen.id 
_struct_site_gen.site_id 
_struct_site_gen.pdbx_num_res 
_struct_site_gen.label_comp_id 
_struct_site_gen.label_asym_id 
_struct_site_gen.label_seq_id 
_struct_site_gen.pdbx_auth_ins_code 
_struct_site_gen.auth_comp_id 
_struct_site_gen.auth_asym_id 
_struct_site_gen.auth_seq_id 
_struct_site_gen.label_atom_id 
_struct_site_gen.label_alt_id 
_struct_site_gen.symmetry 
_struct_site_gen.details 
1  AC1 10 ARG A 21  ? ARG A 42  . ? 3_655 ? 
2  AC1 10 TRP A 33  ? TRP A 54  . ? 1_555 ? 
3  AC1 10 LYS A 45  ? LYS A 66  . ? 3_655 ? 
4  AC1 10 VAL A 47  ? VAL A 68  . ? 3_655 ? 
5  AC1 10 THR A 59  ? THR A 80  . ? 3_655 ? 
6  AC1 10 TRP A 91  ? TRP A 112 . ? 1_555 ? 
7  AC1 10 TYR A 95  ? TYR A 116 . ? 1_555 ? 
8  AC1 10 PRO A 118 ? PRO A 139 . ? 1_555 ? 
9  AC1 10 GLY A 119 ? GLY A 140 . ? 1_555 ? 
10 AC1 10 PHE A 122 ? PHE A 143 . ? 1_555 ? 
11 AC2 11 SER A 24  ? SER A 45  . ? 1_555 ? 
12 AC2 11 SER A 46  ? SER A 67  . ? 1_555 ? 
13 AC2 11 SER A 60  ? SER A 81  . ? 1_555 ? 
14 AC2 11 TYR A 86  ? TYR A 107 . ? 1_555 ? 
15 AC2 11 SER A 88  ? SER A 109 . ? 1_555 ? 
16 AC2 11 TRP A 91  ? TRP A 112 . ? 1_555 ? 
17 AC2 11 TYR A 128 ? TYR A 149 . ? 1_555 ? 
18 AC2 11 SCN D .   ? SCN A 203 . ? 1_555 ? 
19 AC2 11 HOH F .   ? HOH A 317 . ? 1_555 ? 
20 AC2 11 HOH F .   ? HOH A 327 . ? 1_555 ? 
21 AC2 11 HOH F .   ? HOH A 382 . ? 1_555 ? 
22 AC3 4  GLN A 15  ? GLN A 36  . ? 3_655 ? 
23 AC3 4  ASP A 16  ? ASP A 37  . ? 3_655 ? 
24 AC3 4  ARG A 64  ? ARG A 85  . ? 1_555 ? 
25 AC3 4  PWZ C .   ? PWZ A 202 . ? 1_555 ? 
26 AC4 5  PRO A 11  ? PRO A 32  . ? 4_555 ? 
27 AC4 5  TYR A 107 ? TYR A 128 . ? 1_555 ? 
28 AC4 5  LEU A 138 ? LEU A 159 . ? 1_555 ? 
29 AC4 5  LYS A 141 ? LYS A 162 . ? 1_555 ? 
30 AC4 5  HOH F .   ? HOH A 350 . ? 1_555 ? 
# 
_atom_sites.entry_id                    4IMO 
_atom_sites.fract_transf_matrix[1][1]   -0.00632368 
_atom_sites.fract_transf_matrix[1][2]   -0.00888512 
_atom_sites.fract_transf_matrix[1][3]   -0.02534747 
_atom_sites.fract_transf_matrix[2][1]   0.00759875 
_atom_sites.fract_transf_matrix[2][2]   -0.01562184 
_atom_sites.fract_transf_matrix[2][3]   0.00358024 
_atom_sites.fract_transf_matrix[3][1]   -0.01198657 
_atom_sites.fract_transf_matrix[3][2]   -0.00476254 
_atom_sites.fract_transf_matrix[3][3]   0.00465983 
_atom_sites.fract_transf_vector[1]      0.575215 
_atom_sites.fract_transf_vector[2]      0.487810 
_atom_sites.fract_transf_vector[3]      0.142869 
# 
loop_
_atom_type.symbol 
C 
N 
O 
S 
# 
loop_
_atom_site.group_PDB 
_atom_site.id 
_atom_site.type_symbol 
_atom_site.label_atom_id 
_atom_site.label_alt_id 
_atom_site.label_comp_id 
_atom_site.label_asym_id 
_atom_site.label_entity_id 
_atom_site.label_seq_id 
_atom_site.pdbx_PDB_ins_code 
_atom_site.Cartn_x 
_atom_site.Cartn_y 
_atom_site.Cartn_z 
_atom_site.occupancy 
_atom_site.B_iso_or_equiv 
_atom_site.pdbx_formal_charge 
_atom_site.auth_seq_id 
_atom_site.auth_comp_id 
_atom_site.auth_asym_id 
_atom_site.auth_atom_id 
_atom_site.pdbx_PDB_model_num 
ATOM   1    N N   . VAL A 1 7   ? 12.831  7.596   2.020   1.00 37.97  ? 28  VAL A N   1 
ATOM   2    C CA  . VAL A 1 7   ? 12.016  8.069   3.188   1.00 36.11  ? 28  VAL A CA  1 
ATOM   3    C C   . VAL A 1 7   ? 11.124  9.303   2.899   1.00 32.02  ? 28  VAL A C   1 
ATOM   4    O O   . VAL A 1 7   ? 10.520  9.848   3.828   1.00 33.19  ? 28  VAL A O   1 
ATOM   5    C CB  . VAL A 1 7   ? 12.916  8.369   4.436   1.00 35.93  ? 28  VAL A CB  1 
ATOM   6    C CG1 . VAL A 1 7   ? 13.818  7.188   4.760   1.00 38.03  ? 28  VAL A CG1 1 
ATOM   7    C CG2 . VAL A 1 7   ? 13.756  9.640   4.246   1.00 35.42  ? 28  VAL A CG2 1 
ATOM   8    N N   . SER A 1 8   ? 11.023  9.728   1.640   1.00 30.05  ? 29  SER A N   1 
ATOM   9    C CA  . SER A 1 8   ? 10.270  10.949  1.283   1.00 27.92  ? 29  SER A CA  1 
ATOM   10   C C   . SER A 1 8   ? 8.785   10.789  1.562   1.00 24.20  ? 29  SER A C   1 
ATOM   11   O O   . SER A 1 8   ? 8.219   9.726   1.335   1.00 23.86  ? 29  SER A O   1 
ATOM   12   C CB  . SER A 1 8   ? 10.414  11.276  -0.207  1.00 29.64  ? 29  SER A CB  1 
ATOM   13   O OG  . SER A 1 8   ? 11.713  11.723  -0.517  1.00 31.79  ? 29  SER A OG  1 
ATOM   14   N N   . VAL A 1 9   ? 8.159   11.851  2.049   1.00 21.34  ? 30  VAL A N   1 
ATOM   15   C CA  . VAL A 1 9   ? 6.706   11.899  2.192   1.00 19.16  ? 30  VAL A CA  1 
ATOM   16   C C   . VAL A 1 9   ? 6.171   12.989  1.259   1.00 16.23  ? 30  VAL A C   1 
ATOM   17   O O   . VAL A 1 9   ? 6.776   14.051  1.144   1.00 13.76  ? 30  VAL A O   1 
ATOM   18   C CB  . VAL A 1 9   ? 6.332   12.196  3.645   1.00 21.41  ? 30  VAL A CB  1 
ATOM   19   C CG1 . VAL A 1 9   ? 4.843   12.406  3.802   1.00 22.92  ? 30  VAL A CG1 1 
ATOM   20   C CG2 . VAL A 1 9   ? 6.817   11.045  4.539   1.00 22.94  ? 30  VAL A CG2 1 
ATOM   21   N N   . GLN A 1 10  ? 5.060   12.725  0.586   1.00 13.85  ? 31  GLN A N   1 
ATOM   22   C CA  . GLN A 1 10  ? 4.405   13.718  -0.275  1.00 12.66  ? 31  GLN A CA  1 
ATOM   23   C C   . GLN A 1 10  ? 4.396   15.089  0.377   1.00 12.56  ? 31  GLN A C   1 
ATOM   24   O O   . GLN A 1 10  ? 3.902   15.237  1.482   1.00 13.81  ? 31  GLN A O   1 
ATOM   25   C CB  . GLN A 1 10  ? 2.946   13.320  -0.491  1.00 12.11  ? 31  GLN A CB  1 
ATOM   26   C CG  . GLN A 1 10  ? 2.093   14.331  -1.233  1.00 12.02  ? 31  GLN A CG  1 
ATOM   27   C CD  . GLN A 1 10  ? 2.610   14.679  -2.628  1.00 11.95  ? 31  GLN A CD  1 
ATOM   28   O OE1 . GLN A 1 10  ? 2.969   13.828  -3.431  1.00 11.44  ? 31  GLN A OE1 1 
ATOM   29   N NE2 . GLN A 1 10  ? 2.669   15.964  -2.909  1.00 13.45  ? 31  GLN A NE2 1 
ATOM   30   N N   . PRO A 1 11  ? 4.937   16.095  -0.294  1.00 11.98  ? 32  PRO A N   1 
ATOM   31   C CA  . PRO A 1 11  ? 4.925   17.424  0.315   1.00 12.97  ? 32  PRO A CA  1 
ATOM   32   C C   . PRO A 1 11  ? 3.538   18.006  0.478   1.00 11.13  ? 32  PRO A C   1 
ATOM   33   O O   . PRO A 1 11  ? 2.714   17.839  -0.402  1.00 11.83  ? 32  PRO A O   1 
ATOM   34   C CB  . PRO A 1 11  ? 5.658   18.286  -0.723  1.00 12.53  ? 32  PRO A CB  1 
ATOM   35   C CG  . PRO A 1 11  ? 6.529   17.322  -1.459  1.00 13.56  ? 32  PRO A CG  1 
ATOM   36   C CD  . PRO A 1 11  ? 5.808   16.021  -1.486  1.00 12.66  ? 32  PRO A CD  1 
ATOM   37   N N   . ASN A 1 12  ? 3.321   18.745  1.565   1.00 10.83  ? 33  ASN A N   1 
ATOM   38   C CA  . ASN A 1 12  ? 2.058   19.428  1.810   1.00 9.82   ? 33  ASN A CA  1 
ATOM   39   C C   . ASN A 1 12  ? 0.901   18.436  1.750   1.00 9.43   ? 33  ASN A C   1 
ATOM   40   O O   . ASN A 1 12  ? -0.152  18.731  1.195   1.00 8.25   ? 33  ASN A O   1 
ATOM   41   C CB  . ASN A 1 12  ? 1.832   20.578  0.815   1.00 10.43  ? 33  ASN A CB  1 
ATOM   42   C CG  . ASN A 1 12  ? 0.709   21.531  1.261   1.00 10.54  ? 33  ASN A CG  1 
ATOM   43   O OD1 . ASN A 1 12  ? 0.538   21.755  2.438   1.00 11.82  ? 33  ASN A OD1 1 
ATOM   44   N ND2 . ASN A 1 12  ? -0.089  21.998  0.344   1.00 11.35  ? 33  ASN A ND2 1 
ATOM   45   N N   . PHE A 1 13  ? 1.119   17.233  2.279   1.00 9.32   ? 34  PHE A N   1 
ATOM   46   C CA  . PHE A 1 13  ? 0.120   16.152  2.204   1.00 9.20   ? 34  PHE A CA  1 
ATOM   47   C C   . PHE A 1 13  ? -1.233  16.585  2.804   1.00 9.40   ? 34  PHE A C   1 
ATOM   48   O O   . PHE A 1 13  ? -1.294  17.098  3.926   1.00 8.44   ? 34  PHE A O   1 
ATOM   49   C CB  . PHE A 1 13  ? 0.641   14.942  2.964   1.00 9.60   ? 34  PHE A CB  1 
ATOM   50   C CG  . PHE A 1 13  ? -0.271  13.764  2.915   1.00 9.11   ? 34  PHE A CG  1 
ATOM   51   C CD1 . PHE A 1 13  ? -0.495  13.102  1.725   1.00 9.25   ? 34  PHE A CD1 1 
ATOM   52   C CD2 . PHE A 1 13  ? -0.915  13.329  4.078   1.00 9.63   ? 34  PHE A CD2 1 
ATOM   53   C CE1 . PHE A 1 13  ? -1.351  11.987  1.683   1.00 9.77   ? 34  PHE A CE1 1 
ATOM   54   C CE2 . PHE A 1 13  ? -1.752  12.227  4.049   1.00 9.43   ? 34  PHE A CE2 1 
ATOM   55   C CZ  . PHE A 1 13  ? -1.985  11.553  2.861   1.00 9.18   ? 34  PHE A CZ  1 
ATOM   56   N N   . GLN A 1 14  ? -2.294  16.306  2.061   1.00 9.38   ? 35  GLN A N   1 
ATOM   57   C CA  . GLN A 1 14  ? -3.648  16.660  2.420   1.00 10.14  ? 35  GLN A CA  1 
ATOM   58   C C   . GLN A 1 14  ? -4.401  15.366  2.673   1.00 10.45  ? 35  GLN A C   1 
ATOM   59   O O   . GLN A 1 14  ? -4.936  14.756  1.736   1.00 10.63  ? 35  GLN A O   1 
ATOM   60   C CB  . GLN A 1 14  ? -4.299  17.410  1.269   1.00 11.18  ? 35  GLN A CB  1 
ATOM   61   C CG  . GLN A 1 14  ? -3.596  18.698  0.872   1.00 12.05  ? 35  GLN A CG  1 
ATOM   62   C CD  . GLN A 1 14  ? -3.540  19.722  1.983   1.00 13.59  ? 35  GLN A CD  1 
ATOM   63   O OE1 . GLN A 1 14  ? -4.519  19.968  2.691   1.00 14.31  ? 35  GLN A OE1 1 
ATOM   64   N NE2 . GLN A 1 14  ? -2.365  20.313  2.175   1.00 15.78  ? 35  GLN A NE2 1 
ATOM   65   N N   . GLN A 1 15  ? -4.459  14.961  3.936   1.00 10.65  ? 36  GLN A N   1 
ATOM   66   C CA  . GLN A 1 15  ? -5.055  13.655  4.282   1.00 11.09  ? 36  GLN A CA  1 
ATOM   67   C C   . GLN A 1 15  ? -6.509  13.524  3.845   1.00 10.66  ? 36  GLN A C   1 
ATOM   68   O O   . GLN A 1 15  ? -6.926  12.443  3.346   1.00 10.33  ? 36  GLN A O   1 
ATOM   69   C CB  . GLN A 1 15  ? -4.885  13.354  5.769   1.00 11.91  ? 36  GLN A CB  1 
ATOM   70   C CG  . GLN A 1 15  ? -5.382  11.963  6.174   1.00 12.01  ? 36  GLN A CG  1 
ATOM   71   C CD  . GLN A 1 15  ? -5.192  11.651  7.653   1.00 13.06  ? 36  GLN A CD  1 
ATOM   72   O OE1 . GLN A 1 15  ? -6.108  11.857  8.491   1.00 15.26  ? 36  GLN A OE1 1 
ATOM   73   N NE2 . GLN A 1 15  ? -4.031  11.184  7.987   1.00 12.40  ? 36  GLN A NE2 1 
ATOM   74   N N   . ASP A 1 16  ? -7.277  14.616  3.949   1.00 10.32  ? 37  ASP A N   1 
ATOM   75   C CA  . ASP A 1 16  ? -8.659  14.598  3.520   1.00 10.27  ? 37  ASP A CA  1 
ATOM   76   C C   . ASP A 1 16  ? -8.861  14.264  2.035   1.00 10.47  ? 37  ASP A C   1 
ATOM   77   O O   . ASP A 1 16  ? -9.846  13.593  1.667   1.00 10.38  ? 37  ASP A O   1 
ATOM   78   C CB  . ASP A 1 16  ? -9.384  15.910  3.877   1.00 10.20  ? 37  ASP A CB  1 
ATOM   79   C CG  . ASP A 1 16  ? -8.875  17.087  3.112   1.00 10.42  ? 37  ASP A CG  1 
ATOM   80   O OD1 . ASP A 1 16  ? -7.666  17.351  3.210   1.00 9.51   ? 37  ASP A OD1 1 
ATOM   81   O OD2 . ASP A 1 16  ? -9.687  17.779  2.433   1.00 11.27  ? 37  ASP A OD2 1 
ATOM   82   N N   . LYS A 1 17  ? -7.943  14.718  1.182   1.00 9.70   ? 38  LYS A N   1 
ATOM   83   C CA  . LYS A 1 17  ? -8.008  14.431  -0.251  1.00 10.27  ? 38  LYS A CA  1 
ATOM   84   C C   . LYS A 1 17  ? -7.561  13.021  -0.611  1.00 9.64   ? 38  LYS A C   1 
ATOM   85   O O   . LYS A 1 17  ? -7.792  12.577  -1.740  1.00 9.14   ? 38  LYS A O   1 
ATOM   86   C CB  . LYS A 1 17  ? -7.166  15.428  -1.046  1.00 11.71  ? 38  LYS A CB  1 
ATOM   87   C CG  . LYS A 1 17  ? -7.639  16.864  -0.832  1.00 13.71  ? 38  LYS A CG  1 
ATOM   88   C CD  . LYS A 1 17  ? -6.648  17.878  -1.388  1.00 17.05  ? 38  LYS A CD  1 
ATOM   89   C CE  . LYS A 1 17  ? -6.776  18.028  -2.854  1.00 20.01  ? 38  LYS A CE  1 
ATOM   90   N NZ  . LYS A 1 17  ? -5.671  18.900  -3.364  1.00 23.13  ? 38  LYS A NZ  1 
ATOM   91   N N   . PHE A 1 18  ? -6.924  12.347  0.338   1.00 9.27   ? 39  PHE A N   1 
ATOM   92   C CA  . PHE A 1 18  ? -6.425  10.969  0.184   1.00 9.25   ? 39  PHE A CA  1 
ATOM   93   C C   . PHE A 1 18  ? -7.532  9.950   0.564   1.00 9.20   ? 39  PHE A C   1 
ATOM   94   O O   . PHE A 1 18  ? -7.412  8.751   0.306   1.00 7.84   ? 39  PHE A O   1 
ATOM   95   C CB  . PHE A 1 18  ? -5.193  10.785  1.070   1.00 9.62   ? 39  PHE A CB  1 
ATOM   96   C CG  . PHE A 1 18  ? -4.481  9.476   0.881   1.00 9.65   ? 39  PHE A CG  1 
ATOM   97   C CD1 . PHE A 1 18  ? -3.842  9.182   -0.303  1.00 10.23  ? 39  PHE A CD1 1 
ATOM   98   C CD2 . PHE A 1 18  ? -4.512  8.529   1.873   1.00 9.84   ? 39  PHE A CD2 1 
ATOM   99   C CE1 . PHE A 1 18  ? -3.205  7.965   -0.468  1.00 10.31  ? 39  PHE A CE1 1 
ATOM   100  C CE2 . PHE A 1 18  ? -3.894  7.305   1.729   1.00 10.38  ? 39  PHE A CE2 1 
ATOM   101  C CZ  . PHE A 1 18  ? -3.246  7.014   0.545   1.00 10.76  ? 39  PHE A CZ  1 
ATOM   102  N N   . LEU A 1 19  ? -8.637  10.446  1.129   1.00 9.20   ? 40  LEU A N   1 
ATOM   103  C CA  . LEU A 1 19  ? -9.698  9.528   1.566   1.00 9.98   ? 40  LEU A CA  1 
ATOM   104  C C   . LEU A 1 19  ? -10.445 8.897   0.411   1.00 10.02  ? 40  LEU A C   1 
ATOM   105  O O   . LEU A 1 19  ? -10.421 9.379   -0.719  1.00 9.95   ? 40  LEU A O   1 
ATOM   106  C CB  . LEU A 1 19  ? -10.667 10.245  2.512   1.00 10.02  ? 40  LEU A CB  1 
ATOM   107  C CG  . LEU A 1 19  ? -10.084 11.023  3.678   1.00 10.02  ? 40  LEU A CG  1 
ATOM   108  C CD1 . LEU A 1 19  ? -11.250 11.693  4.406   1.00 10.35  ? 40  LEU A CD1 1 
ATOM   109  C CD2 . LEU A 1 19  ? -9.291  10.193  4.622   1.00 10.74  ? 40  LEU A CD2 1 
ATOM   110  N N   . GLY A 1 20  ? -11.120 7.788   0.697   1.00 10.69  ? 41  GLY A N   1 
ATOM   111  C CA  . GLY A 1 20  ? -12.075 7.224   -0.219  1.00 9.83   ? 41  GLY A CA  1 
ATOM   112  C C   . GLY A 1 20  ? -11.544 5.935   -0.810  1.00 10.20  ? 41  GLY A C   1 
ATOM   113  O O   . GLY A 1 20  ? -10.696 5.276   -0.228  1.00 10.03  ? 41  GLY A O   1 
ATOM   114  N N   . ARG A 1 21  ? -12.033 5.635   -1.997  1.00 10.87  ? 42  ARG A N   1 
ATOM   115  C CA  . ARG A 1 21  ? -11.871 4.332   -2.623  1.00 12.00  ? 42  ARG A CA  1 
ATOM   116  C C   . ARG A 1 21  ? -10.598 4.318   -3.455  1.00 11.22  ? 42  ARG A C   1 
ATOM   117  O O   . ARG A 1 21  ? -10.388 5.201   -4.272  1.00 9.78   ? 42  ARG A O   1 
ATOM   118  C CB  . ARG A 1 21  ? -13.053 4.064   -3.535  1.00 14.43  ? 42  ARG A CB  1 
ATOM   119  C CG  . ARG A 1 21  ? -12.989 2.683   -4.136  1.00 17.77  ? 42  ARG A CG  1 
ATOM   120  C CD  . ARG A 1 21  ? -14.247 2.376   -4.910  1.00 21.04  ? 42  ARG A CD  1 
ATOM   121  N NE  . ARG A 1 21  ? -14.397 3.304   -6.018  1.00 23.15  ? 42  ARG A NE  1 
ATOM   122  C CZ  . ARG A 1 21  ? -15.477 3.371   -6.785  1.00 25.85  ? 42  ARG A CZ  1 
ATOM   123  N NH1 . ARG A 1 21  ? -16.497 2.566   -6.534  1.00 27.85  ? 42  ARG A NH1 1 
ATOM   124  N NH2 . ARG A 1 21  ? -15.537 4.244   -7.794  1.00 24.90  ? 42  ARG A NH2 1 
ATOM   125  N N   . TRP A 1 22  ? -9.738  3.359   -3.174  1.00 10.25  ? 43  TRP A N   1 
ATOM   126  C CA  . TRP A 1 22  ? -8.550  3.098   -3.968  1.00 10.35  ? 43  TRP A CA  1 
ATOM   127  C C   . TRP A 1 22  ? -8.508  1.625   -4.362  1.00 11.01  ? 43  TRP A C   1 
ATOM   128  O O   . TRP A 1 22  ? -9.162  0.790   -3.730  1.00 11.09  ? 43  TRP A O   1 
ATOM   129  C CB  . TRP A 1 22  ? -7.328  3.391   -3.153  1.00 10.12  ? 43  TRP A CB  1 
ATOM   130  C CG  . TRP A 1 22  ? -7.081  4.850   -2.794  1.00 9.69   ? 43  TRP A CG  1 
ATOM   131  C CD1 . TRP A 1 22  ? -7.389  5.481   -1.638  1.00 9.70   ? 43  TRP A CD1 1 
ATOM   132  C CD2 . TRP A 1 22  ? -6.360  5.801   -3.596  1.00 9.64   ? 43  TRP A CD2 1 
ATOM   133  N NE1 . TRP A 1 22  ? -6.928  6.785   -1.665  1.00 9.27   ? 43  TRP A NE1 1 
ATOM   134  C CE2 . TRP A 1 22  ? -6.286  7.006   -2.853  1.00 9.78   ? 43  TRP A CE2 1 
ATOM   135  C CE3 . TRP A 1 22  ? -5.765  5.741   -4.857  1.00 9.71   ? 43  TRP A CE3 1 
ATOM   136  C CZ2 . TRP A 1 22  ? -5.672  8.157   -3.354  1.00 9.89   ? 43  TRP A CZ2 1 
ATOM   137  C CZ3 . TRP A 1 22  ? -5.138  6.887   -5.360  1.00 9.81   ? 43  TRP A CZ3 1 
ATOM   138  C CH2 . TRP A 1 22  ? -5.088  8.065   -4.600  1.00 10.21  ? 43  TRP A CH2 1 
ATOM   139  N N   . PHE A 1 23  ? -7.693  1.328   -5.372  1.00 11.13  ? 44  PHE A N   1 
ATOM   140  C CA  . PHE A 1 23  ? -7.429  -0.042  -5.772  1.00 12.40  ? 44  PHE A CA  1 
ATOM   141  C C   . PHE A 1 23  ? -5.955  -0.374  -5.649  1.00 13.35  ? 44  PHE A C   1 
ATOM   142  O O   . PHE A 1 23  ? -5.097  0.377   -6.137  1.00 12.87  ? 44  PHE A O   1 
ATOM   143  C CB  . PHE A 1 23  ? -7.922  -0.250  -7.181  1.00 12.69  ? 44  PHE A CB  1 
ATOM   144  C CG  . PHE A 1 23  ? -9.403  -0.079  -7.295  1.00 13.58  ? 44  PHE A CG  1 
ATOM   145  C CD1 . PHE A 1 23  ? -10.253 -1.099  -6.866  1.00 14.67  ? 44  PHE A CD1 1 
ATOM   146  C CD2 . PHE A 1 23  ? -9.947  1.122   -7.738  1.00 13.85  ? 44  PHE A CD2 1 
ATOM   147  C CE1 . PHE A 1 23  ? -11.640 -0.932  -6.902  1.00 15.24  ? 44  PHE A CE1 1 
ATOM   148  C CE2 . PHE A 1 23  ? -11.321 1.304   -7.780  1.00 15.56  ? 44  PHE A CE2 1 
ATOM   149  C CZ  . PHE A 1 23  ? -12.175 0.269   -7.371  1.00 15.50  ? 44  PHE A CZ  1 
ATOM   150  N N   . SER A 1 24  ? -5.659  -1.458  -4.951  1.00 14.05  ? 45  SER A N   1 
ATOM   151  C CA  A SER A 1 24  ? -4.289  -1.932  -4.858  0.50 14.73  ? 45  SER A CA  1 
ATOM   152  C CA  B SER A 1 24  ? -4.305  -1.981  -4.863  0.50 15.00  ? 45  SER A CA  1 
ATOM   153  C C   . SER A 1 24  ? -3.921  -2.542  -6.227  1.00 15.62  ? 45  SER A C   1 
ATOM   154  O O   . SER A 1 24  ? -4.333  -3.664  -6.576  1.00 18.66  ? 45  SER A O   1 
ATOM   155  C CB  A SER A 1 24  ? -4.139  -2.905  -3.688  0.50 15.79  ? 45  SER A CB  1 
ATOM   156  C CB  B SER A 1 24  ? -4.256  -3.100  -3.836  0.50 16.49  ? 45  SER A CB  1 
ATOM   157  O OG  A SER A 1 24  ? -2.784  -3.122  -3.342  0.50 16.01  ? 45  SER A OG  1 
ATOM   158  O OG  B SER A 1 24  ? -5.123  -4.164  -4.236  0.50 17.32  ? 45  SER A OG  1 
ATOM   159  N N   . ALA A 1 25  ? -3.136  -1.792  -7.006  1.00 13.72  ? 46  ALA A N   1 
ATOM   160  C CA  . ALA A 1 25  ? -2.849  -2.133  -8.406  1.00 13.26  ? 46  ALA A CA  1 
ATOM   161  C C   . ALA A 1 25  ? -1.434  -2.727  -8.697  1.00 14.08  ? 46  ALA A C   1 
ATOM   162  O O   . ALA A 1 25  ? -1.181  -3.317  -9.765  1.00 14.65  ? 46  ALA A O   1 
ATOM   163  C CB  . ALA A 1 25  ? -3.093  -0.893  -9.252  1.00 13.54  ? 46  ALA A CB  1 
ATOM   164  N N   . GLY A 1 26  ? -0.526  -2.560  -7.770  1.00 12.95  ? 47  GLY A N   1 
ATOM   165  C CA  . GLY A 1 26  ? 0.785   -3.133  -7.891  1.00 13.42  ? 47  GLY A CA  1 
ATOM   166  C C   . GLY A 1 26  ? 1.501   -3.175  -6.582  1.00 12.95  ? 47  GLY A C   1 
ATOM   167  O O   . GLY A 1 26  ? 1.197   -2.419  -5.641  1.00 12.75  ? 47  GLY A O   1 
ATOM   168  N N   . LEU A 1 27  ? 2.486   -4.057  -6.514  1.00 14.49  ? 48  LEU A N   1 
ATOM   169  C CA  . LEU A 1 27  ? 3.373   -4.068  -5.389  1.00 15.32  ? 48  LEU A CA  1 
ATOM   170  C C   . LEU A 1 27  ? 4.732   -4.614  -5.760  1.00 13.96  ? 48  LEU A C   1 
ATOM   171  O O   . LEU A 1 27  ? 4.883   -5.305  -6.765  1.00 14.12  ? 48  LEU A O   1 
ATOM   172  C CB  . LEU A 1 27  ? 2.756   -4.893  -4.244  1.00 17.75  ? 48  LEU A CB  1 
ATOM   173  C CG  . LEU A 1 27  ? 2.373   -6.334  -4.499  1.00 20.54  ? 48  LEU A CG  1 
ATOM   174  C CD1 . LEU A 1 27  ? 3.538   -7.236  -4.182  1.00 23.25  ? 48  LEU A CD1 1 
ATOM   175  C CD2 . LEU A 1 27  ? 1.159   -6.749  -3.663  1.00 23.54  ? 48  LEU A CD2 1 
ATOM   176  N N   . ALA A 1 28  ? 5.693   -4.320  -4.905  1.00 13.11  ? 49  ALA A N   1 
ATOM   177  C CA  . ALA A 1 28  ? 7.002   -4.946  -4.976  1.00 13.72  ? 49  ALA A CA  1 
ATOM   178  C C   . ALA A 1 28  ? 7.482   -5.129  -3.545  1.00 15.88  ? 49  ALA A C   1 
ATOM   179  O O   . ALA A 1 28  ? 7.282   -4.258  -2.689  1.00 14.90  ? 49  ALA A O   1 
ATOM   180  C CB  . ALA A 1 28  ? 7.966   -4.089  -5.739  1.00 13.19  ? 49  ALA A CB  1 
ATOM   181  N N   . SER A 1 29  ? 8.066   -6.288  -3.258  1.00 20.49  ? 50  SER A N   1 
ATOM   182  C CA  . SER A 1 29  ? 8.587   -6.521  -1.926  1.00 22.81  ? 50  SER A CA  1 
ATOM   183  C C   . SER A 1 29  ? 9.829   -7.380  -1.982  1.00 26.39  ? 50  SER A C   1 
ATOM   184  O O   . SER A 1 29  ? 10.103  -8.017  -3.000  1.00 24.37  ? 50  SER A O   1 
ATOM   185  C CB  . SER A 1 29  ? 7.528   -7.194  -1.059  1.00 27.09  ? 50  SER A CB  1 
ATOM   186  O OG  . SER A 1 29  ? 8.093   -7.660  0.154   1.00 31.93  ? 50  SER A OG  1 
ATOM   187  N N   . ASN A 1 30  ? 10.564  -7.367  -0.867  1.00 28.38  ? 51  ASN A N   1 
ATOM   188  C CA  . ASN A 1 30  ? 11.736  -8.223  -0.662  1.00 31.45  ? 51  ASN A CA  1 
ATOM   189  C C   . ASN A 1 30  ? 11.372  -9.514  0.059   1.00 34.78  ? 51  ASN A C   1 
ATOM   190  O O   . ASN A 1 30  ? 12.257  -10.247 0.463   1.00 36.73  ? 51  ASN A O   1 
ATOM   191  C CB  . ASN A 1 30  ? 12.838  -7.474  0.113   1.00 28.39  ? 51  ASN A CB  1 
ATOM   192  C CG  . ASN A 1 30  ? 12.441  -7.111  1.554   1.00 27.39  ? 51  ASN A CG  1 
ATOM   193  O OD1 . ASN A 1 30  ? 11.277  -7.215  1.970   1.00 24.59  ? 51  ASN A OD1 1 
ATOM   194  N ND2 . ASN A 1 30  ? 13.427  -6.670  2.317   1.00 27.05  ? 51  ASN A ND2 1 
ATOM   195  N N   . SER A 1 31  ? 10.077  -9.775  0.224   1.00 36.79  ? 52  SER A N   1 
ATOM   196  C CA  . SER A 1 31  ? 9.586   -10.995 0.858   1.00 43.64  ? 52  SER A CA  1 
ATOM   197  C C   . SER A 1 31  ? 9.774   -12.147 -0.126  1.00 47.84  ? 52  SER A C   1 
ATOM   198  O O   . SER A 1 31  ? 9.238   -12.098 -1.235  1.00 51.45  ? 52  SER A O   1 
ATOM   199  C CB  . SER A 1 31  ? 8.105   -10.836 1.213   1.00 44.96  ? 52  SER A CB  1 
ATOM   200  O OG  . SER A 1 31  ? 7.668   -11.817 2.133   1.00 45.99  ? 52  SER A OG  1 
ATOM   201  N N   . SER A 1 32  ? 10.560  -13.156 0.254   1.00 51.11  ? 53  SER A N   1 
ATOM   202  C CA  . SER A 1 32  ? 10.723  -14.350 -0.579  1.00 54.63  ? 53  SER A CA  1 
ATOM   203  C C   . SER A 1 32  ? 9.338   -14.834 -0.997  1.00 58.48  ? 53  SER A C   1 
ATOM   204  O O   . SER A 1 32  ? 9.094   -15.133 -2.165  1.00 56.29  ? 53  SER A O   1 
ATOM   205  C CB  . SER A 1 32  ? 11.472  -15.460 0.176   1.00 55.76  ? 53  SER A CB  1 
ATOM   206  O OG  . SER A 1 32  ? 10.711  -15.954 1.266   1.00 57.28  ? 53  SER A OG  1 
ATOM   207  N N   . TRP A 1 33  ? 8.431   -14.860 -0.026  1.00 63.80  ? 54  TRP A N   1 
ATOM   208  C CA  . TRP A 1 33  ? 7.043   -15.238 -0.234  1.00 67.54  ? 54  TRP A CA  1 
ATOM   209  C C   . TRP A 1 33  ? 6.374   -14.609 -1.460  1.00 70.89  ? 54  TRP A C   1 
ATOM   210  O O   . TRP A 1 33  ? 5.574   -15.261 -2.129  1.00 71.64  ? 54  TRP A O   1 
ATOM   211  C CB  . TRP A 1 33  ? 6.235   -14.880 1.006   1.00 71.37  ? 54  TRP A CB  1 
ATOM   212  C CG  . TRP A 1 33  ? 4.870   -15.381 0.913   1.00 77.79  ? 54  TRP A CG  1 
ATOM   213  C CD1 . TRP A 1 33  ? 4.467   -16.655 1.125   1.00 81.21  ? 54  TRP A CD1 1 
ATOM   214  C CD2 . TRP A 1 33  ? 3.708   -14.642 0.526   1.00 82.38  ? 54  TRP A CD2 1 
ATOM   215  N NE1 . TRP A 1 33  ? 3.119   -16.763 0.912   1.00 86.64  ? 54  TRP A NE1 1 
ATOM   216  C CE2 . TRP A 1 33  ? 2.625   -15.539 0.544   1.00 85.72  ? 54  TRP A CE2 1 
ATOM   217  C CE3 . TRP A 1 33  ? 3.476   -13.306 0.174   1.00 84.87  ? 54  TRP A CE3 1 
ATOM   218  C CZ2 . TRP A 1 33  ? 1.319   -15.147 0.223   1.00 88.41  ? 54  TRP A CZ2 1 
ATOM   219  C CZ3 . TRP A 1 33  ? 2.177   -12.915 -0.143  1.00 87.43  ? 54  TRP A CZ3 1 
ATOM   220  C CH2 . TRP A 1 33  ? 1.115   -13.834 -0.113  1.00 87.67  ? 54  TRP A CH2 1 
ATOM   221  N N   . LEU A 1 34  ? 6.671   -13.342 -1.735  1.00 73.40  ? 55  LEU A N   1 
ATOM   222  C CA  . LEU A 1 34  ? 6.124   -12.678 -2.915  1.00 75.97  ? 55  LEU A CA  1 
ATOM   223  C C   . LEU A 1 34  ? 6.774   -13.212 -4.180  1.00 83.07  ? 55  LEU A C   1 
ATOM   224  O O   . LEU A 1 34  ? 6.080   -13.598 -5.120  1.00 84.27  ? 55  LEU A O   1 
ATOM   225  C CB  . LEU A 1 34  ? 6.329   -11.167 -2.852  1.00 74.06  ? 55  LEU A CB  1 
ATOM   226  C CG  . LEU A 1 34  ? 5.887   -10.436 -4.126  1.00 70.93  ? 55  LEU A CG  1 
ATOM   227  C CD1 . LEU A 1 34  ? 4.386   -10.568 -4.324  1.00 69.16  ? 55  LEU A CD1 1 
ATOM   228  C CD2 . LEU A 1 34  ? 6.298   -8.981  -4.067  1.00 69.25  ? 55  LEU A CD2 1 
ATOM   229  N N   . ARG A 1 35  ? 8.108   -13.229 -4.195  1.00 91.27  ? 56  ARG A N   1 
ATOM   230  C CA  . ARG A 1 35  ? 8.874   -13.745 -5.338  1.00 97.83  ? 56  ARG A CA  1 
ATOM   231  C C   . ARG A 1 35  ? 8.375   -15.133 -5.789  1.00 100.05 ? 56  ARG A C   1 
ATOM   232  O O   . ARG A 1 35  ? 8.583   -15.520 -6.941  1.00 105.80 ? 56  ARG A O   1 
ATOM   233  C CB  . ARG A 1 35  ? 10.381  -13.799 -5.015  1.00 101.57 ? 56  ARG A CB  1 
ATOM   234  C CG  . ARG A 1 35  ? 11.035  -12.445 -4.740  1.00 104.10 ? 56  ARG A CG  1 
ATOM   235  C CD  . ARG A 1 35  ? 12.478  -12.597 -4.266  1.00 106.74 ? 56  ARG A CD  1 
ATOM   236  N NE  . ARG A 1 35  ? 13.073  -11.315 -3.878  1.00 109.83 ? 56  ARG A NE  1 
ATOM   237  C CZ  . ARG A 1 35  ? 14.329  -11.150 -3.455  1.00 110.93 ? 56  ARG A CZ  1 
ATOM   238  N NH1 . ARG A 1 35  ? 15.156  -12.187 -3.352  1.00 109.28 ? 56  ARG A NH1 1 
ATOM   239  N NH2 . ARG A 1 35  ? 14.762  -9.934  -3.131  1.00 111.10 ? 56  ARG A NH2 1 
ATOM   240  N N   . GLU A 1 36  ? 7.715   -15.864 -4.883  1.00 96.67  ? 57  GLU A N   1 
ATOM   241  C CA  . GLU A 1 36  ? 7.083   -17.147 -5.199  1.00 94.53  ? 57  GLU A CA  1 
ATOM   242  C C   . GLU A 1 36  ? 5.582   -16.952 -5.447  1.00 92.40  ? 57  GLU A C   1 
ATOM   243  O O   . GLU A 1 36  ? 5.099   -17.172 -6.559  1.00 95.13  ? 57  GLU A O   1 
ATOM   244  C CB  . GLU A 1 36  ? 7.282   -18.170 -4.065  1.00 94.38  ? 57  GLU A CB  1 
ATOM   245  C CG  . GLU A 1 36  ? 8.658   -18.169 -3.399  1.00 93.79  ? 57  GLU A CG  1 
ATOM   246  C CD  . GLU A 1 36  ? 8.639   -18.733 -1.983  1.00 93.93  ? 57  GLU A CD  1 
ATOM   247  O OE1 . GLU A 1 36  ? 7.554   -19.119 -1.484  1.00 94.89  ? 57  GLU A OE1 1 
ATOM   248  O OE2 . GLU A 1 36  ? 9.720   -18.782 -1.356  1.00 91.62  ? 57  GLU A OE2 1 
ATOM   249  N N   . LYS A 1 37  ? 4.862   -16.533 -4.403  1.00 88.59  ? 58  LYS A N   1 
ATOM   250  C CA  . LYS A 1 37  ? 3.395   -16.437 -4.424  1.00 83.40  ? 58  LYS A CA  1 
ATOM   251  C C   . LYS A 1 37  ? 2.910   -15.062 -4.911  1.00 79.01  ? 58  LYS A C   1 
ATOM   252  O O   . LYS A 1 37  ? 2.342   -14.275 -4.134  1.00 86.25  ? 58  LYS A O   1 
ATOM   253  C CB  . LYS A 1 37  ? 2.836   -16.725 -3.020  1.00 83.54  ? 58  LYS A CB  1 
ATOM   254  C CG  . LYS A 1 37  ? 1.326   -16.932 -2.948  1.00 83.66  ? 58  LYS A CG  1 
ATOM   255  C CD  . LYS A 1 37  ? 0.942   -18.382 -3.185  1.00 81.85  ? 58  LYS A CD  1 
ATOM   256  C CE  . LYS A 1 37  ? -0.520  -18.625 -2.856  1.00 80.87  ? 58  LYS A CE  1 
ATOM   257  N NZ  . LYS A 1 37  ? -1.039  -19.820 -3.573  1.00 80.50  ? 58  LYS A NZ  1 
ATOM   258  N N   . LYS A 1 38  ? 3.145   -14.778 -6.195  1.00 68.81  ? 59  LYS A N   1 
ATOM   259  C CA  . LYS A 1 38  ? 2.619   -13.562 -6.833  1.00 62.27  ? 59  LYS A CA  1 
ATOM   260  C C   . LYS A 1 38  ? 1.554   -13.870 -7.893  1.00 55.48  ? 59  LYS A C   1 
ATOM   261  O O   . LYS A 1 38  ? 0.608   -13.091 -8.066  1.00 48.82  ? 59  LYS A O   1 
ATOM   262  C CB  . LYS A 1 38  ? 3.747   -12.695 -7.404  1.00 60.42  ? 59  LYS A CB  1 
ATOM   263  C CG  . LYS A 1 38  ? 4.570   -13.282 -8.539  1.00 60.58  ? 59  LYS A CG  1 
ATOM   264  C CD  . LYS A 1 38  ? 5.595   -12.245 -8.991  1.00 61.61  ? 59  LYS A CD  1 
ATOM   265  C CE  . LYS A 1 38  ? 6.372   -12.663 -10.229 1.00 62.26  ? 59  LYS A CE  1 
ATOM   266  N NZ  . LYS A 1 38  ? 7.517   -13.560 -9.916  1.00 63.66  ? 59  LYS A NZ  1 
ATOM   267  N N   . ALA A 1 39  ? 1.716   -15.009 -8.574  1.00 49.84  ? 60  ALA A N   1 
ATOM   268  C CA  . ALA A 1 39  ? 0.709   -15.578 -9.486  1.00 47.15  ? 60  ALA A CA  1 
ATOM   269  C C   . ALA A 1 39  ? -0.703  -15.663 -8.883  1.00 43.73  ? 60  ALA A C   1 
ATOM   270  O O   . ALA A 1 39  ? -1.697  -15.582 -9.609  1.00 40.94  ? 60  ALA A O   1 
ATOM   271  C CB  . ALA A 1 39  ? 1.155   -16.964 -9.942  1.00 47.44  ? 60  ALA A CB  1 
ATOM   272  N N   . ALA A 1 40  ? -0.786  -15.821 -7.561  1.00 40.18  ? 61  ALA A N   1 
ATOM   273  C CA  . ALA A 1 40  ? -2.076  -15.958 -6.870  1.00 38.93  ? 61  ALA A CA  1 
ATOM   274  C C   . ALA A 1 40  ? -2.710  -14.625 -6.435  1.00 37.26  ? 61  ALA A C   1 
ATOM   275  O O   . ALA A 1 40  ? -3.863  -14.607 -6.029  1.00 39.74  ? 61  ALA A O   1 
ATOM   276  C CB  . ALA A 1 40  ? -1.908  -16.864 -5.660  1.00 40.86  ? 61  ALA A CB  1 
ATOM   277  N N   . LEU A 1 41  ? -1.975  -13.518 -6.528  1.00 35.37  ? 62  LEU A N   1 
ATOM   278  C CA  . LEU A 1 41  ? -2.447  -12.216 -5.986  1.00 32.63  ? 62  LEU A CA  1 
ATOM   279  C C   . LEU A 1 41  ? -3.326  -11.460 -6.980  1.00 30.81  ? 62  LEU A C   1 
ATOM   280  O O   . LEU A 1 41  ? -3.047  -11.458 -8.189  1.00 28.31  ? 62  LEU A O   1 
ATOM   281  C CB  . LEU A 1 41  ? -1.267  -11.336 -5.615  1.00 31.75  ? 62  LEU A CB  1 
ATOM   282  C CG  . LEU A 1 41  ? -0.209  -11.962 -4.730  1.00 34.95  ? 62  LEU A CG  1 
ATOM   283  C CD1 . LEU A 1 41  ? 0.993   -11.033 -4.665  1.00 36.54  ? 62  LEU A CD1 1 
ATOM   284  C CD2 . LEU A 1 41  ? -0.745  -12.245 -3.335  1.00 33.93  ? 62  LEU A CD2 1 
ATOM   285  N N   . SER A 1 42  ? -4.387  -10.837 -6.467  1.00 27.52  ? 63  SER A N   1 
ATOM   286  C CA  . SER A 1 42  ? -5.358  -10.115 -7.273  1.00 26.94  ? 63  SER A CA  1 
ATOM   287  C C   . SER A 1 42  ? -5.473  -8.677  -6.765  1.00 23.43  ? 63  SER A C   1 
ATOM   288  O O   . SER A 1 42  ? -5.101  -8.378  -5.629  1.00 22.56  ? 63  SER A O   1 
ATOM   289  C CB  . SER A 1 42  ? -6.743  -10.788 -7.203  1.00 29.97  ? 63  SER A CB  1 
ATOM   290  O OG  . SER A 1 42  ? -6.748  -12.027 -7.906  1.00 35.72  ? 63  SER A OG  1 
ATOM   291  N N   . MET A 1 43  ? -5.969  -7.796  -7.618  1.00 20.53  ? 64  MET A N   1 
ATOM   292  C CA  . MET A 1 43  ? -6.251  -6.426  -7.216  1.00 20.85  ? 64  MET A CA  1 
ATOM   293  C C   . MET A 1 43  ? -7.329  -6.461  -6.139  1.00 20.48  ? 64  MET A C   1 
ATOM   294  O O   . MET A 1 43  ? -8.296  -7.181  -6.291  1.00 20.11  ? 64  MET A O   1 
ATOM   295  C CB  . MET A 1 43  ? -6.743  -5.627  -8.425  1.00 21.45  ? 64  MET A CB  1 
ATOM   296  C CG  . MET A 1 43  ? -7.301  -4.245  -8.123  1.00 21.14  ? 64  MET A CG  1 
ATOM   297  S SD  . MET A 1 43  ? -7.739  -3.401  -9.658  1.00 22.51  ? 64  MET A SD  1 
ATOM   298  C CE  . MET A 1 43  ? -6.106  -3.047  -10.294 1.00 22.47  ? 64  MET A CE  1 
ATOM   299  N N   . CYS A 1 44  ? -7.144  -5.674  -5.085  1.00 21.16  ? 65  CYS A N   1 
ATOM   300  C CA  A CYS A 1 44  ? -8.083  -5.507  -3.974  0.50 21.46  ? 65  CYS A CA  1 
ATOM   301  C CA  B CYS A 1 44  ? -8.180  -5.515  -4.081  0.50 21.24  ? 65  CYS A CA  1 
ATOM   302  C C   . CYS A 1 44  ? -8.573  -4.054  -3.954  1.00 20.49  ? 65  CYS A C   1 
ATOM   303  O O   . CYS A 1 44  ? -7.814  -3.148  -4.312  1.00 18.59  ? 65  CYS A O   1 
ATOM   304  C CB  A CYS A 1 44  ? -7.373  -5.758  -2.631  0.50 23.20  ? 65  CYS A CB  1 
ATOM   305  C CB  B CYS A 1 44  ? -7.724  -6.072  -2.739  0.50 22.75  ? 65  CYS A CB  1 
ATOM   306  S SG  A CYS A 1 44  ? -6.704  -7.414  -2.300  0.50 25.81  ? 65  CYS A SG  1 
ATOM   307  S SG  B CYS A 1 44  ? -6.400  -5.149  -1.935  0.50 24.34  ? 65  CYS A SG  1 
ATOM   308  N N   . LYS A 1 45  ? -9.799  -3.839  -3.480  1.00 20.29  ? 66  LYS A N   1 
ATOM   309  C CA  . LYS A 1 45  ? -10.281 -2.507  -3.166  1.00 19.73  ? 66  LYS A CA  1 
ATOM   310  C C   . LYS A 1 45  ? -9.898  -2.165  -1.742  1.00 18.31  ? 66  LYS A C   1 
ATOM   311  O O   . LYS A 1 45  ? -9.930  -3.009  -0.829  1.00 17.11  ? 66  LYS A O   1 
ATOM   312  C CB  . LYS A 1 45  ? -11.801 -2.430  -3.322  1.00 21.66  ? 66  LYS A CB  1 
ATOM   313  C CG  . LYS A 1 45  ? -12.392 -1.103  -2.872  1.00 22.96  ? 66  LYS A CG  1 
ATOM   314  C CD  . LYS A 1 45  ? -13.869 -1.029  -3.223  1.00 25.63  ? 66  LYS A CD  1 
ATOM   315  C CE  . LYS A 1 45  ? -14.737 -1.793  -2.242  1.00 26.91  ? 66  LYS A CE  1 
ATOM   316  N NZ  . LYS A 1 45  ? -16.141 -1.739  -2.718  1.00 29.56  ? 66  LYS A NZ  1 
ATOM   317  N N   . SER A 1 46  ? -9.496  -0.913  -1.545  1.00 18.22  ? 67  SER A N   1 
ATOM   318  C CA  . SER A 1 46  ? -9.138  -0.415  -0.232  1.00 17.97  ? 67  SER A CA  1 
ATOM   319  C C   . SER A 1 46  ? -9.824  0.902   -0.001  1.00 17.75  ? 67  SER A C   1 
ATOM   320  O O   . SER A 1 46  ? -9.683  1.815   -0.814  1.00 18.84  ? 67  SER A O   1 
ATOM   321  C CB  . SER A 1 46  ? -7.628  -0.273  -0.110  1.00 20.02  ? 67  SER A CB  1 
ATOM   322  O OG  . SER A 1 46  ? -7.028  -1.553  0.033   1.00 23.51  ? 67  SER A OG  1 
ATOM   323  N N   . VAL A 1 47  ? -10.574 1.011   1.095   1.00 16.10  ? 68  VAL A N   1 
ATOM   324  C CA  . VAL A 1 47  ? -11.274 2.242   1.421   1.00 14.81  ? 68  VAL A CA  1 
ATOM   325  C C   . VAL A 1 47  ? -10.549 2.915   2.577   1.00 14.31  ? 68  VAL A C   1 
ATOM   326  O O   . VAL A 1 47  ? -10.276 2.292   3.597   1.00 14.54  ? 68  VAL A O   1 
ATOM   327  C CB  . VAL A 1 47  ? -12.756 1.981   1.724   1.00 15.00  ? 68  VAL A CB  1 
ATOM   328  C CG1 . VAL A 1 47  ? -13.478 3.259   2.148   1.00 15.62  ? 68  VAL A CG1 1 
ATOM   329  C CG2 . VAL A 1 47  ? -13.407 1.385   0.506   1.00 16.00  ? 68  VAL A CG2 1 
ATOM   330  N N   . VAL A 1 48  ? -10.194 4.180   2.377   1.00 13.05  ? 69  VAL A N   1 
ATOM   331  C CA  . VAL A 1 48  ? -9.445  4.948   3.353   1.00 12.78  ? 69  VAL A CA  1 
ATOM   332  C C   . VAL A 1 48  ? -10.367 5.951   4.038   1.00 12.76  ? 69  VAL A C   1 
ATOM   333  O O   . VAL A 1 48  ? -10.988 6.794   3.380   1.00 12.20  ? 69  VAL A O   1 
ATOM   334  C CB  . VAL A 1 48  ? -8.330  5.754   2.653   1.00 12.18  ? 69  VAL A CB  1 
ATOM   335  C CG1 . VAL A 1 48  ? -7.625  6.660   3.632   1.00 11.90  ? 69  VAL A CG1 1 
ATOM   336  C CG2 . VAL A 1 48  ? -7.354  4.851   1.911   1.00 12.74  ? 69  VAL A CG2 1 
ATOM   337  N N   . ALA A 1 49  ? -10.435 5.882   5.353   1.00 13.39  ? 70  ALA A N   1 
ATOM   338  C CA  . ALA A 1 49  ? -11.293 6.776   6.133   1.00 13.75  ? 70  ALA A CA  1 
ATOM   339  C C   . ALA A 1 49  ? -10.516 7.255   7.344   1.00 14.42  ? 70  ALA A C   1 
ATOM   340  O O   . ALA A 1 49  ? -9.598  6.579   7.762   1.00 13.11  ? 70  ALA A O   1 
ATOM   341  C CB  . ALA A 1 49  ? -12.556 6.030   6.541   1.00 14.56  ? 70  ALA A CB  1 
ATOM   342  N N   . PRO A 1 50  ? -10.837 8.441   7.899   1.00 16.09  ? 71  PRO A N   1 
ATOM   343  C CA  . PRO A 1 50  ? -10.082 8.921   9.055   1.00 16.95  ? 71  PRO A CA  1 
ATOM   344  C C   . PRO A 1 50  ? -10.358 8.080   10.294  1.00 17.50  ? 71  PRO A C   1 
ATOM   345  O O   . PRO A 1 50  ? -11.479 7.612   10.462  1.00 17.52  ? 71  PRO A O   1 
ATOM   346  C CB  . PRO A 1 50  ? -10.629 10.352  9.267   1.00 18.33  ? 71  PRO A CB  1 
ATOM   347  C CG  . PRO A 1 50  ? -11.362 10.685  8.026   1.00 18.23  ? 71  PRO A CG  1 
ATOM   348  C CD  . PRO A 1 50  ? -11.892 9.390   7.512   1.00 17.87  ? 71  PRO A CD  1 
ATOM   349  N N   . ALA A 1 51  ? -9.343  7.879   11.132  1.00 18.35  ? 72  ALA A N   1 
ATOM   350  C CA  . ALA A 1 51  ? -9.478  7.134   12.382  1.00 19.58  ? 72  ALA A CA  1 
ATOM   351  C C   . ALA A 1 51  ? -9.606  8.120   13.536  1.00 22.24  ? 72  ALA A C   1 
ATOM   352  O O   . ALA A 1 51  ? -9.285  9.301   13.401  1.00 21.93  ? 72  ALA A O   1 
ATOM   353  C CB  . ALA A 1 51  ? -8.273  6.223   12.600  1.00 19.73  ? 72  ALA A CB  1 
ATOM   354  N N   . THR A 1 52  ? -10.084 7.610   14.660  1.00 24.71  ? 73  THR A N   1 
ATOM   355  C CA  . THR A 1 52  ? -10.270 8.386   15.891  1.00 30.18  ? 73  THR A CA  1 
ATOM   356  C C   . THR A 1 52  ? -9.008  9.116   16.348  1.00 32.24  ? 73  THR A C   1 
ATOM   357  O O   . THR A 1 52  ? -9.093  10.238  16.835  1.00 36.00  ? 73  THR A O   1 
ATOM   358  C CB  . THR A 1 52  ? -10.793 7.438   16.988  1.00 33.20  ? 73  THR A CB  1 
ATOM   359  O OG1 . THR A 1 52  ? -12.167 7.122   16.696  1.00 33.48  ? 73  THR A OG1 1 
ATOM   360  C CG2 . THR A 1 52  ? -10.666 8.026   18.393  1.00 35.44  ? 73  THR A CG2 1 
ATOM   361  N N   . ASP A 1 53  ? -7.845  8.487   16.165  1.00 32.41  ? 74  ASP A N   1 
ATOM   362  C CA  . ASP A 1 53  ? -6.552  9.075   16.552  1.00 32.49  ? 74  ASP A CA  1 
ATOM   363  C C   . ASP A 1 53  ? -5.957  10.129  15.584  1.00 30.63  ? 74  ASP A C   1 
ATOM   364  O O   . ASP A 1 53  ? -4.842  10.623  15.813  1.00 29.51  ? 74  ASP A O   1 
ATOM   365  C CB  . ASP A 1 53  ? -5.531  7.940   16.754  1.00 33.94  ? 74  ASP A CB  1 
ATOM   366  C CG  . ASP A 1 53  ? -5.193  7.175   15.447  1.00 35.16  ? 74  ASP A CG  1 
ATOM   367  O OD1 . ASP A 1 53  ? -5.536  7.619   14.332  1.00 31.87  ? 74  ASP A OD1 1 
ATOM   368  O OD2 . ASP A 1 53  ? -4.555  6.113   15.552  1.00 38.35  ? 74  ASP A OD2 1 
ATOM   369  N N   . GLY A 1 54  ? -6.658  10.459  14.504  1.00 25.27  ? 75  GLY A N   1 
ATOM   370  C CA  . GLY A 1 54  ? -6.142  11.433  13.521  1.00 25.76  ? 75  GLY A CA  1 
ATOM   371  C C   . GLY A 1 54  ? -5.408  10.799  12.335  1.00 22.92  ? 75  GLY A C   1 
ATOM   372  O O   . GLY A 1 54  ? -5.075  11.484  11.377  1.00 25.28  ? 75  GLY A O   1 
ATOM   373  N N   . GLY A 1 55  ? -5.154  9.494   12.413  1.00 18.45  ? 76  GLY A N   1 
ATOM   374  C CA  . GLY A 1 55  ? -4.646  8.711   11.283  1.00 17.88  ? 76  GLY A CA  1 
ATOM   375  C C   . GLY A 1 55  ? -5.742  8.147   10.403  1.00 16.00  ? 76  GLY A C   1 
ATOM   376  O O   . GLY A 1 55  ? -6.800  8.786   10.187  1.00 15.33  ? 76  GLY A O   1 
ATOM   377  N N   . LEU A 1 56  ? -5.513  6.945   9.868   1.00 14.23  ? 77  LEU A N   1 
ATOM   378  C CA  . LEU A 1 56  ? -6.394  6.393   8.843   1.00 13.41  ? 77  LEU A CA  1 
ATOM   379  C C   . LEU A 1 56  ? -6.796  4.945   9.155   1.00 14.14  ? 77  LEU A C   1 
ATOM   380  O O   . LEU A 1 56  ? -5.972  4.161   9.609   1.00 13.99  ? 77  LEU A O   1 
ATOM   381  C CB  . LEU A 1 56  ? -5.675  6.412   7.498   1.00 12.86  ? 77  LEU A CB  1 
ATOM   382  C CG  . LEU A 1 56  ? -5.297  7.775   6.897   1.00 12.28  ? 77  LEU A CG  1 
ATOM   383  C CD1 . LEU A 1 56  ? -4.409  7.608   5.664   1.00 12.52  ? 77  LEU A CD1 1 
ATOM   384  C CD2 . LEU A 1 56  ? -6.556  8.555   6.545   1.00 12.65  ? 77  LEU A CD2 1 
ATOM   385  N N   . ASN A 1 57  ? -8.052  4.612   8.891   1.00 14.55  ? 78  ASN A N   1 
ATOM   386  C CA  . ASN A 1 57  ? -8.453  3.210   8.714   1.00 16.64  ? 78  ASN A CA  1 
ATOM   387  C C   . ASN A 1 57  ? -8.509  2.810   7.266   1.00 16.66  ? 78  ASN A C   1 
ATOM   388  O O   . ASN A 1 57  ? -9.229  3.420   6.469   1.00 15.97  ? 78  ASN A O   1 
ATOM   389  C CB  . ASN A 1 57  ? -9.810  2.942   9.341   1.00 18.79  ? 78  ASN A CB  1 
ATOM   390  C CG  . ASN A 1 57  ? -9.724  2.851   10.833  1.00 20.70  ? 78  ASN A CG  1 
ATOM   391  O OD1 . ASN A 1 57  ? -10.412 3.567   11.527  1.00 24.86  ? 78  ASN A OD1 1 
ATOM   392  N ND2 . ASN A 1 57  ? -8.852  1.976   11.329  1.00 21.01  ? 78  ASN A ND2 1 
ATOM   393  N N   . LEU A 1 58  ? -7.782  1.742   6.954   1.00 16.26  ? 79  LEU A N   1 
ATOM   394  C CA  A LEU A 1 58  ? -7.732  1.184   5.620   0.50 16.26  ? 79  LEU A CA  1 
ATOM   395  C CA  B LEU A 1 58  ? -7.742  1.177   5.617   0.50 16.75  ? 79  LEU A CA  1 
ATOM   396  C C   . LEU A 1 58  ? -8.561  -0.098  5.629   1.00 17.21  ? 79  LEU A C   1 
ATOM   397  O O   . LEU A 1 58  ? -8.182  -1.054  6.306   1.00 17.81  ? 79  LEU A O   1 
ATOM   398  C CB  A LEU A 1 58  ? -6.279  0.869   5.270   0.50 16.45  ? 79  LEU A CB  1 
ATOM   399  C CB  B LEU A 1 58  ? -6.308  0.834   5.226   0.50 17.53  ? 79  LEU A CB  1 
ATOM   400  C CG  A LEU A 1 58  ? -5.952  0.477   3.831   0.50 16.11  ? 79  LEU A CG  1 
ATOM   401  C CG  B LEU A 1 58  ? -5.356  2.019   5.129   0.50 18.09  ? 79  LEU A CG  1 
ATOM   402  C CD1 A LEU A 1 58  ? -6.045  1.699   2.936   0.50 16.72  ? 79  LEU A CD1 1 
ATOM   403  C CD1 B LEU A 1 58  ? -4.167  1.680   4.249   0.50 18.48  ? 79  LEU A CD1 1 
ATOM   404  C CD2 A LEU A 1 58  ? -4.571  -0.146  3.742   0.50 16.48  ? 79  LEU A CD2 1 
ATOM   405  C CD2 B LEU A 1 58  ? -6.104  3.190   4.554   0.50 17.99  ? 79  LEU A CD2 1 
ATOM   406  N N   . THR A 1 59  ? -9.683  -0.103  4.917   1.00 15.78  ? 80  THR A N   1 
ATOM   407  C CA  . THR A 1 59  ? -10.575 -1.270  4.883   1.00 17.06  ? 80  THR A CA  1 
ATOM   408  C C   . THR A 1 59  ? -10.428 -1.908  3.505   1.00 16.73  ? 80  THR A C   1 
ATOM   409  O O   . THR A 1 59  ? -10.767 -1.310  2.474   1.00 15.81  ? 80  THR A O   1 
ATOM   410  C CB  . THR A 1 59  ? -12.021 -0.882  5.182   1.00 17.75  ? 80  THR A CB  1 
ATOM   411  O OG1 . THR A 1 59  ? -12.086 -0.278  6.482   1.00 18.77  ? 80  THR A OG1 1 
ATOM   412  C CG2 . THR A 1 59  ? -12.967 -2.082  5.166   1.00 18.62  ? 80  THR A CG2 1 
ATOM   413  N N   . SER A 1 60  ? -9.855  -3.099  3.483   1.00 15.95  ? 81  SER A N   1 
ATOM   414  C CA  . SER A 1 60  ? -9.603  -3.798  2.228   1.00 17.28  ? 81  SER A CA  1 
ATOM   415  C C   . SER A 1 60  ? -10.534 -4.985  2.090   1.00 16.82  ? 81  SER A C   1 
ATOM   416  O O   . SER A 1 60  ? -10.852 -5.641  3.093   1.00 14.99  ? 81  SER A O   1 
ATOM   417  C CB  . SER A 1 60  ? -8.178  -4.284  2.169   1.00 19.49  ? 81  SER A CB  1 
ATOM   418  O OG  . SER A 1 60  ? -7.289  -3.185  2.080   1.00 26.22  ? 81  SER A OG  1 
ATOM   419  N N   . THR A 1 61  ? -10.966 -5.255  0.863   1.00 16.01  ? 82  THR A N   1 
ATOM   420  C CA  . THR A 1 61  ? -11.847 -6.399  0.605   1.00 16.21  ? 82  THR A CA  1 
ATOM   421  C C   . THR A 1 61  ? -11.220 -7.287  -0.463  1.00 16.42  ? 82  THR A C   1 
ATOM   422  O O   . THR A 1 61  ? -10.489 -6.795  -1.305  1.00 15.75  ? 82  THR A O   1 
ATOM   423  C CB  . THR A 1 61  ? -13.260 -5.912  0.215   1.00 17.09  ? 82  THR A CB  1 
ATOM   424  O OG1 . THR A 1 61  ? -13.175 -5.037  -0.902  1.00 19.87  ? 82  THR A OG1 1 
ATOM   425  C CG2 . THR A 1 61  ? -13.911 -5.120  1.361   1.00 17.79  ? 82  THR A CG2 1 
ATOM   426  N N   . PHE A 1 62  ? -11.436 -8.596  -0.376  1.00 15.51  ? 83  PHE A N   1 
ATOM   427  C CA  . PHE A 1 62  ? -11.016 -9.535  -1.407  1.00 15.67  ? 83  PHE A CA  1 
ATOM   428  C C   . PHE A 1 62  ? -12.030 -10.662 -1.522  1.00 16.50  ? 83  PHE A C   1 
ATOM   429  O O   . PHE A 1 62  ? -12.748 -10.929 -0.571  1.00 15.01  ? 83  PHE A O   1 
ATOM   430  C CB  . PHE A 1 62  ? -9.618  -10.102 -1.098  1.00 15.71  ? 83  PHE A CB  1 
ATOM   431  C CG  . PHE A 1 62  ? -9.526  -10.874 0.203   1.00 15.07  ? 83  PHE A CG  1 
ATOM   432  C CD1 . PHE A 1 62  ? -9.231  -10.218 1.395   1.00 15.46  ? 83  PHE A CD1 1 
ATOM   433  C CD2 . PHE A 1 62  ? -9.689  -12.257 0.229   1.00 15.45  ? 83  PHE A CD2 1 
ATOM   434  C CE1 . PHE A 1 62  ? -9.136  -10.926 2.585   1.00 14.65  ? 83  PHE A CE1 1 
ATOM   435  C CE2 . PHE A 1 62  ? -9.580  -12.955 1.414   1.00 15.39  ? 83  PHE A CE2 1 
ATOM   436  C CZ  . PHE A 1 62  ? -9.302  -12.284 2.583   1.00 14.88  ? 83  PHE A CZ  1 
ATOM   437  N N   . LEU A 1 63  ? -12.083 -11.339 -2.671  1.00 17.93  ? 84  LEU A N   1 
ATOM   438  C CA  . LEU A 1 63  ? -13.047 -12.434 -2.859  1.00 20.17  ? 84  LEU A CA  1 
ATOM   439  C C   . LEU A 1 63  ? -12.444 -13.775 -2.442  1.00 19.07  ? 84  LEU A C   1 
ATOM   440  O O   . LEU A 1 63  ? -11.321 -14.082 -2.780  1.00 20.90  ? 84  LEU A O   1 
ATOM   441  C CB  . LEU A 1 63  ? -13.528 -12.504 -4.332  1.00 23.62  ? 84  LEU A CB  1 
ATOM   442  C CG  . LEU A 1 63  ? -14.716 -13.446 -4.620  1.00 25.95  ? 84  LEU A CG  1 
ATOM   443  C CD1 . LEU A 1 63  ? -16.034 -12.799 -4.247  1.00 27.37  ? 84  LEU A CD1 1 
ATOM   444  C CD2 . LEU A 1 63  ? -14.772 -13.920 -6.076  1.00 28.76  ? 84  LEU A CD2 1 
ATOM   445  N N   . ARG A 1 64  ? -13.194 -14.564 -1.693  1.00 20.40  ? 85  ARG A N   1 
ATOM   446  C CA  . ARG A 1 64  ? -12.859 -15.961 -1.459  1.00 21.68  ? 85  ARG A CA  1 
ATOM   447  C C   . ARG A 1 64  ? -14.109 -16.780 -1.693  1.00 21.28  ? 85  ARG A C   1 
ATOM   448  O O   . ARG A 1 64  ? -15.136 -16.538 -1.064  1.00 20.88  ? 85  ARG A O   1 
ATOM   449  C CB  . ARG A 1 64  ? -12.335 -16.200 -0.033  1.00 23.85  ? 85  ARG A CB  1 
ATOM   450  C CG  . ARG A 1 64  ? -11.637 -17.549 0.029   1.00 25.32  ? 85  ARG A CG  1 
ATOM   451  C CD  . ARG A 1 64  ? -11.183 -18.010 1.384   1.00 27.26  ? 85  ARG A CD  1 
ATOM   452  N NE  . ARG A 1 64  ? -9.956  -17.344 1.853   1.00 27.17  ? 85  ARG A NE  1 
ATOM   453  C CZ  . ARG A 1 64  ? -9.919  -16.501 2.875   1.00 26.56  ? 85  ARG A CZ  1 
ATOM   454  N NH1 . ARG A 1 64  ? -11.027 -16.179 3.517   1.00 27.68  ? 85  ARG A NH1 1 
ATOM   455  N NH2 . ARG A 1 64  ? -8.777  -15.967 3.252   1.00 27.03  ? 85  ARG A NH2 1 
ATOM   456  N N   . LYS A 1 65  ? -14.025 -17.770 -2.571  1.00 23.13  ? 86  LYS A N   1 
ATOM   457  C CA  . LYS A 1 65  ? -15.194 -18.564 -2.972  1.00 22.84  ? 86  LYS A CA  1 
ATOM   458  C C   . LYS A 1 65  ? -16.376 -17.648 -3.357  1.00 19.84  ? 86  LYS A C   1 
ATOM   459  O O   . LYS A 1 65  ? -16.286 -16.926 -4.303  1.00 20.55  ? 86  LYS A O   1 
ATOM   460  C CB  . LYS A 1 65  ? -15.591 -19.562 -1.878  1.00 26.77  ? 86  LYS A CB  1 
ATOM   461  C CG  . LYS A 1 65  ? -14.604 -20.700 -1.659  1.00 31.78  ? 86  LYS A CG  1 
ATOM   462  C CD  . LYS A 1 65  ? -15.068 -21.651 -0.558  1.00 36.37  ? 86  LYS A CD  1 
ATOM   463  C CE  . LYS A 1 65  ? -16.392 -22.329 -0.899  1.00 39.01  ? 86  LYS A CE  1 
ATOM   464  N NZ  . LYS A 1 65  ? -16.790 -23.372 0.088   1.00 40.79  ? 86  LYS A NZ  1 
ATOM   465  N N   . ASN A 1 66  ? -17.448 -17.633 -2.577  1.00 18.53  ? 87  ASN A N   1 
ATOM   466  C CA  . ASN A 1 66  ? -18.663 -16.896 -2.928  1.00 17.49  ? 87  ASN A CA  1 
ATOM   467  C C   . ASN A 1 66  ? -18.797 -15.615 -2.121  1.00 16.51  ? 87  ASN A C   1 
ATOM   468  O O   . ASN A 1 66  ? -19.877 -15.009 -2.077  1.00 16.07  ? 87  ASN A O   1 
ATOM   469  C CB  . ASN A 1 66  ? -19.883 -17.806 -2.664  1.00 17.96  ? 87  ASN A CB  1 
ATOM   470  C CG  . ASN A 1 66  ? -19.814 -19.087 -3.453  1.00 18.49  ? 87  ASN A CG  1 
ATOM   471  O OD1 . ASN A 1 66  ? -19.737 -19.030 -4.673  1.00 18.29  ? 87  ASN A OD1 1 
ATOM   472  N ND2 . ASN A 1 66  ? -19.830 -20.244 -2.780  1.00 17.89  ? 87  ASN A ND2 1 
ATOM   473  N N   . GLN A 1 67  ? -17.721 -15.202 -1.447  1.00 15.52  ? 88  GLN A N   1 
ATOM   474  C CA  . GLN A 1 67  ? -17.873 -14.131 -0.467  1.00 15.37  ? 88  GLN A CA  1 
ATOM   475  C C   . GLN A 1 67  ? -16.718 -13.116 -0.500  1.00 15.02  ? 88  GLN A C   1 
ATOM   476  O O   . GLN A 1 67  ? -15.593 -13.445 -0.836  1.00 15.38  ? 88  GLN A O   1 
ATOM   477  C CB  . GLN A 1 67  ? -18.098 -14.728 0.929   1.00 15.99  ? 88  GLN A CB  1 
ATOM   478  C CG  . GLN A 1 67  ? -16.897 -15.357 1.544   1.00 16.09  ? 88  GLN A CG  1 
ATOM   479  C CD  . GLN A 1 67  ? -17.234 -16.273 2.703   1.00 15.96  ? 88  GLN A CD  1 
ATOM   480  O OE1 . GLN A 1 67  ? -16.820 -16.029 3.824   1.00 16.31  ? 88  GLN A OE1 1 
ATOM   481  N NE2 . GLN A 1 67  ? -17.950 -17.345 2.436   1.00 15.16  ? 88  GLN A NE2 1 
ATOM   482  N N   . CYS A 1 68  ? -17.051 -11.888 -0.146  1.00 15.50  ? 89  CYS A N   1 
ATOM   483  C CA  A CYS A 1 68  ? -16.116 -10.779 -0.163  0.50 15.70  ? 89  CYS A CA  1 
ATOM   484  C CA  B CYS A 1 68  ? -16.100 -10.768 -0.140  0.50 15.81  ? 89  CYS A CA  1 
ATOM   485  C C   . CYS A 1 68  ? -15.729 -10.453 1.296   1.00 14.65  ? 89  CYS A C   1 
ATOM   486  O O   . CYS A 1 68  ? -16.528 -9.963  2.063   1.00 13.75  ? 89  CYS A O   1 
ATOM   487  C CB  A CYS A 1 68  ? -16.778 -9.610  -0.889  0.50 16.63  ? 89  CYS A CB  1 
ATOM   488  C CB  B CYS A 1 68  ? -16.691 -9.519  -0.771  0.50 16.87  ? 89  CYS A CB  1 
ATOM   489  S SG  A CYS A 1 68  ? -15.894 -8.048  -0.901  0.50 18.58  ? 89  CYS A SG  1 
ATOM   490  S SG  B CYS A 1 68  ? -16.825 -9.573  -2.557  0.50 19.11  ? 89  CYS A SG  1 
ATOM   491  N N   . GLU A 1 69  ? -14.503 -10.785 1.665   1.00 14.36  ? 90  GLU A N   1 
ATOM   492  C CA  . GLU A 1 69  ? -14.044 -10.622 3.036   1.00 14.04  ? 90  GLU A CA  1 
ATOM   493  C C   . GLU A 1 69  ? -13.578 -9.209  3.204   1.00 14.00  ? 90  GLU A C   1 
ATOM   494  O O   . GLU A 1 69  ? -13.049 -8.617  2.263   1.00 13.47  ? 90  GLU A O   1 
ATOM   495  C CB  . GLU A 1 69  ? -12.877 -11.549 3.335   1.00 15.72  ? 90  GLU A CB  1 
ATOM   496  C CG  . GLU A 1 69  ? -13.140 -13.006 2.988   1.00 17.70  ? 90  GLU A CG  1 
ATOM   497  C CD  . GLU A 1 69  ? -14.200 -13.694 3.835   1.00 19.79  ? 90  GLU A CD  1 
ATOM   498  O OE1 . GLU A 1 69  ? -14.777 -13.089 4.755   1.00 21.31  ? 90  GLU A OE1 1 
ATOM   499  O OE2 . GLU A 1 69  ? -14.411 -14.919 3.591   1.00 23.72  ? 90  GLU A OE2 1 
ATOM   500  N N   . THR A 1 70  ? -13.701 -8.701  4.423   1.00 12.76  ? 91  THR A N   1 
ATOM   501  C CA  . THR A 1 70  ? -13.310 -7.350  4.756   1.00 13.62  ? 91  THR A CA  1 
ATOM   502  C C   . THR A 1 70  ? -12.253 -7.368  5.850   1.00 12.51  ? 91  THR A C   1 
ATOM   503  O O   . THR A 1 70  ? -12.398 -8.092  6.832   1.00 11.15  ? 91  THR A O   1 
ATOM   504  C CB  . THR A 1 70  ? -14.532 -6.583  5.277   1.00 15.06  ? 91  THR A CB  1 
ATOM   505  O OG1 . THR A 1 70  ? -15.610 -6.695  4.322   1.00 18.12  ? 91  THR A OG1 1 
ATOM   506  C CG2 . THR A 1 70  ? -14.187 -5.156  5.497   1.00 15.56  ? 91  THR A CG2 1 
ATOM   507  N N   . ARG A 1 71  ? -11.187 -6.584  5.683   1.00 12.17  ? 92  ARG A N   1 
ATOM   508  C CA  . ARG A 1 71  ? -10.140 -6.465  6.707   1.00 12.41  ? 92  ARG A CA  1 
ATOM   509  C C   . ARG A 1 71  ? -9.886  -4.993  6.961   1.00 14.11  ? 92  ARG A C   1 
ATOM   510  O O   . ARG A 1 71  ? -9.915  -4.207  6.015   1.00 16.08  ? 92  ARG A O   1 
ATOM   511  C CB  . ARG A 1 71  ? -8.817  -7.090  6.251   1.00 12.19  ? 92  ARG A CB  1 
ATOM   512  C CG  . ARG A 1 71  ? -8.872  -8.574  5.880   1.00 12.33  ? 92  ARG A CG  1 
ATOM   513  C CD  . ARG A 1 71  ? -9.150  -9.453  7.083   1.00 11.98  ? 92  ARG A CD  1 
ATOM   514  N NE  . ARG A 1 71  ? -9.329  -10.852 6.684   1.00 11.99  ? 92  ARG A NE  1 
ATOM   515  C CZ  . ARG A 1 71  ? -10.481 -11.511 6.612   1.00 12.09  ? 92  ARG A CZ  1 
ATOM   516  N NH1 . ARG A 1 71  ? -11.661 -10.928 6.903   1.00 12.58  ? 92  ARG A NH1 1 
ATOM   517  N NH2 . ARG A 1 71  ? -10.459 -12.776 6.259   1.00 12.26  ? 92  ARG A NH2 1 
ATOM   518  N N   . THR A 1 72  ? -9.584  -4.621  8.195   1.00 15.56  ? 93  THR A N   1 
ATOM   519  C CA  . THR A 1 72  ? -9.275  -3.222  8.509   1.00 17.04  ? 93  THR A CA  1 
ATOM   520  C C   . THR A 1 72  ? -7.889  -3.122  9.143   1.00 18.12  ? 93  THR A C   1 
ATOM   521  O O   . THR A 1 72  ? -7.491  -3.964  9.950   1.00 16.08  ? 93  THR A O   1 
ATOM   522  C CB  . THR A 1 72  ? -10.349 -2.594  9.424   1.00 19.35  ? 93  THR A CB  1 
ATOM   523  O OG1 . THR A 1 72  ? -11.636 -2.752  8.826   1.00 23.19  ? 93  THR A OG1 1 
ATOM   524  C CG2 . THR A 1 72  ? -10.114 -1.096  9.589   1.00 20.50  ? 93  THR A CG2 1 
ATOM   525  N N   . MET A 1 73  ? -7.126  -2.109  8.728   1.00 18.20  ? 94  MET A N   1 
ATOM   526  C CA  . MET A 1 73  ? -5.794  -1.856  9.294   1.00 19.78  ? 94  MET A CA  1 
ATOM   527  C C   . MET A 1 73  ? -5.779  -0.405  9.784   1.00 18.68  ? 94  MET A C   1 
ATOM   528  O O   . MET A 1 73  ? -6.174  0.493   9.039   1.00 16.18  ? 94  MET A O   1 
ATOM   529  C CB  . MET A 1 73  ? -4.724  -1.973  8.232   1.00 24.04  ? 94  MET A CB  1 
ATOM   530  C CG  . MET A 1 73  ? -4.483  -3.372  7.684   1.00 27.52  ? 94  MET A CG  1 
ATOM   531  S SD  . MET A 1 73  ? -3.321  -3.281  6.304   1.00 36.15  ? 94  MET A SD  1 
ATOM   532  C CE  . MET A 1 73  ? -2.061  -2.195  6.958   1.00 32.62  ? 94  MET A CE  1 
ATOM   533  N N   . LEU A 1 74  ? -5.349  -0.194  11.027  1.00 17.11  ? 95  LEU A N   1 
ATOM   534  C CA  . LEU A 1 74  ? -5.237  1.149   11.572  1.00 16.14  ? 95  LEU A CA  1 
ATOM   535  C C   . LEU A 1 74  ? -3.815  1.675   11.329  1.00 15.51  ? 95  LEU A C   1 
ATOM   536  O O   . LEU A 1 74  ? -2.823  1.044   11.724  1.00 13.43  ? 95  LEU A O   1 
ATOM   537  C CB  . LEU A 1 74  ? -5.544  1.149   13.055  1.00 17.26  ? 95  LEU A CB  1 
ATOM   538  C CG  . LEU A 1 74  ? -5.384  2.492   13.795  1.00 18.69  ? 95  LEU A CG  1 
ATOM   539  C CD1 . LEU A 1 74  ? -6.220  3.633   13.232  1.00 18.01  ? 95  LEU A CD1 1 
ATOM   540  C CD2 . LEU A 1 74  ? -5.700  2.267   15.266  1.00 20.16  ? 95  LEU A CD2 1 
ATOM   541  N N   . LEU A 1 75  ? -3.739  2.795   10.620  1.00 13.93  ? 96  LEU A N   1 
ATOM   542  C CA  . LEU A 1 75  ? -2.494  3.475   10.373  1.00 14.55  ? 96  LEU A CA  1 
ATOM   543  C C   . LEU A 1 75  ? -2.462  4.670   11.293  1.00 13.22  ? 96  LEU A C   1 
ATOM   544  O O   . LEU A 1 75  ? -3.189  5.674   11.106  1.00 12.49  ? 96  LEU A O   1 
ATOM   545  C CB  . LEU A 1 75  ? -2.370  3.914   8.911   1.00 15.43  ? 96  LEU A CB  1 
ATOM   546  C CG  . LEU A 1 75  ? -2.522  2.819   7.871   1.00 16.95  ? 96  LEU A CG  1 
ATOM   547  C CD1 . LEU A 1 75  ? -2.321  3.406   6.482   1.00 16.98  ? 96  LEU A CD1 1 
ATOM   548  C CD2 . LEU A 1 75  ? -1.537  1.694   8.134   1.00 18.51  ? 96  LEU A CD2 1 
ATOM   549  N N   . GLN A 1 76  ? -1.637  4.551   12.318  1.00 13.64  ? 97  GLN A N   1 
ATOM   550  C CA  . GLN A 1 76  ? -1.533  5.607   13.285  1.00 14.58  ? 97  GLN A CA  1 
ATOM   551  C C   . GLN A 1 76  ? -0.613  6.692   12.747  1.00 13.43  ? 97  GLN A C   1 
ATOM   552  O O   . GLN A 1 76  ? 0.373   6.396   12.105  1.00 13.51  ? 97  GLN A O   1 
ATOM   553  C CB  . GLN A 1 76  ? -1.019  5.060   14.617  1.00 16.70  ? 97  GLN A CB  1 
ATOM   554  C CG  . GLN A 1 76  ? -1.843  3.870   15.104  1.00 19.17  ? 97  GLN A CG  1 
ATOM   555  C CD  . GLN A 1 76  ? -1.803  3.747   16.602  1.00 24.89  ? 97  GLN A CD  1 
ATOM   556  O OE1 . GLN A 1 76  ? -0.813  3.301   17.159  1.00 28.70  ? 97  GLN A OE1 1 
ATOM   557  N NE2 . GLN A 1 76  ? -2.858  4.218   17.273  1.00 30.27  ? 97  GLN A NE2 1 
ATOM   558  N N   . PRO A 1 77  ? -0.910  7.947   13.068  1.00 13.86  ? 98  PRO A N   1 
ATOM   559  C CA  . PRO A 1 77  ? -0.033  9.038   12.631  1.00 14.19  ? 98  PRO A CA  1 
ATOM   560  C C   . PRO A 1 77  ? 1.350   8.853   13.193  1.00 15.28  ? 98  PRO A C   1 
ATOM   561  O O   . PRO A 1 77  ? 1.497   8.459   14.364  1.00 14.79  ? 98  PRO A O   1 
ATOM   562  C CB  . PRO A 1 77  ? -0.691  10.276  13.254  1.00 14.19  ? 98  PRO A CB  1 
ATOM   563  C CG  . PRO A 1 77  ? -2.082  9.881   13.518  1.00 14.09  ? 98  PRO A CG  1 
ATOM   564  C CD  . PRO A 1 77  ? -2.001  8.448   13.919  1.00 13.25  ? 98  PRO A CD  1 
ATOM   565  N N   . ALA A 1 78  ? 2.367   9.108   12.382  1.00 14.86  ? 99  ALA A N   1 
ATOM   566  C CA  . ALA A 1 78  ? 3.712   9.015   12.866  1.00 16.11  ? 99  ALA A CA  1 
ATOM   567  C C   . ALA A 1 78  ? 4.436   10.377  12.944  1.00 18.50  ? 99  ALA A C   1 
ATOM   568  O O   . ALA A 1 78  ? 5.633   10.424  12.945  1.00 22.24  ? 99  ALA A O   1 
ATOM   569  C CB  . ALA A 1 78  ? 4.492   8.036   12.039  1.00 15.62  ? 99  ALA A CB  1 
ATOM   570  N N   . GLY A 1 79  ? 3.720   11.477  13.080  1.00 19.25  ? 100 GLY A N   1 
ATOM   571  C CA  . GLY A 1 79  ? 4.432   12.722  13.449  1.00 21.37  ? 100 GLY A CA  1 
ATOM   572  C C   . GLY A 1 79  ? 4.951   13.592  12.311  1.00 21.42  ? 100 GLY A C   1 
ATOM   573  O O   . GLY A 1 79  ? 5.570   14.631  12.545  1.00 18.28  ? 100 GLY A O   1 
ATOM   574  N N   . SER A 1 80  ? 4.698   13.176  11.081  1.00 19.52  ? 101 SER A N   1 
ATOM   575  C CA  . SER A 1 80  ? 4.658   14.116  9.966   1.00 21.41  ? 101 SER A CA  1 
ATOM   576  C C   . SER A 1 80  ? 3.530   13.660  9.053   1.00 20.13  ? 101 SER A C   1 
ATOM   577  O O   . SER A 1 80  ? 3.252   12.452  8.943   1.00 17.37  ? 101 SER A O   1 
ATOM   578  C CB  . SER A 1 80  ? 5.981   14.132  9.229   1.00 23.60  ? 101 SER A CB  1 
ATOM   579  O OG  . SER A 1 80  ? 6.135   12.906  8.573   1.00 28.21  ? 101 SER A OG  1 
ATOM   580  N N   . LEU A 1 81  ? 2.875   14.624  8.418   1.00 17.87  ? 102 LEU A N   1 
ATOM   581  C CA  . LEU A 1 81  ? 1.661   14.355  7.672   1.00 17.92  ? 102 LEU A CA  1 
ATOM   582  C C   . LEU A 1 81  ? 2.019   13.478  6.488   1.00 15.06  ? 102 LEU A C   1 
ATOM   583  O O   . LEU A 1 81  ? 2.934   13.806  5.743   1.00 13.63  ? 102 LEU A O   1 
ATOM   584  C CB  . LEU A 1 81  ? 1.053   15.673  7.185   1.00 19.61  ? 102 LEU A CB  1 
ATOM   585  C CG  . LEU A 1 81  ? 0.667   16.611  8.324   1.00 21.81  ? 102 LEU A CG  1 
ATOM   586  C CD1 . LEU A 1 81  ? 0.287   18.000  7.805   1.00 22.34  ? 102 LEU A CD1 1 
ATOM   587  C CD2 . LEU A 1 81  ? -0.441  16.016  9.182   1.00 23.72  ? 102 LEU A CD2 1 
ATOM   588  N N   . GLY A 1 82  ? 1.330   12.350  6.344   1.00 14.12  ? 103 GLY A N   1 
ATOM   589  C CA  . GLY A 1 82  ? 1.637   11.423  5.268   1.00 13.69  ? 103 GLY A CA  1 
ATOM   590  C C   . GLY A 1 82  ? 2.466   10.225  5.684   1.00 13.26  ? 103 GLY A C   1 
ATOM   591  O O   . GLY A 1 82  ? 2.629   9.296   4.894   1.00 11.74  ? 103 GLY A O   1 
ATOM   592  N N   . SER A 1 83  ? 2.911   10.243  6.943   1.00 12.70  ? 104 SER A N   1 
ATOM   593  C CA  . SER A 1 83  ? 3.692   9.194   7.567   1.00 14.19  ? 104 SER A CA  1 
ATOM   594  C C   . SER A 1 83  ? 2.873   8.542   8.688   1.00 12.26  ? 104 SER A C   1 
ATOM   595  O O   . SER A 1 83  ? 2.314   9.235   9.535   1.00 10.46  ? 104 SER A O   1 
ATOM   596  C CB  . SER A 1 83  ? 4.977   9.793   8.163   1.00 16.05  ? 104 SER A CB  1 
ATOM   597  O OG  . SER A 1 83  ? 5.752   8.772   8.761   1.00 23.32  ? 104 SER A OG  1 
ATOM   598  N N   . TYR A 1 84  ? 2.889   7.213   8.691   1.00 11.75  ? 105 TYR A N   1 
ATOM   599  C CA  . TYR A 1 84  ? 2.047   6.392   9.566   1.00 11.14  ? 105 TYR A CA  1 
ATOM   600  C C   . TYR A 1 84  ? 2.798   5.213   10.137  1.00 11.40  ? 105 TYR A C   1 
ATOM   601  O O   . TYR A 1 84  ? 3.888   4.817   9.658   1.00 11.28  ? 105 TYR A O   1 
ATOM   602  C CB  . TYR A 1 84  ? 0.838   5.882   8.798   1.00 11.05  ? 105 TYR A CB  1 
ATOM   603  C CG  . TYR A 1 84  ? 0.027   6.967   8.192   1.00 10.82  ? 105 TYR A CG  1 
ATOM   604  C CD1 . TYR A 1 84  ? -0.923  7.667   8.937   1.00 10.42  ? 105 TYR A CD1 1 
ATOM   605  C CD2 . TYR A 1 84  ? 0.244   7.361   6.873   1.00 10.27  ? 105 TYR A CD2 1 
ATOM   606  C CE1 . TYR A 1 84  ? -1.677  8.687   8.357   1.00 10.67  ? 105 TYR A CE1 1 
ATOM   607  C CE2 . TYR A 1 84  ? -0.496  8.372   6.308   1.00 10.33  ? 105 TYR A CE2 1 
ATOM   608  C CZ  . TYR A 1 84  ? -1.442  9.044   7.042   1.00 10.79  ? 105 TYR A CZ  1 
ATOM   609  O OH  . TYR A 1 84  ? -2.162  10.085  6.439   1.00 11.48  ? 105 TYR A OH  1 
ATOM   610  N N   . SER A 1 85  ? 2.238   4.658   11.192  1.00 12.29  ? 106 SER A N   1 
ATOM   611  C CA  . SER A 1 85  ? 2.759   3.413   11.670  1.00 12.78  ? 106 SER A CA  1 
ATOM   612  C C   . SER A 1 85  ? 1.637   2.396   11.803  1.00 12.91  ? 106 SER A C   1 
ATOM   613  O O   . SER A 1 85  ? 0.543   2.742   12.178  1.00 12.59  ? 106 SER A O   1 
ATOM   614  C CB  . SER A 1 85  ? 3.531   3.612   12.972  1.00 14.80  ? 106 SER A CB  1 
ATOM   615  O OG  . SER A 1 85  ? 2.657   3.946   14.004  1.00 17.98  ? 106 SER A OG  1 
ATOM   616  N N   . TYR A 1 86  ? 1.939   1.139   11.467  1.00 13.46  ? 107 TYR A N   1 
ATOM   617  C CA  . TYR A 1 86  ? 0.997   0.022   11.553  1.00 14.00  ? 107 TYR A CA  1 
ATOM   618  C C   . TYR A 1 86  ? 1.556   -1.104  12.428  1.00 14.11  ? 107 TYR A C   1 
ATOM   619  O O   . TYR A 1 86  ? 2.669   -1.586  12.194  1.00 13.70  ? 107 TYR A O   1 
ATOM   620  C CB  . TYR A 1 86  ? 0.760   -0.558  10.173  1.00 14.82  ? 107 TYR A CB  1 
ATOM   621  C CG  . TYR A 1 86  ? -0.075  -1.816  10.248  1.00 15.09  ? 107 TYR A CG  1 
ATOM   622  C CD1 . TYR A 1 86  ? -1.381  -1.758  10.689  1.00 15.29  ? 107 TYR A CD1 1 
ATOM   623  C CD2 . TYR A 1 86  ? 0.455   -3.057  9.881   1.00 16.10  ? 107 TYR A CD2 1 
ATOM   624  C CE1 . TYR A 1 86  ? -2.164  -2.908  10.776  1.00 17.07  ? 107 TYR A CE1 1 
ATOM   625  C CE2 . TYR A 1 86  ? -0.305  -4.206  9.984   1.00 17.09  ? 107 TYR A CE2 1 
ATOM   626  C CZ  . TYR A 1 86  ? -1.612  -4.125  10.410  1.00 17.69  ? 107 TYR A CZ  1 
ATOM   627  O OH  . TYR A 1 86  ? -2.380  -5.288  10.505  1.00 21.15  ? 107 TYR A OH  1 
ATOM   628  N N   . ARG A 1 87  ? 0.776   -1.553  13.409  1.00 14.84  ? 108 ARG A N   1 
ATOM   629  C CA  . ARG A 1 87  ? 1.199   -2.625  14.317  1.00 15.92  ? 108 ARG A CA  1 
ATOM   630  C C   . ARG A 1 87  ? 0.464   -3.916  13.936  1.00 15.29  ? 108 ARG A C   1 
ATOM   631  O O   . ARG A 1 87  ? -0.762  -3.911  13.871  1.00 13.87  ? 108 ARG A O   1 
ATOM   632  C CB  . ARG A 1 87  ? 0.893   -2.200  15.758  1.00 19.97  ? 108 ARG A CB  1 
ATOM   633  C CG  . ARG A 1 87  ? 1.114   -3.244  16.840  1.00 24.83  ? 108 ARG A CG  1 
ATOM   634  C CD  . ARG A 1 87  ? 2.582   -3.547  17.010  1.00 28.81  ? 108 ARG A CD  1 
ATOM   635  N NE  . ARG A 1 87  ? 2.816   -4.583  18.033  1.00 35.66  ? 108 ARG A NE  1 
ATOM   636  C CZ  . ARG A 1 87  ? 2.912   -5.899  17.812  1.00 36.60  ? 108 ARG A CZ  1 
ATOM   637  N NH1 . ARG A 1 87  ? 2.792   -6.404  16.601  1.00 39.86  ? 108 ARG A NH1 1 
ATOM   638  N NH2 . ARG A 1 87  ? 3.128   -6.729  18.826  1.00 44.59  ? 108 ARG A NH2 1 
ATOM   639  N N   . SER A 1 88  ? 1.213   -4.978  13.627  1.00 14.86  ? 109 SER A N   1 
ATOM   640  C CA  . SER A 1 88  ? 0.651   -6.296  13.307  1.00 15.43  ? 109 SER A CA  1 
ATOM   641  C C   . SER A 1 88  ? 0.816   -7.216  14.513  1.00 17.04  ? 109 SER A C   1 
ATOM   642  O O   . SER A 1 88  ? 1.918   -7.713  14.768  1.00 17.04  ? 109 SER A O   1 
ATOM   643  C CB  . SER A 1 88  ? 1.345   -6.917  12.107  1.00 15.97  ? 109 SER A CB  1 
ATOM   644  O OG  . SER A 1 88  ? 0.911   -8.256  11.882  1.00 15.62  ? 109 SER A OG  1 
ATOM   645  N N   . PRO A 1 89  ? -0.266  -7.441  15.271  1.00 17.88  ? 110 PRO A N   1 
ATOM   646  C CA  . PRO A 1 89  ? -0.104  -8.397  16.369  1.00 17.95  ? 110 PRO A CA  1 
ATOM   647  C C   . PRO A 1 89  ? 0.266   -9.804  15.885  1.00 15.94  ? 110 PRO A C   1 
ATOM   648  O O   . PRO A 1 89  ? 1.127   -10.469 16.490  1.00 15.13  ? 110 PRO A O   1 
ATOM   649  C CB  . PRO A 1 89  ? -1.465  -8.384  17.068  1.00 18.48  ? 110 PRO A CB  1 
ATOM   650  C CG  . PRO A 1 89  ? -2.076  -7.081  16.703  1.00 20.38  ? 110 PRO A CG  1 
ATOM   651  C CD  . PRO A 1 89  ? -1.557  -6.733  15.326  1.00 19.77  ? 110 PRO A CD  1 
ATOM   652  N N   . HIS A 1 90  ? -0.304  -10.248 14.764  1.00 15.36  ? 111 HIS A N   1 
ATOM   653  C CA  . HIS A 1 90  ? -0.019  -11.619 14.298  1.00 14.20  ? 111 HIS A CA  1 
ATOM   654  C C   . HIS A 1 90  ? 1.438   -11.846 13.953  1.00 14.62  ? 111 HIS A C   1 
ATOM   655  O O   . HIS A 1 90  ? 1.939   -12.955 14.139  1.00 13.89  ? 111 HIS A O   1 
ATOM   656  C CB  . HIS A 1 90  ? -0.911  -12.001 13.120  1.00 13.80  ? 111 HIS A CB  1 
ATOM   657  C CG  . HIS A 1 90  ? -2.354  -12.112 13.497  1.00 13.86  ? 111 HIS A CG  1 
ATOM   658  N ND1 . HIS A 1 90  ? -3.354  -12.379 12.592  1.00 13.67  ? 111 HIS A ND1 1 
ATOM   659  C CD2 . HIS A 1 90  ? -2.969  -11.922 14.691  1.00 13.58  ? 111 HIS A CD2 1 
ATOM   660  C CE1 . HIS A 1 90  ? -4.518  -12.396 13.216  1.00 13.68  ? 111 HIS A CE1 1 
ATOM   661  N NE2 . HIS A 1 90  ? -4.309  -12.111 14.489  1.00 13.95  ? 111 HIS A NE2 1 
ATOM   662  N N   . TRP A 1 91  ? 2.110   -10.804 13.455  1.00 13.50  ? 112 TRP A N   1 
ATOM   663  C CA  . TRP A 1 91  ? 3.504   -10.903 13.040  1.00 14.78  ? 112 TRP A CA  1 
ATOM   664  C C   . TRP A 1 91  ? 4.496   -10.293 14.072  1.00 14.77  ? 112 TRP A C   1 
ATOM   665  O O   . TRP A 1 91  ? 5.716   -10.254 13.828  1.00 15.37  ? 112 TRP A O   1 
ATOM   666  C CB  . TRP A 1 91  ? 3.697   -10.291 11.651  1.00 14.53  ? 112 TRP A CB  1 
ATOM   667  C CG  . TRP A 1 91  ? 3.016   -11.061 10.591  1.00 14.40  ? 112 TRP A CG  1 
ATOM   668  C CD1 . TRP A 1 91  ? 1.847   -10.772 10.033  1.00 15.00  ? 112 TRP A CD1 1 
ATOM   669  C CD2 . TRP A 1 91  ? 3.478   -12.283 9.974   1.00 14.22  ? 112 TRP A CD2 1 
ATOM   670  N NE1 . TRP A 1 91  ? 1.498   -11.739 9.116   1.00 15.29  ? 112 TRP A NE1 1 
ATOM   671  C CE2 . TRP A 1 91  ? 2.500   -12.670 9.048   1.00 14.49  ? 112 TRP A CE2 1 
ATOM   672  C CE3 . TRP A 1 91  ? 4.603   -13.094 10.149  1.00 14.68  ? 112 TRP A CE3 1 
ATOM   673  C CZ2 . TRP A 1 91  ? 2.617   -13.828 8.259   1.00 13.64  ? 112 TRP A CZ2 1 
ATOM   674  C CZ3 . TRP A 1 91  ? 4.723   -14.257 9.366   1.00 13.86  ? 112 TRP A CZ3 1 
ATOM   675  C CH2 . TRP A 1 91  ? 3.726   -14.609 8.444   1.00 13.88  ? 112 TRP A CH2 1 
ATOM   676  N N   . GLY A 1 92  ? 3.960   -9.835  15.200  1.00 15.38  ? 113 GLY A N   1 
ATOM   677  C CA  . GLY A 1 92  ? 4.752   -9.253  16.308  1.00 16.02  ? 113 GLY A CA  1 
ATOM   678  C C   . GLY A 1 92  ? 5.652   -8.100  15.916  1.00 15.50  ? 113 GLY A C   1 
ATOM   679  O O   . GLY A 1 92  ? 6.736   -7.911  16.473  1.00 14.20  ? 113 GLY A O   1 
ATOM   680  N N   . SER A 1 93  ? 5.189   -7.311  14.961  1.00 14.79  ? 114 SER A N   1 
ATOM   681  C CA  . SER A 1 93  ? 6.030   -6.315  14.308  1.00 13.91  ? 114 SER A CA  1 
ATOM   682  C C   . SER A 1 93  ? 5.260   -5.023  14.078  1.00 13.35  ? 114 SER A C   1 
ATOM   683  O O   . SER A 1 93  ? 4.026   -4.999  14.051  1.00 13.51  ? 114 SER A O   1 
ATOM   684  C CB  . SER A 1 93  ? 6.557   -6.859  12.975  1.00 14.35  ? 114 SER A CB  1 
ATOM   685  O OG  . SER A 1 93  ? 7.380   -8.017  13.194  1.00 13.85  ? 114 SER A OG  1 
ATOM   686  N N   . THR A 1 94  ? 6.026   -3.940  13.944  1.00 14.58  ? 115 THR A N   1 
ATOM   687  C CA  . THR A 1 94  ? 5.539   -2.606  13.600  1.00 13.89  ? 115 THR A CA  1 
ATOM   688  C C   . THR A 1 94  ? 6.242   -2.150  12.324  1.00 13.61  ? 115 THR A C   1 
ATOM   689  O O   . THR A 1 94  ? 7.438   -2.493  12.072  1.00 12.23  ? 115 THR A O   1 
ATOM   690  C CB  . THR A 1 94  ? 5.831   -1.637  14.744  1.00 15.67  ? 115 THR A CB  1 
ATOM   691  O OG1 . THR A 1 94  ? 5.123   -2.082  15.909  1.00 16.90  ? 115 THR A OG1 1 
ATOM   692  C CG2 . THR A 1 94  ? 5.375   -0.229  14.422  1.00 16.02  ? 115 THR A CG2 1 
ATOM   693  N N   . TYR A 1 95  ? 5.485   -1.417  11.511  1.00 13.63  ? 116 TYR A N   1 
ATOM   694  C CA  . TYR A 1 95  ? 5.909   -1.010  10.190  1.00 13.56  ? 116 TYR A CA  1 
ATOM   695  C C   . TYR A 1 95  ? 5.653   0.481   10.021  1.00 14.14  ? 116 TYR A C   1 
ATOM   696  O O   . TYR A 1 95  ? 4.631   1.015   10.452  1.00 14.42  ? 116 TYR A O   1 
ATOM   697  C CB  . TYR A 1 95  ? 5.162   -1.796  9.108   1.00 14.09  ? 116 TYR A CB  1 
ATOM   698  C CG  . TYR A 1 95  ? 5.226   -3.288  9.282   1.00 14.81  ? 116 TYR A CG  1 
ATOM   699  C CD1 . TYR A 1 95  ? 4.383   -3.944  10.172  1.00 15.47  ? 116 TYR A CD1 1 
ATOM   700  C CD2 . TYR A 1 95  ? 6.164   -4.043  8.591   1.00 15.59  ? 116 TYR A CD2 1 
ATOM   701  C CE1 . TYR A 1 95  ? 4.452   -5.300  10.363  1.00 15.55  ? 116 TYR A CE1 1 
ATOM   702  C CE2 . TYR A 1 95  ? 6.232   -5.417  8.764   1.00 15.75  ? 116 TYR A CE2 1 
ATOM   703  C CZ  . TYR A 1 95  ? 5.368   -6.024  9.653   1.00 16.07  ? 116 TYR A CZ  1 
ATOM   704  O OH  . TYR A 1 95  ? 5.446   -7.366  9.819   1.00 17.05  ? 116 TYR A OH  1 
ATOM   705  N N   . SER A 1 96  ? 6.585   1.134   9.351   1.00 13.84  ? 117 SER A N   1 
ATOM   706  C CA  . SER A 1 96  ? 6.393   2.492   8.918   1.00 14.77  ? 117 SER A CA  1 
ATOM   707  C C   . SER A 1 96  ? 5.749   2.480   7.532   1.00 13.53  ? 117 SER A C   1 
ATOM   708  O O   . SER A 1 96  ? 6.161   1.698   6.693   1.00 13.36  ? 117 SER A O   1 
ATOM   709  C CB  . SER A 1 96  ? 7.748   3.182   8.907   1.00 16.61  ? 117 SER A CB  1 
ATOM   710  O OG  . SER A 1 96  ? 7.674   4.403   8.198   1.00 20.78  ? 117 SER A OG  1 
ATOM   711  N N   . VAL A 1 97  ? 4.695   3.283   7.330   1.00 12.54  ? 118 VAL A N   1 
ATOM   712  C CA  . VAL A 1 97  ? 4.004   3.408   6.042   1.00 12.72  ? 118 VAL A CA  1 
ATOM   713  C C   . VAL A 1 97  ? 4.006   4.877   5.657   1.00 12.78  ? 118 VAL A C   1 
ATOM   714  O O   . VAL A 1 97  ? 3.539   5.711   6.423   1.00 12.72  ? 118 VAL A O   1 
ATOM   715  C CB  . VAL A 1 97  ? 2.536   2.964   6.122   1.00 13.12  ? 118 VAL A CB  1 
ATOM   716  C CG1 . VAL A 1 97  ? 1.921   2.932   4.734   1.00 13.29  ? 118 VAL A CG1 1 
ATOM   717  C CG2 . VAL A 1 97  ? 2.434   1.607   6.796   1.00 14.00  ? 118 VAL A CG2 1 
ATOM   718  N N   . SER A 1 98  ? 4.484   5.180   4.456   1.00 12.95  ? 119 SER A N   1 
ATOM   719  C CA  . SER A 1 98  ? 4.566   6.563   3.976   1.00 12.90  ? 119 SER A CA  1 
ATOM   720  C C   . SER A 1 98  ? 3.856   6.716   2.668   1.00 11.65  ? 119 SER A C   1 
ATOM   721  O O   . SER A 1 98  ? 3.998   5.877   1.773   1.00 11.94  ? 119 SER A O   1 
ATOM   722  C CB  . SER A 1 98  ? 6.025   6.941   3.768   1.00 13.99  ? 119 SER A CB  1 
ATOM   723  O OG  . SER A 1 98  ? 6.731   6.723   4.971   1.00 16.17  ? 119 SER A OG  1 
ATOM   724  N N   . VAL A 1 99  ? 3.088   7.781   2.544   1.00 10.60  ? 120 VAL A N   1 
ATOM   725  C CA  . VAL A 1 99  ? 2.587   8.173   1.242   1.00 10.39  ? 120 VAL A CA  1 
ATOM   726  C C   . VAL A 1 99  ? 3.700   9.020   0.578   1.00 10.08  ? 120 VAL A C   1 
ATOM   727  O O   . VAL A 1 99  ? 3.847   10.221  0.863   1.00 10.50  ? 120 VAL A O   1 
ATOM   728  C CB  . VAL A 1 99  ? 1.280   8.987   1.322   1.00 10.49  ? 120 VAL A CB  1 
ATOM   729  C CG1 . VAL A 1 99  ? 0.857   9.374   -0.087  1.00 10.43  ? 120 VAL A CG1 1 
ATOM   730  C CG2 . VAL A 1 99  ? 0.193   8.197   2.023   1.00 10.71  ? 120 VAL A CG2 1 
ATOM   731  N N   . VAL A 1 100 ? 4.482   8.394   -0.298  1.00 10.40  ? 121 VAL A N   1 
ATOM   732  C CA  . VAL A 1 100 ? 5.669   9.081   -0.897  1.00 10.47  ? 121 VAL A CA  1 
ATOM   733  C C   . VAL A 1 100 ? 5.221   10.134  -1.916  1.00 10.73  ? 121 VAL A C   1 
ATOM   734  O O   . VAL A 1 100 ? 5.783   11.251  -1.985  1.00 11.34  ? 121 VAL A O   1 
ATOM   735  C CB  . VAL A 1 100 ? 6.644   8.068   -1.532  1.00 10.76  ? 121 VAL A CB  1 
ATOM   736  C CG1 . VAL A 1 100 ? 7.882   8.747   -2.158  1.00 11.27  ? 121 VAL A CG1 1 
ATOM   737  C CG2 . VAL A 1 100 ? 7.081   7.059   -0.487  1.00 11.30  ? 121 VAL A CG2 1 
ATOM   738  N N   . GLU A 1 101 ? 4.199   9.807   -2.693  1.00 10.43  ? 122 GLU A N   1 
ATOM   739  C CA  . GLU A 1 101 ? 3.788   10.681  -3.798  1.00 11.39  ? 122 GLU A CA  1 
ATOM   740  C C   . GLU A 1 101 ? 2.351   10.399  -4.126  1.00 10.61  ? 122 GLU A C   1 
ATOM   741  O O   . GLU A 1 101 ? 1.985   9.231   -4.226  1.00 10.71  ? 122 GLU A O   1 
ATOM   742  C CB  . GLU A 1 101 ? 4.637   10.362  -5.047  1.00 11.90  ? 122 GLU A CB  1 
ATOM   743  C CG  . GLU A 1 101 ? 4.421   11.296  -6.225  1.00 13.64  ? 122 GLU A CG  1 
ATOM   744  C CD  . GLU A 1 101 ? 5.334   10.987  -7.404  1.00 15.41  ? 122 GLU A CD  1 
ATOM   745  O OE1 . GLU A 1 101 ? 6.583   10.894  -7.204  1.00 16.54  ? 122 GLU A OE1 1 
ATOM   746  O OE2 . GLU A 1 101 ? 4.810   10.822  -8.522  1.00 16.44  ? 122 GLU A OE2 1 
ATOM   747  N N   . THR A 1 102 ? 1.550   11.443  -4.307  1.00 9.84   ? 123 THR A N   1 
ATOM   748  C CA  . THR A 1 102 ? 0.170   11.277  -4.738  1.00 9.66   ? 123 THR A CA  1 
ATOM   749  C C   . THR A 1 102 ? -0.341  12.559  -5.342  1.00 9.63   ? 123 THR A C   1 
ATOM   750  O O   . THR A 1 102 ? 0.090   13.683  -4.930  1.00 9.92   ? 123 THR A O   1 
ATOM   751  C CB  . THR A 1 102 ? -0.780  10.788  -3.581  1.00 9.15   ? 123 THR A CB  1 
ATOM   752  O OG1 . THR A 1 102 ? -2.106  10.536  -4.093  1.00 8.47   ? 123 THR A OG1 1 
ATOM   753  C CG2 . THR A 1 102 ? -0.928  11.815  -2.466  1.00 9.19   ? 123 THR A CG2 1 
ATOM   754  N N   . ASP A 1 103 ? -1.201  12.398  -6.337  1.00 9.61   ? 124 ASP A N   1 
ATOM   755  C CA  . ASP A 1 103 ? -1.967  13.509  -6.940  1.00 9.68   ? 124 ASP A CA  1 
ATOM   756  C C   . ASP A 1 103 ? -3.407  13.508  -6.443  1.00 9.05   ? 124 ASP A C   1 
ATOM   757  O O   . ASP A 1 103 ? -4.239  14.292  -6.906  1.00 7.88   ? 124 ASP A O   1 
ATOM   758  C CB  . ASP A 1 103 ? -1.903  13.459  -8.477  1.00 10.12  ? 124 ASP A CB  1 
ATOM   759  C CG  . ASP A 1 103 ? -2.744  12.370  -9.066  1.00 10.61  ? 124 ASP A CG  1 
ATOM   760  O OD1 . ASP A 1 103 ? -3.169  11.422  -8.340  1.00 9.97   ? 124 ASP A OD1 1 
ATOM   761  O OD2 . ASP A 1 103 ? -2.940  12.435  -10.293 1.00 11.89  ? 124 ASP A OD2 1 
ATOM   762  N N   . TYR A 1 104 ? -3.694  12.592  -5.527  1.00 8.88   ? 125 TYR A N   1 
ATOM   763  C CA  . TYR A 1 104 ? -4.999  12.424  -4.869  1.00 9.51   ? 125 TYR A CA  1 
ATOM   764  C C   . TYR A 1 104 ? -6.099  11.874  -5.770  1.00 9.99   ? 125 TYR A C   1 
ATOM   765  O O   . TYR A 1 104 ? -6.918  11.046  -5.311  1.00 9.62   ? 125 TYR A O   1 
ATOM   766  C CB  . TYR A 1 104 ? -5.485  13.717  -4.201  1.00 9.72   ? 125 TYR A CB  1 
ATOM   767  C CG  . TYR A 1 104 ? -4.460  14.289  -3.266  1.00 10.01  ? 125 TYR A CG  1 
ATOM   768  C CD1 . TYR A 1 104 ? -4.258  13.713  -2.023  1.00 10.37  ? 125 TYR A CD1 1 
ATOM   769  C CD2 . TYR A 1 104 ? -3.693  15.389  -3.634  1.00 10.22  ? 125 TYR A CD2 1 
ATOM   770  C CE1 . TYR A 1 104 ? -3.284  14.188  -1.172  1.00 10.47  ? 125 TYR A CE1 1 
ATOM   771  C CE2 . TYR A 1 104 ? -2.718  15.880  -2.781  1.00 10.78  ? 125 TYR A CE2 1 
ATOM   772  C CZ  . TYR A 1 104 ? -2.540  15.276  -1.548  1.00 10.30  ? 125 TYR A CZ  1 
ATOM   773  O OH  . TYR A 1 104 ? -1.587  15.734  -0.708  1.00 10.11  ? 125 TYR A OH  1 
ATOM   774  N N   . ASP A 1 105 ? -6.136  12.327  -7.019  1.00 9.98   ? 126 ASP A N   1 
ATOM   775  C CA  . ASP A 1 105 ? -7.264  12.020  -7.903  1.00 11.57  ? 126 ASP A CA  1 
ATOM   776  C C   . ASP A 1 105 ? -7.025  10.860  -8.837  1.00 11.36  ? 126 ASP A C   1 
ATOM   777  O O   . ASP A 1 105 ? -7.982  10.359  -9.404  1.00 11.22  ? 126 ASP A O   1 
ATOM   778  C CB  . ASP A 1 105 ? -7.637  13.244  -8.729  1.00 13.03  ? 126 ASP A CB  1 
ATOM   779  C CG  . ASP A 1 105 ? -8.122  14.417  -7.875  1.00 14.35  ? 126 ASP A CG  1 
ATOM   780  O OD1 . ASP A 1 105 ? -8.664  14.225  -6.771  1.00 14.63  ? 126 ASP A OD1 1 
ATOM   781  O OD2 . ASP A 1 105 ? -7.967  15.557  -8.356  1.00 16.07  ? 126 ASP A OD2 1 
ATOM   782  N N   . GLN A 1 106 ? -5.772  10.429  -8.999  1.00 11.41  ? 127 GLN A N   1 
ATOM   783  C CA  . GLN A 1 106 ? -5.461  9.279   -9.822  1.00 12.45  ? 127 GLN A CA  1 
ATOM   784  C C   . GLN A 1 106 ? -4.610  8.171   -9.168  1.00 10.71  ? 127 GLN A C   1 
ATOM   785  O O   . GLN A 1 106 ? -4.892  6.997   -9.384  1.00 9.76   ? 127 GLN A O   1 
ATOM   786  C CB  . GLN A 1 106 ? -4.783  9.707   -11.142 1.00 14.26  ? 127 GLN A CB  1 
ATOM   787  C CG  . GLN A 1 106 ? -5.546  10.726  -11.973 1.00 17.54  ? 127 GLN A CG  1 
ATOM   788  C CD  . GLN A 1 106 ? -6.830  10.186  -12.578 1.00 21.08  ? 127 GLN A CD  1 
ATOM   789  O OE1 . GLN A 1 106 ? -6.954  8.985   -12.850 1.00 26.07  ? 127 GLN A OE1 1 
ATOM   790  N NE2 . GLN A 1 106 ? -7.813  11.080  -12.789 1.00 24.27  ? 127 GLN A NE2 1 
ATOM   791  N N   . TYR A 1 107 ? -3.571  8.539   -8.413  1.00 10.26  ? 128 TYR A N   1 
ATOM   792  C CA  . TYR A 1 107 ? -2.614  7.559   -7.929  1.00 9.57   ? 128 TYR A CA  1 
ATOM   793  C C   . TYR A 1 107 ? -1.965  7.950   -6.632  1.00 9.05   ? 128 TYR A C   1 
ATOM   794  O O   . TYR A 1 107 ? -1.938  9.115   -6.273  1.00 8.94   ? 128 TYR A O   1 
ATOM   795  C CB  . TYR A 1 107 ? -1.500  7.305   -8.950  1.00 9.71   ? 128 TYR A CB  1 
ATOM   796  C CG  . TYR A 1 107 ? -0.454  8.392   -8.977  1.00 10.56  ? 128 TYR A CG  1 
ATOM   797  C CD1 . TYR A 1 107 ? -0.645  9.526   -9.759  1.00 11.07  ? 128 TYR A CD1 1 
ATOM   798  C CD2 . TYR A 1 107 ? 0.696   8.325   -8.198  1.00 10.80  ? 128 TYR A CD2 1 
ATOM   799  C CE1 . TYR A 1 107 ? 0.285   10.560  -9.773  1.00 11.42  ? 128 TYR A CE1 1 
ATOM   800  C CE2 . TYR A 1 107 ? 1.643   9.357   -8.226  1.00 11.92  ? 128 TYR A CE2 1 
ATOM   801  C CZ  . TYR A 1 107 ? 1.430   10.463  -9.042  1.00 11.73  ? 128 TYR A CZ  1 
ATOM   802  O OH  . TYR A 1 107 ? 2.354   11.487  -9.105  1.00 12.15  ? 128 TYR A OH  1 
ATOM   803  N N   . ALA A 1 108 ? -1.437  6.937   -5.962  1.00 8.45   ? 129 ALA A N   1 
ATOM   804  C CA  . ALA A 1 108 ? -0.536  7.120   -4.851  1.00 8.99   ? 129 ALA A CA  1 
ATOM   805  C C   . ALA A 1 108 ? 0.516   6.057   -4.866  1.00 9.03   ? 129 ALA A C   1 
ATOM   806  O O   . ALA A 1 108 ? 0.243   4.907   -5.170  1.00 9.54   ? 129 ALA A O   1 
ATOM   807  C CB  . ALA A 1 108 ? -1.244  7.139   -3.527  1.00 8.60   ? 129 ALA A CB  1 
ATOM   808  N N   . LEU A 1 109 ? 1.711   6.460   -4.487  1.00 9.78   ? 130 LEU A N   1 
ATOM   809  C CA  . LEU A 1 109 ? 2.847   5.559   -4.338  1.00 10.25  ? 130 LEU A CA  1 
ATOM   810  C C   . LEU A 1 109 ? 3.148   5.483   -2.883  1.00 10.14  ? 130 LEU A C   1 
ATOM   811  O O   . LEU A 1 109 ? 3.425   6.528   -2.286  1.00 9.88   ? 130 LEU A O   1 
ATOM   812  C CB  . LEU A 1 109 ? 4.060   6.137   -5.036  1.00 10.94  ? 130 LEU A CB  1 
ATOM   813  C CG  . LEU A 1 109 ? 3.891   6.404   -6.529  1.00 11.87  ? 130 LEU A CG  1 
ATOM   814  C CD1 . LEU A 1 109 ? 5.220   6.921   -7.090  1.00 13.07  ? 130 LEU A CD1 1 
ATOM   815  C CD2 . LEU A 1 109 ? 3.422   5.188   -7.255  1.00 12.83  ? 130 LEU A CD2 1 
ATOM   816  N N   . LEU A 1 110 ? 3.051   4.280   -2.312  1.00 10.84  ? 131 LEU A N   1 
ATOM   817  C CA  A LEU A 1 110 ? 3.299   4.059   -0.889  0.50 10.90  ? 131 LEU A CA  1 
ATOM   818  C CA  B LEU A 1 110 ? 3.290   4.041   -0.886  0.50 10.89  ? 131 LEU A CA  1 
ATOM   819  C C   . LEU A 1 110 ? 4.556   3.206   -0.693  1.00 11.24  ? 131 LEU A C   1 
ATOM   820  O O   . LEU A 1 110 ? 4.870   2.352   -1.527  1.00 11.14  ? 131 LEU A O   1 
ATOM   821  C CB  A LEU A 1 110 ? 2.105   3.399   -0.197  0.50 11.35  ? 131 LEU A CB  1 
ATOM   822  C CB  B LEU A 1 110 ? 2.132   3.295   -0.229  0.50 11.31  ? 131 LEU A CB  1 
ATOM   823  C CG  A LEU A 1 110 ? 1.028   4.355   0.327   0.50 11.63  ? 131 LEU A CG  1 
ATOM   824  C CG  B LEU A 1 110 ? 0.709   3.792   -0.450  0.50 11.56  ? 131 LEU A CG  1 
ATOM   825  C CD1 A LEU A 1 110 ? 0.206   4.917   -0.816  0.50 11.92  ? 131 LEU A CD1 1 
ATOM   826  C CD1 B LEU A 1 110 ? -0.146  3.344   0.709   0.50 12.05  ? 131 LEU A CD1 1 
ATOM   827  C CD2 A LEU A 1 110 ? 0.135   3.649   1.325   0.50 12.06  ? 131 LEU A CD2 1 
ATOM   828  C CD2 B LEU A 1 110 ? 0.673   5.306   -0.537  0.50 11.80  ? 131 LEU A CD2 1 
ATOM   829  N N   . TYR A 1 111 ? 5.232   3.442   0.419   1.00 11.47  ? 132 TYR A N   1 
ATOM   830  C CA  . TYR A 1 111 ? 6.391   2.682   0.811   1.00 12.77  ? 132 TYR A CA  1 
ATOM   831  C C   . TYR A 1 111 ? 6.299   2.293   2.300   1.00 12.55  ? 132 TYR A C   1 
ATOM   832  O O   . TYR A 1 111 ? 6.089   3.155   3.192   1.00 12.56  ? 132 TYR A O   1 
ATOM   833  C CB  . TYR A 1 111 ? 7.659   3.448   0.541   1.00 13.96  ? 132 TYR A CB  1 
ATOM   834  C CG  . TYR A 1 111 ? 8.882   2.621   0.847   1.00 15.11  ? 132 TYR A CG  1 
ATOM   835  C CD1 . TYR A 1 111 ? 9.231   1.546   0.043   1.00 16.81  ? 132 TYR A CD1 1 
ATOM   836  C CD2 . TYR A 1 111 ? 9.639   2.868   1.975   1.00 17.97  ? 132 TYR A CD2 1 
ATOM   837  C CE1 . TYR A 1 111 ? 10.345  0.768   0.317   1.00 18.06  ? 132 TYR A CE1 1 
ATOM   838  C CE2 . TYR A 1 111 ? 10.765  2.099   2.255   1.00 18.44  ? 132 TYR A CE2 1 
ATOM   839  C CZ  . TYR A 1 111 ? 11.093  1.047   1.429   1.00 20.13  ? 132 TYR A CZ  1 
ATOM   840  O OH  . TYR A 1 111 ? 12.190  0.259   1.705   1.00 24.63  ? 132 TYR A OH  1 
ATOM   841  N N   . SER A 1 112 ? 6.411   0.992   2.539   1.00 12.82  ? 133 SER A N   1 
ATOM   842  C CA  . SER A 1 112 ? 6.304   0.434   3.849   1.00 13.42  ? 133 SER A CA  1 
ATOM   843  C C   . SER A 1 112 ? 7.584   -0.289  4.226   1.00 14.63  ? 133 SER A C   1 
ATOM   844  O O   . SER A 1 112 ? 8.166   -0.997  3.413   1.00 14.89  ? 133 SER A O   1 
ATOM   845  C CB  . SER A 1 112 ? 5.140   -0.555  3.900   1.00 13.98  ? 133 SER A CB  1 
ATOM   846  O OG  . SER A 1 112 ? 3.949   0.131   3.581   1.00 12.74  ? 133 SER A OG  1 
ATOM   847  N N   . GLN A 1 113 ? 8.004   -0.126  5.475   1.00 16.06  ? 134 GLN A N   1 
ATOM   848  C CA  . GLN A 1 113 ? 9.175   -0.818  5.941   1.00 17.85  ? 134 GLN A CA  1 
ATOM   849  C C   . GLN A 1 113 ? 9.061   -1.186  7.410   1.00 16.69  ? 134 GLN A C   1 
ATOM   850  O O   . GLN A 1 113 ? 8.560   -0.414  8.210   1.00 14.88  ? 134 GLN A O   1 
ATOM   851  C CB  . GLN A 1 113 ? 10.441  0.007   5.691   1.00 20.50  ? 134 GLN A CB  1 
ATOM   852  C CG  . GLN A 1 113 ? 10.556  1.314   6.424   1.00 25.19  ? 134 GLN A CG  1 
ATOM   853  C CD  . GLN A 1 113 ? 11.874  2.026   6.121   1.00 30.92  ? 134 GLN A CD  1 
ATOM   854  O OE1 . GLN A 1 113 ? 12.716  1.533   5.359   1.00 35.60  ? 134 GLN A OE1 1 
ATOM   855  N NE2 . GLN A 1 113 ? 12.066  3.177   6.742   1.00 32.36  ? 134 GLN A NE2 1 
ATOM   856  N N   . GLY A 1 114 ? 9.583   -2.363  7.732   1.00 16.86  ? 135 GLY A N   1 
ATOM   857  C CA  . GLY A 1 114 ? 9.654   -2.822  9.104   1.00 16.80  ? 135 GLY A CA  1 
ATOM   858  C C   . GLY A 1 114 ? 10.362  -1.815  9.994   1.00 17.57  ? 135 GLY A C   1 
ATOM   859  O O   . GLY A 1 114 ? 11.385  -1.215  9.615   1.00 16.37  ? 135 GLY A O   1 
ATOM   860  N N   . SER A 1 115 ? 9.821   -1.613  11.186  1.00 18.77  ? 136 SER A N   1 
ATOM   861  C CA  . SER A 1 115 ? 10.476  -0.735  12.148  1.00 20.85  ? 136 SER A CA  1 
ATOM   862  C C   . SER A 1 115 ? 10.854  -1.428  13.461  1.00 21.91  ? 136 SER A C   1 
ATOM   863  O O   . SER A 1 115 ? 11.870  -1.076  14.056  1.00 24.67  ? 136 SER A O   1 
ATOM   864  C CB  . SER A 1 115 ? 9.660   0.548   12.383  1.00 22.53  ? 136 SER A CB  1 
ATOM   865  O OG  . SER A 1 115 ? 8.441   0.293   13.041  1.00 25.50  ? 136 SER A OG  1 
ATOM   866  N N   . LYS A 1 116 ? 10.086  -2.425  13.888  1.00 21.40  ? 137 LYS A N   1 
ATOM   867  C CA  . LYS A 1 116 ? 10.300  -3.096  15.177  1.00 22.54  ? 137 LYS A CA  1 
ATOM   868  C C   . LYS A 1 116 ? 9.825   -4.543  15.051  1.00 20.96  ? 137 LYS A C   1 
ATOM   869  O O   . LYS A 1 116 ? 8.850   -4.804  14.364  1.00 19.15  ? 137 LYS A O   1 
ATOM   870  C CB  . LYS A 1 116 ? 9.475   -2.381  16.236  1.00 25.81  ? 137 LYS A CB  1 
ATOM   871  C CG  . LYS A 1 116 ? 9.618   -2.940  17.634  1.00 30.75  ? 137 LYS A CG  1 
ATOM   872  C CD  . LYS A 1 116 ? 8.767   -2.122  18.591  1.00 35.79  ? 137 LYS A CD  1 
ATOM   873  C CE  . LYS A 1 116 ? 8.857   -2.615  20.030  1.00 39.88  ? 137 LYS A CE  1 
ATOM   874  N NZ  . LYS A 1 116 ? 7.825   -1.911  20.851  1.00 42.09  ? 137 LYS A NZ  1 
ATOM   875  N N   . GLY A 1 117 ? 10.514  -5.476  15.704  1.00 18.78  ? 138 GLY A N   1 
ATOM   876  C CA  . GLY A 1 117 ? 10.104  -6.883  15.712  1.00 19.12  ? 138 GLY A CA  1 
ATOM   877  C C   . GLY A 1 117 ? 10.745  -7.695  14.615  1.00 19.03  ? 138 GLY A C   1 
ATOM   878  O O   . GLY A 1 117 ? 11.565  -7.169  13.868  1.00 18.68  ? 138 GLY A O   1 
ATOM   879  N N   . PRO A 1 118 ? 10.350  -8.974  14.469  1.00 20.39  ? 139 PRO A N   1 
ATOM   880  C CA  . PRO A 1 118 ? 10.948  -9.833  13.435  1.00 21.79  ? 139 PRO A CA  1 
ATOM   881  C C   . PRO A 1 118 ? 10.728  -9.402  11.972  1.00 22.57  ? 139 PRO A C   1 
ATOM   882  O O   . PRO A 1 118 ? 11.449  -9.875  11.083  1.00 24.64  ? 139 PRO A O   1 
ATOM   883  C CB  . PRO A 1 118 ? 10.270  -11.194 13.659  1.00 23.26  ? 139 PRO A CB  1 
ATOM   884  C CG  . PRO A 1 118 ? 9.112   -10.942 14.573  1.00 23.59  ? 139 PRO A CG  1 
ATOM   885  C CD  . PRO A 1 118 ? 9.457   -9.730  15.370  1.00 22.34  ? 139 PRO A CD  1 
ATOM   886  N N   . GLY A 1 119 ? 9.731   -8.558  11.718  1.00 20.93  ? 140 GLY A N   1 
ATOM   887  C CA  . GLY A 1 119 ? 9.489   -7.999  10.367  1.00 21.49  ? 140 GLY A CA  1 
ATOM   888  C C   . GLY A 1 119 ? 10.327  -6.780  10.024  1.00 21.89  ? 140 GLY A C   1 
ATOM   889  O O   . GLY A 1 119 ? 10.149  -6.165  8.970   1.00 19.65  ? 140 GLY A O   1 
ATOM   890  N N   . GLU A 1 120 ? 11.268  -6.428  10.901  1.00 22.98  ? 141 GLU A N   1 
ATOM   891  C CA  . GLU A 1 120 ? 12.128  -5.266  10.686  1.00 25.12  ? 141 GLU A CA  1 
ATOM   892  C C   . GLU A 1 120 ? 12.734  -5.124  9.296   1.00 23.66  ? 141 GLU A C   1 
ATOM   893  O O   . GLU A 1 120 ? 12.888  -4.004  8.811   1.00 22.97  ? 141 GLU A O   1 
ATOM   894  C CB  . GLU A 1 120 ? 13.272  -5.235  11.710  1.00 29.87  ? 141 GLU A CB  1 
ATOM   895  C CG  . GLU A 1 120 ? 13.193  -4.037  12.623  1.00 35.91  ? 141 GLU A CG  1 
ATOM   896  C CD  . GLU A 1 120 ? 14.296  -4.021  13.674  1.00 40.48  ? 141 GLU A CD  1 
ATOM   897  O OE1 . GLU A 1 120 ? 14.393  -4.988  14.459  1.00 47.08  ? 141 GLU A OE1 1 
ATOM   898  O OE2 . GLU A 1 120 ? 15.051  -3.028  13.711  1.00 47.46  ? 141 GLU A OE2 1 
ATOM   899  N N   . ASP A 1 121 ? 13.106  -6.247  8.697   1.00 23.16  ? 142 ASP A N   1 
ATOM   900  C CA  . ASP A 1 121 ? 13.774  -6.285  7.385   1.00 26.09  ? 142 ASP A CA  1 
ATOM   901  C C   . ASP A 1 121 ? 12.806  -5.976  6.227   1.00 23.65  ? 142 ASP A C   1 
ATOM   902  O O   . ASP A 1 121 ? 13.234  -5.704  5.110   1.00 23.68  ? 142 ASP A O   1 
ATOM   903  C CB  . ASP A 1 121 ? 14.358  -7.681  7.114   1.00 28.03  ? 142 ASP A CB  1 
ATOM   904  C CG  . ASP A 1 121 ? 15.518  -8.046  8.039   1.00 34.35  ? 142 ASP A CG  1 
ATOM   905  O OD1 . ASP A 1 121 ? 16.033  -7.157  8.759   1.00 38.07  ? 142 ASP A OD1 1 
ATOM   906  O OD2 . ASP A 1 121 ? 15.925  -9.244  8.027   1.00 38.92  ? 142 ASP A OD2 1 
ATOM   907  N N   . PHE A 1 122 ? 11.513  -6.082  6.491   1.00 20.92  ? 143 PHE A N   1 
ATOM   908  C CA  . PHE A 1 122 ? 10.505  -6.049  5.443   1.00 20.19  ? 143 PHE A CA  1 
ATOM   909  C C   . PHE A 1 122 ? 10.478  -4.695  4.745   1.00 18.96  ? 143 PHE A C   1 
ATOM   910  O O   . PHE A 1 122 ? 10.631  -3.659  5.386   1.00 18.36  ? 143 PHE A O   1 
ATOM   911  C CB  . PHE A 1 122 ? 9.141   -6.425  6.032   1.00 20.12  ? 143 PHE A CB  1 
ATOM   912  C CG  . PHE A 1 122 ? 7.998   -6.344  5.058   1.00 20.15  ? 143 PHE A CG  1 
ATOM   913  C CD1 . PHE A 1 122 ? 7.767   -7.371  4.142   1.00 20.98  ? 143 PHE A CD1 1 
ATOM   914  C CD2 . PHE A 1 122 ? 7.134   -5.253  5.078   1.00 20.12  ? 143 PHE A CD2 1 
ATOM   915  C CE1 . PHE A 1 122 ? 6.701   -7.303  3.252   1.00 21.18  ? 143 PHE A CE1 1 
ATOM   916  C CE2 . PHE A 1 122 ? 6.060   -5.196  4.204   1.00 20.76  ? 143 PHE A CE2 1 
ATOM   917  C CZ  . PHE A 1 122 ? 5.854   -6.214  3.289   1.00 20.15  ? 143 PHE A CZ  1 
ATOM   918  N N   . ARG A 1 123 ? 10.308  -4.737  3.422   1.00 18.70  ? 144 ARG A N   1 
ATOM   919  C CA  . ARG A 1 123 ? 10.268  -3.532  2.571   1.00 19.30  ? 144 ARG A CA  1 
ATOM   920  C C   . ARG A 1 123 ? 9.263   -3.782  1.458   1.00 16.32  ? 144 ARG A C   1 
ATOM   921  O O   . ARG A 1 123 ? 9.249   -4.850  0.862   1.00 15.13  ? 144 ARG A O   1 
ATOM   922  C CB  . ARG A 1 123 ? 11.646  -3.231  1.970   1.00 22.67  ? 144 ARG A CB  1 
ATOM   923  C CG  . ARG A 1 123 ? 12.672  -2.741  2.980   1.00 26.42  ? 144 ARG A CG  1 
ATOM   924  C CD  . ARG A 1 123 ? 13.977  -2.219  2.366   1.00 31.51  ? 144 ARG A CD  1 
ATOM   925  N NE  . ARG A 1 123 ? 14.315  -2.830  1.070   1.00 35.14  ? 144 ARG A NE  1 
ATOM   926  C CZ  . ARG A 1 123 ? 14.249  -2.236  -0.134  1.00 36.47  ? 144 ARG A CZ  1 
ATOM   927  N NH1 . ARG A 1 123 ? 13.839  -0.977  -0.278  1.00 34.72  ? 144 ARG A NH1 1 
ATOM   928  N NH2 . ARG A 1 123 ? 14.590  -2.935  -1.217  1.00 36.59  ? 144 ARG A NH2 1 
ATOM   929  N N   . MET A 1 124 ? 8.392   -2.821  1.202   1.00 14.83  ? 145 MET A N   1 
ATOM   930  C CA  . MET A 1 124 ? 7.364   -3.027  0.184   1.00 15.07  ? 145 MET A CA  1 
ATOM   931  C C   . MET A 1 124 ? 6.903   -1.702  -0.410  1.00 14.29  ? 145 MET A C   1 
ATOM   932  O O   . MET A 1 124 ? 6.552   -0.797  0.319   1.00 15.16  ? 145 MET A O   1 
ATOM   933  C CB  . MET A 1 124 ? 6.166   -3.757  0.797   1.00 16.27  ? 145 MET A CB  1 
ATOM   934  C CG  . MET A 1 124 ? 5.008   -3.927  -0.165  1.00 17.55  ? 145 MET A CG  1 
ATOM   935  S SD  . MET A 1 124 ? 3.622   -4.899  0.408   1.00 20.11  ? 145 MET A SD  1 
ATOM   936  C CE  . MET A 1 124 ? 3.002   -3.822  1.671   1.00 20.67  ? 145 MET A CE  1 
ATOM   937  N N   . ALA A 1 125 ? 6.881   -1.627  -1.735  1.00 13.86  ? 146 ALA A N   1 
ATOM   938  C CA  . ALA A 1 125 ? 6.302   -0.519  -2.464  1.00 12.62  ? 146 ALA A CA  1 
ATOM   939  C C   . ALA A 1 125 ? 4.892   -0.911  -2.898  1.00 12.29  ? 146 ALA A C   1 
ATOM   940  O O   . ALA A 1 125 ? 4.658   -2.034  -3.350  1.00 11.29  ? 146 ALA A O   1 
ATOM   941  C CB  . ALA A 1 125 ? 7.162   -0.179  -3.685  1.00 12.02  ? 146 ALA A CB  1 
ATOM   942  N N   . THR A 1 126 ? 3.938   0.016   -2.790  1.00 12.23  ? 147 THR A N   1 
ATOM   943  C CA  . THR A 1 126 ? 2.566   -0.235  -3.228  1.00 11.86  ? 147 THR A CA  1 
ATOM   944  C C   . THR A 1 126 ? 2.091   0.850   -4.210  1.00 11.02  ? 147 THR A C   1 
ATOM   945  O O   . THR A 1 126 ? 2.361   2.029   -4.018  1.00 10.57  ? 147 THR A O   1 
ATOM   946  C CB  . THR A 1 126 ? 1.645   -0.287  -1.991  1.00 13.34  ? 147 THR A CB  1 
ATOM   947  O OG1 . THR A 1 126 ? 2.143   -1.291  -1.088  1.00 14.88  ? 147 THR A OG1 1 
ATOM   948  C CG2 . THR A 1 126 ? 0.192   -0.605  -2.377  1.00 14.32  ? 147 THR A CG2 1 
ATOM   949  N N   . LEU A 1 127 ? 1.367   0.439   -5.235  1.00 10.88  ? 148 LEU A N   1 
ATOM   950  C CA  . LEU A 1 127 ? 0.681   1.369   -6.157  1.00 10.79  ? 148 LEU A CA  1 
ATOM   951  C C   . LEU A 1 127 ? -0.793  1.337   -5.835  1.00 11.32  ? 148 LEU A C   1 
ATOM   952  O O   . LEU A 1 127 ? -1.428  0.280   -5.949  1.00 10.70  ? 148 LEU A O   1 
ATOM   953  C CB  . LEU A 1 127 ? 0.829   0.916   -7.593  1.00 11.04  ? 148 LEU A CB  1 
ATOM   954  C CG  . LEU A 1 127 ? 0.070   1.702   -8.636  1.00 10.83  ? 148 LEU A CG  1 
ATOM   955  C CD1 . LEU A 1 127 ? 0.535   3.171   -8.648  1.00 10.64  ? 148 LEU A CD1 1 
ATOM   956  C CD2 . LEU A 1 127 ? 0.251   1.061   -10.013 1.00 11.21  ? 148 LEU A CD2 1 
ATOM   957  N N   . TYR A 1 128 ? -1.326  2.493   -5.450  1.00 11.70  ? 149 TYR A N   1 
ATOM   958  C CA  . TYR A 1 128 ? -2.761  2.720   -5.352  1.00 12.34  ? 149 TYR A CA  1 
ATOM   959  C C   . TYR A 1 128 ? -3.262  3.527   -6.554  1.00 11.20  ? 149 TYR A C   1 
ATOM   960  O O   . TYR A 1 128 ? -2.659  4.521   -6.959  1.00 10.56  ? 149 TYR A O   1 
ATOM   961  C CB  . TYR A 1 128 ? -3.084  3.485   -4.073  1.00 13.91  ? 149 TYR A CB  1 
ATOM   962  C CG  . TYR A 1 128 ? -3.357  2.641   -2.851  1.00 17.55  ? 149 TYR A CG  1 
ATOM   963  C CD1 . TYR A 1 128 ? -3.037  1.287   -2.815  1.00 19.80  ? 149 TYR A CD1 1 
ATOM   964  C CD2 . TYR A 1 128 ? -3.955  3.213   -1.717  1.00 20.66  ? 149 TYR A CD2 1 
ATOM   965  C CE1 . TYR A 1 128 ? -3.296  0.513   -1.673  1.00 22.78  ? 149 TYR A CE1 1 
ATOM   966  C CE2 . TYR A 1 128 ? -4.211  2.447   -0.573  1.00 23.07  ? 149 TYR A CE2 1 
ATOM   967  C CZ  . TYR A 1 128 ? -3.876  1.105   -0.557  1.00 24.82  ? 149 TYR A CZ  1 
ATOM   968  O OH  . TYR A 1 128 ? -4.148  0.354   0.591   1.00 31.93  ? 149 TYR A OH  1 
ATOM   969  N N   . SER A 1 129 ? -4.403  3.117   -7.068  1.00 10.89  ? 150 SER A N   1 
ATOM   970  C CA  . SER A 1 129 ? -5.016  3.675   -8.240  1.00 11.06  ? 150 SER A CA  1 
ATOM   971  C C   . SER A 1 129 ? -6.479  3.997   -7.943  1.00 10.91  ? 150 SER A C   1 
ATOM   972  O O   . SER A 1 129 ? -7.150  3.175   -7.332  1.00 9.87   ? 150 SER A O   1 
ATOM   973  C CB  . SER A 1 129 ? -4.941  2.608   -9.335  1.00 12.40  ? 150 SER A CB  1 
ATOM   974  O OG  . SER A 1 129 ? -5.365  3.179   -10.523 1.00 15.26  ? 150 SER A OG  1 
ATOM   975  N N   . ARG A 1 130 ? -6.982  5.149   -8.386  1.00 10.90  ? 151 ARG A N   1 
ATOM   976  C CA  . ARG A 1 130 ? -8.412  5.475   -8.212  1.00 11.73  ? 151 ARG A CA  1 
ATOM   977  C C   . ARG A 1 130 ? -9.297  4.634   -9.141  1.00 13.40  ? 151 ARG A C   1 
ATOM   978  O O   . ARG A 1 130 ? -10.481 4.448   -8.873  1.00 13.41  ? 151 ARG A O   1 
ATOM   979  C CB  . ARG A 1 130 ? -8.682  6.973   -8.434  1.00 11.78  ? 151 ARG A CB  1 
ATOM   980  C CG  . ARG A 1 130 ? -8.140  7.841   -7.308  1.00 10.66  ? 151 ARG A CG  1 
ATOM   981  C CD  . ARG A 1 130 ? -8.844  7.596   -5.966  1.00 10.81  ? 151 ARG A CD  1 
ATOM   982  N NE  . ARG A 1 130 ? -8.525  8.686   -5.030  1.00 10.53  ? 151 ARG A NE  1 
ATOM   983  C CZ  . ARG A 1 130 ? -8.973  8.796   -3.784  1.00 10.18  ? 151 ARG A CZ  1 
ATOM   984  N NH1 . ARG A 1 130 ? -9.827  7.914   -3.270  1.00 11.27  ? 151 ARG A NH1 1 
ATOM   985  N NH2 . ARG A 1 130 ? -8.624  9.833   -3.059  1.00 9.59   ? 151 ARG A NH2 1 
ATOM   986  N N   . THR A 1 131 ? -8.743  4.144   -10.241 1.00 14.67  ? 152 THR A N   1 
ATOM   987  C CA  . THR A 1 131 ? -9.516  3.224   -11.092 1.00 17.10  ? 152 THR A CA  1 
ATOM   988  C C   . THR A 1 131 ? -8.900  1.853   -11.064 1.00 16.29  ? 152 THR A C   1 
ATOM   989  O O   . THR A 1 131 ? -7.753  1.686   -10.661 1.00 15.15  ? 152 THR A O   1 
ATOM   990  C CB  . THR A 1 131 ? -9.639  3.715   -12.551 1.00 19.19  ? 152 THR A CB  1 
ATOM   991  O OG1 . THR A 1 131 ? -8.420  3.467   -13.248 1.00 22.37  ? 152 THR A OG1 1 
ATOM   992  C CG2 . THR A 1 131 ? -9.932  5.188   -12.584 1.00 21.24  ? 152 THR A CG2 1 
ATOM   993  N N   . GLN A 1 132 ? -9.671  0.863   -11.522 1.00 17.36  ? 153 GLN A N   1 
ATOM   994  C CA  . GLN A 1 132 ? -9.190  -0.521  -11.608 1.00 18.89  ? 153 GLN A CA  1 
ATOM   995  C C   . GLN A 1 132 ? -8.283  -0.792  -12.793 1.00 19.62  ? 153 GLN A C   1 
ATOM   996  O O   . GLN A 1 132 ? -7.721  -1.906  -12.899 1.00 18.81  ? 153 GLN A O   1 
ATOM   997  C CB  . GLN A 1 132 ? -10.382 -1.481  -11.691 1.00 22.54  ? 153 GLN A CB  1 
ATOM   998  C CG  . GLN A 1 132 ? -11.026 -1.697  -10.337 1.00 25.24  ? 153 GLN A CG  1 
ATOM   999  C CD  . GLN A 1 132 ? -12.359 -2.414  -10.437 1.00 30.41  ? 153 GLN A CD  1 
ATOM   1000 O OE1 . GLN A 1 132 ? -13.375 -1.810  -10.814 1.00 32.26  ? 153 GLN A OE1 1 
ATOM   1001 N NE2 . GLN A 1 132 ? -12.372 -3.687  -10.075 1.00 32.05  ? 153 GLN A NE2 1 
ATOM   1002 N N   . THR A 1 133 ? -8.153  0.193   -13.680 1.00 18.73  ? 154 THR A N   1 
ATOM   1003 C CA  . THR A 1 133 ? -7.284  0.069   -14.858 1.00 20.70  ? 154 THR A CA  1 
ATOM   1004 C C   . THR A 1 133 ? -6.222  1.169   -14.875 1.00 19.47  ? 154 THR A C   1 
ATOM   1005 O O   . THR A 1 133 ? -6.423  2.204   -15.482 1.00 21.41  ? 154 THR A O   1 
ATOM   1006 C CB  . THR A 1 133 ? -8.105  0.158   -16.154 1.00 22.00  ? 154 THR A CB  1 
ATOM   1007 O OG1 . THR A 1 133 ? -9.116  -0.857  -16.154 1.00 25.79  ? 154 THR A OG1 1 
ATOM   1008 C CG2 . THR A 1 133 ? -7.224  -0.074  -17.347 1.00 23.86  ? 154 THR A CG2 1 
ATOM   1009 N N   . PRO A 1 134 ? -5.089  0.953   -14.193 1.00 19.10  ? 155 PRO A N   1 
ATOM   1010 C CA  . PRO A 1 134 ? -4.056  1.980   -14.246 1.00 18.86  ? 155 PRO A CA  1 
ATOM   1011 C C   . PRO A 1 134 ? -3.461  2.165   -15.668 1.00 18.72  ? 155 PRO A C   1 
ATOM   1012 O O   . PRO A 1 134 ? -3.136  1.188   -16.356 1.00 18.55  ? 155 PRO A O   1 
ATOM   1013 C CB  . PRO A 1 134 ? -2.997  1.469   -13.268 1.00 18.64  ? 155 PRO A CB  1 
ATOM   1014 C CG  . PRO A 1 134 ? -3.202  0.011   -13.216 1.00 19.25  ? 155 PRO A CG  1 
ATOM   1015 C CD  . PRO A 1 134 ? -4.663  -0.215  -13.400 1.00 19.10  ? 155 PRO A CD  1 
ATOM   1016 N N   . ARG A 1 135 ? -3.323  3.417   -16.091 1.00 17.58  ? 156 ARG A N   1 
ATOM   1017 C CA  . ARG A 1 135 ? -2.818  3.720   -17.403 1.00 17.15  ? 156 ARG A CA  1 
ATOM   1018 C C   . ARG A 1 135 ? -1.343  3.346   -17.484 1.00 16.30  ? 156 ARG A C   1 
ATOM   1019 O O   . ARG A 1 135 ? -0.666  3.209   -16.485 1.00 14.48  ? 156 ARG A O   1 
ATOM   1020 C CB  . ARG A 1 135 ? -3.058  5.206   -17.774 1.00 18.72  ? 156 ARG A CB  1 
ATOM   1021 C CG  . ARG A 1 135 ? -2.395  6.217   -16.862 1.00 19.89  ? 156 ARG A CG  1 
ATOM   1022 C CD  . ARG A 1 135 ? -2.882  7.643   -17.089 1.00 22.23  ? 156 ARG A CD  1 
ATOM   1023 N NE  . ARG A 1 135 ? -2.553  8.118   -18.442 1.00 24.53  ? 156 ARG A NE  1 
ATOM   1024 C CZ  . ARG A 1 135 ? -3.169  9.119   -19.094 1.00 25.87  ? 156 ARG A CZ  1 
ATOM   1025 N NH1 . ARG A 1 135 ? -4.164  9.813   -18.531 1.00 26.32  ? 156 ARG A NH1 1 
ATOM   1026 N NH2 . ARG A 1 135 ? -2.776  9.443   -20.334 1.00 25.62  ? 156 ARG A NH2 1 
ATOM   1027 N N   . ALA A 1 136 ? -0.878  3.146   -18.703 1.00 15.23  ? 157 ALA A N   1 
ATOM   1028 C CA  . ALA A 1 136 ? 0.492   2.736   -18.943 1.00 15.09  ? 157 ALA A CA  1 
ATOM   1029 C C   . ALA A 1 136 ? 1.519   3.665   -18.278 1.00 13.75  ? 157 ALA A C   1 
ATOM   1030 O O   . ALA A 1 136 ? 2.493   3.189   -17.727 1.00 13.59  ? 157 ALA A O   1 
ATOM   1031 C CB  . ALA A 1 136 ? 0.736   2.657   -20.422 1.00 16.05  ? 157 ALA A CB  1 
ATOM   1032 N N   . GLU A 1 137 ? 1.277   4.976   -18.327 1.00 13.30  ? 158 GLU A N   1 
ATOM   1033 C CA  . GLU A 1 137 ? 2.179   5.951   -17.746 1.00 13.70  ? 158 GLU A CA  1 
ATOM   1034 C C   . GLU A 1 137 ? 2.310   5.768   -16.239 1.00 12.99  ? 158 GLU A C   1 
ATOM   1035 O O   . GLU A 1 137 ? 3.408   5.960   -15.682 1.00 13.13  ? 158 GLU A O   1 
ATOM   1036 C CB  . GLU A 1 137 ? 1.712   7.373   -18.055 1.00 14.75  ? 158 GLU A CB  1 
ATOM   1037 C CG  . GLU A 1 137 ? 1.747   7.689   -19.552 1.00 15.47  ? 158 GLU A CG  1 
ATOM   1038 C CD  . GLU A 1 137 ? 0.377   7.544   -20.212 1.00 16.95  ? 158 GLU A CD  1 
ATOM   1039 O OE1 . GLU A 1 137 ? -0.400  6.652   -19.779 1.00 14.32  ? 158 GLU A OE1 1 
ATOM   1040 O OE2 . GLU A 1 137 ? 0.077   8.334   -21.159 1.00 18.72  ? 158 GLU A OE2 1 
ATOM   1041 N N   . LEU A 1 138 ? 1.205   5.392   -15.595 1.00 11.85  ? 159 LEU A N   1 
ATOM   1042 C CA  . LEU A 1 138 ? 1.219   5.090   -14.157 1.00 12.43  ? 159 LEU A CA  1 
ATOM   1043 C C   . LEU A 1 138 ? 1.979   3.811   -13.842 1.00 12.97  ? 159 LEU A C   1 
ATOM   1044 O O   . LEU A 1 138 ? 2.743   3.754   -12.861 1.00 12.88  ? 159 LEU A O   1 
ATOM   1045 C CB  . LEU A 1 138 ? -0.200  5.066   -13.591 1.00 12.81  ? 159 LEU A CB  1 
ATOM   1046 C CG  . LEU A 1 138 ? -0.341  4.712   -12.100 1.00 13.45  ? 159 LEU A CG  1 
ATOM   1047 C CD1 . LEU A 1 138 ? 0.488   5.680   -11.276 1.00 14.24  ? 159 LEU A CD1 1 
ATOM   1048 C CD2 . LEU A 1 138 ? -1.797  4.755   -11.666 1.00 14.38  ? 159 LEU A CD2 1 
ATOM   1049 N N   . LYS A 1 139 ? 1.809   2.789   -14.675 1.00 13.79  ? 160 LYS A N   1 
ATOM   1050 C CA  . LYS A 1 139 ? 2.565   1.557   -14.502 1.00 15.56  ? 160 LYS A CA  1 
ATOM   1051 C C   . LYS A 1 139 ? 4.065   1.818   -14.690 1.00 14.89  ? 160 LYS A C   1 
ATOM   1052 O O   . LYS A 1 139 ? 4.898   1.341   -13.919 1.00 14.45  ? 160 LYS A O   1 
ATOM   1053 C CB  . LYS A 1 139 ? 2.042   0.466   -15.451 1.00 17.11  ? 160 LYS A CB  1 
ATOM   1054 C CG  . LYS A 1 139 ? 0.592   0.103   -15.132 1.00 19.74  ? 160 LYS A CG  1 
ATOM   1055 C CD  . LYS A 1 139 ? 0.083   -1.140  -15.815 1.00 23.73  ? 160 LYS A CD  1 
ATOM   1056 C CE  . LYS A 1 139 ? 0.016   -1.040  -17.321 1.00 27.15  ? 160 LYS A CE  1 
ATOM   1057 N NZ  . LYS A 1 139 ? -0.825  -2.150  -17.875 1.00 29.39  ? 160 LYS A NZ  1 
ATOM   1058 N N   . GLU A 1 140 ? 4.413   2.602   -15.696 1.00 15.21  ? 161 GLU A N   1 
ATOM   1059 C CA  . GLU A 1 140 ? 5.787   3.063   -15.874 1.00 15.91  ? 161 GLU A CA  1 
ATOM   1060 C C   . GLU A 1 140 ? 6.331   3.851   -14.699 1.00 14.35  ? 161 GLU A C   1 
ATOM   1061 O O   . GLU A 1 140 ? 7.484   3.643   -14.294 1.00 14.17  ? 161 GLU A O   1 
ATOM   1062 C CB  . GLU A 1 140 ? 5.901   3.902   -17.158 1.00 19.74  ? 161 GLU A CB  1 
ATOM   1063 C CG  . GLU A 1 140 ? 5.675   3.022   -18.384 1.00 24.49  ? 161 GLU A CG  1 
ATOM   1064 C CD  . GLU A 1 140 ? 5.677   3.770   -19.709 1.00 30.51  ? 161 GLU A CD  1 
ATOM   1065 O OE1 . GLU A 1 140 ? 5.926   4.996   -19.731 1.00 36.24  ? 161 GLU A OE1 1 
ATOM   1066 O OE2 . GLU A 1 140 ? 5.416   3.108   -20.738 1.00 37.53  ? 161 GLU A OE2 1 
ATOM   1067 N N   . LYS A 1 141 ? 5.511   4.752   -14.137 1.00 12.53  ? 162 LYS A N   1 
ATOM   1068 C CA  . LYS A 1 141 ? 5.869   5.477   -12.906 1.00 11.85  ? 162 LYS A CA  1 
ATOM   1069 C C   . LYS A 1 141 ? 6.152   4.492   -11.775 1.00 11.78  ? 162 LYS A C   1 
ATOM   1070 O O   . LYS A 1 141 ? 7.139   4.623   -11.050 1.00 11.68  ? 162 LYS A O   1 
ATOM   1071 C CB  . LYS A 1 141 ? 4.781   6.482   -12.501 1.00 11.62  ? 162 LYS A CB  1 
ATOM   1072 C CG  . LYS A 1 141 ? 4.993   7.160   -11.148 1.00 12.50  ? 162 LYS A CG  1 
ATOM   1073 C CD  . LYS A 1 141 ? 3.947   8.225   -10.844 1.00 11.84  ? 162 LYS A CD  1 
ATOM   1074 C CE  . LYS A 1 141 ? 4.179   9.489   -11.652 1.00 11.56  ? 162 LYS A CE  1 
ATOM   1075 N NZ  . LYS A 1 141 ? 5.288   10.253  -11.048 1.00 12.08  ? 162 LYS A NZ  1 
ATOM   1076 N N   . PHE A 1 142 ? 5.285   3.508   -11.603 1.00 11.26  ? 163 PHE A N   1 
ATOM   1077 C CA  . PHE A 1 142 ? 5.475   2.598   -10.486 1.00 11.50  ? 163 PHE A CA  1 
ATOM   1078 C C   . PHE A 1 142 ? 6.734   1.760   -10.658 1.00 11.56  ? 163 PHE A C   1 
ATOM   1079 O O   . PHE A 1 142 ? 7.504   1.562   -9.719  1.00 10.82  ? 163 PHE A O   1 
ATOM   1080 C CB  . PHE A 1 142 ? 4.270   1.682   -10.326 1.00 11.57  ? 163 PHE A CB  1 
ATOM   1081 C CG  . PHE A 1 142 ? 4.361   0.776   -9.117  1.00 11.40  ? 163 PHE A CG  1 
ATOM   1082 C CD1 . PHE A 1 142 ? 4.427   1.321   -7.843  1.00 11.87  ? 163 PHE A CD1 1 
ATOM   1083 C CD2 . PHE A 1 142 ? 4.299   -0.603  -9.258  1.00 11.71  ? 163 PHE A CD2 1 
ATOM   1084 C CE1 . PHE A 1 142 ? 4.499   0.509   -6.720  1.00 11.75  ? 163 PHE A CE1 1 
ATOM   1085 C CE2 . PHE A 1 142 ? 4.378   -1.425  -8.146  1.00 11.86  ? 163 PHE A CE2 1 
ATOM   1086 C CZ  . PHE A 1 142 ? 4.469   -0.857  -6.886  1.00 11.62  ? 163 PHE A CZ  1 
ATOM   1087 N N   . THR A 1 143 ? 6.953   1.246   -11.854 1.00 12.51  ? 164 THR A N   1 
ATOM   1088 C CA  . THR A 1 143 ? 8.165   0.478   -12.085 1.00 12.84  ? 164 THR A CA  1 
ATOM   1089 C C   . THR A 1 143 ? 9.387   1.308   -11.734 1.00 12.32  ? 164 THR A C   1 
ATOM   1090 O O   . THR A 1 143 ? 10.350  0.784   -11.142 1.00 12.85  ? 164 THR A O   1 
ATOM   1091 C CB  . THR A 1 143 ? 8.260   0.014   -13.547 1.00 13.84  ? 164 THR A CB  1 
ATOM   1092 O OG1 . THR A 1 143 ? 7.228   -0.913  -13.813 1.00 14.55  ? 164 THR A OG1 1 
ATOM   1093 C CG2 . THR A 1 143 ? 9.613   -0.657  -13.815 1.00 15.18  ? 164 THR A CG2 1 
ATOM   1094 N N   . ALA A 1 144 ? 9.385   2.584   -12.136 1.00 12.34  ? 165 ALA A N   1 
ATOM   1095 C CA  . ALA A 1 144 ? 10.514  3.479   -11.897 1.00 11.81  ? 165 ALA A CA  1 
ATOM   1096 C C   . ALA A 1 144 ? 10.678  3.742   -10.390 1.00 12.23  ? 165 ALA A C   1 
ATOM   1097 O O   . ALA A 1 144 ? 11.813  3.805   -9.854  1.00 10.44  ? 165 ALA A O   1 
ATOM   1098 C CB  . ALA A 1 144 ? 10.358  4.785   -12.684 1.00 12.02  ? 165 ALA A CB  1 
ATOM   1099 N N   . PHE A 1 145 ? 9.538   3.886   -9.723  1.00 12.45  ? 166 PHE A N   1 
ATOM   1100 C CA  . PHE A 1 145 ? 9.507   4.111   -8.264  1.00 12.96  ? 166 PHE A CA  1 
ATOM   1101 C C   . PHE A 1 145 ? 10.149  2.927   -7.544  1.00 13.28  ? 166 PHE A C   1 
ATOM   1102 O O   . PHE A 1 145 ? 11.018  3.108   -6.689  1.00 14.53  ? 166 PHE A O   1 
ATOM   1103 C CB  . PHE A 1 145 ? 8.038   4.340   -7.801  1.00 13.30  ? 166 PHE A CB  1 
ATOM   1104 C CG  . PHE A 1 145 ? 7.868   4.366   -6.286  1.00 13.90  ? 166 PHE A CG  1 
ATOM   1105 C CD1 . PHE A 1 145 ? 8.424   5.374   -5.542  1.00 15.45  ? 166 PHE A CD1 1 
ATOM   1106 C CD2 . PHE A 1 145 ? 7.141   3.384   -5.635  1.00 14.13  ? 166 PHE A CD2 1 
ATOM   1107 C CE1 . PHE A 1 145 ? 8.266   5.419   -4.137  1.00 16.25  ? 166 PHE A CE1 1 
ATOM   1108 C CE2 . PHE A 1 145 ? 6.987   3.408   -4.245  1.00 14.99  ? 166 PHE A CE2 1 
ATOM   1109 C CZ  . PHE A 1 145 ? 7.551   4.420   -3.504  1.00 15.37  ? 166 PHE A CZ  1 
ATOM   1110 N N   . CYS A 1 146 ? 9.736   1.717   -7.911  1.00 14.39  ? 167 CYS A N   1 
ATOM   1111 C CA  . CYS A 1 146 ? 10.261  0.483   -7.345  1.00 14.46  ? 167 CYS A CA  1 
ATOM   1112 C C   . CYS A 1 146 ? 11.770  0.304   -7.548  1.00 17.39  ? 167 CYS A C   1 
ATOM   1113 O O   . CYS A 1 146 ? 12.470  -0.138  -6.631  1.00 17.01  ? 167 CYS A O   1 
ATOM   1114 C CB  . CYS A 1 146 ? 9.547   -0.706  -7.945  1.00 14.22  ? 167 CYS A CB  1 
ATOM   1115 S SG  . CYS A 1 146 ? 7.824   -0.825  -7.405  1.00 14.51  ? 167 CYS A SG  1 
ATOM   1116 N N   . LYS A 1 147 ? 12.242  0.631   -8.747  1.00 17.90  ? 168 LYS A N   1 
ATOM   1117 C CA  . LYS A 1 147 ? 13.673  0.614   -9.041  1.00 20.23  ? 168 LYS A CA  1 
ATOM   1118 C C   . LYS A 1 147 ? 14.441  1.562   -8.165  1.00 19.54  ? 168 LYS A C   1 
ATOM   1119 O O   . LYS A 1 147 ? 15.525  1.200   -7.673  1.00 18.74  ? 168 LYS A O   1 
ATOM   1120 C CB  . LYS A 1 147 ? 13.917  0.984   -10.493 1.00 23.00  ? 168 LYS A CB  1 
ATOM   1121 C CG  . LYS A 1 147 ? 13.853  -0.160  -11.420 1.00 27.64  ? 168 LYS A CG  1 
ATOM   1122 C CD  . LYS A 1 147 ? 14.542  0.209   -12.715 1.00 30.97  ? 168 LYS A CD  1 
ATOM   1123 C CE  . LYS A 1 147 ? 13.989  -0.644  -13.824 1.00 33.80  ? 168 LYS A CE  1 
ATOM   1124 N NZ  . LYS A 1 147 ? 14.768  -0.335  -15.054 1.00 35.98  ? 168 LYS A NZ  1 
ATOM   1125 N N   . ALA A 1 148 ? 13.880  2.754   -7.923  1.00 19.78  ? 169 ALA A N   1 
ATOM   1126 C CA  . ALA A 1 148 ? 14.496  3.728   -7.042  1.00 22.32  ? 169 ALA A CA  1 
ATOM   1127 C C   . ALA A 1 148 ? 14.594  3.180   -5.614  1.00 25.24  ? 169 ALA A C   1 
ATOM   1128 O O   . ALA A 1 148 ? 15.503  3.558   -4.867  1.00 23.45  ? 169 ALA A O   1 
ATOM   1129 C CB  . ALA A 1 148 ? 13.742  5.040   -7.044  1.00 21.45  ? 169 ALA A CB  1 
ATOM   1130 N N   . GLN A 1 149 ? 13.677  2.269   -5.270  1.00 27.77  ? 170 GLN A N   1 
ATOM   1131 C CA  . GLN A 1 149 ? 13.635  1.679   -3.934  1.00 29.36  ? 170 GLN A CA  1 
ATOM   1132 C C   . GLN A 1 149 ? 14.421  0.368   -3.826  1.00 30.94  ? 170 GLN A C   1 
ATOM   1133 O O   . GLN A 1 149 ? 14.550  -0.180  -2.732  1.00 34.49  ? 170 GLN A O   1 
ATOM   1134 C CB  . GLN A 1 149 ? 12.175  1.495   -3.506  1.00 29.89  ? 170 GLN A CB  1 
ATOM   1135 C CG  . GLN A 1 149 ? 11.396  2.797   -3.376  1.00 30.88  ? 170 GLN A CG  1 
ATOM   1136 C CD  . GLN A 1 149 ? 12.096  3.809   -2.496  1.00 33.61  ? 170 GLN A CD  1 
ATOM   1137 O OE1 . GLN A 1 149 ? 12.293  4.954   -2.884  1.00 36.51  ? 170 GLN A OE1 1 
ATOM   1138 N NE2 . GLN A 1 149 ? 12.502  3.379   -1.309  1.00 36.97  ? 170 GLN A NE2 1 
ATOM   1139 N N   . GLY A 1 150 ? 14.930  -0.139  -4.954  1.00 29.98  ? 171 GLY A N   1 
ATOM   1140 C CA  . GLY A 1 150 ? 15.861  -1.256  -4.966  1.00 29.21  ? 171 GLY A CA  1 
ATOM   1141 C C   . GLY A 1 150 ? 15.245  -2.588  -5.290  1.00 29.00  ? 171 GLY A C   1 
ATOM   1142 O O   . GLY A 1 150 ? 15.869  -3.624  -5.066  1.00 32.14  ? 171 GLY A O   1 
ATOM   1143 N N   . PHE A 1 151 ? 14.030  -2.584  -5.836  1.00 26.33  ? 172 PHE A N   1 
ATOM   1144 C CA  . PHE A 1 151 ? 13.395  -3.811  -6.232  1.00 26.14  ? 172 PHE A CA  1 
ATOM   1145 C C   . PHE A 1 151 ? 13.783  -4.165  -7.668  1.00 31.76  ? 172 PHE A C   1 
ATOM   1146 O O   . PHE A 1 151 ? 13.767  -3.315  -8.551  1.00 33.03  ? 172 PHE A O   1 
ATOM   1147 C CB  . PHE A 1 151 ? 11.869  -3.697  -6.057  1.00 23.91  ? 172 PHE A CB  1 
ATOM   1148 C CG  . PHE A 1 151 ? 11.451  -3.410  -4.633  1.00 21.71  ? 172 PHE A CG  1 
ATOM   1149 C CD1 . PHE A 1 151 ? 11.588  -4.384  -3.641  1.00 22.17  ? 172 PHE A CD1 1 
ATOM   1150 C CD2 . PHE A 1 151 ? 10.989  -2.173  -4.266  1.00 21.14  ? 172 PHE A CD2 1 
ATOM   1151 C CE1 . PHE A 1 151 ? 11.216  -4.120  -2.334  1.00 21.12  ? 172 PHE A CE1 1 
ATOM   1152 C CE2 . PHE A 1 151 ? 10.607  -1.909  -2.966  1.00 21.18  ? 172 PHE A CE2 1 
ATOM   1153 C CZ  . PHE A 1 151 ? 10.724  -2.883  -1.996  1.00 20.54  ? 172 PHE A CZ  1 
ATOM   1154 N N   . THR A 1 152 ? 14.142  -5.426  -7.881  1.00 37.14  ? 173 THR A N   1 
ATOM   1155 C CA  . THR A 1 152 ? 14.419  -5.934  -9.216  1.00 41.38  ? 173 THR A CA  1 
ATOM   1156 C C   . THR A 1 152 ? 13.106  -6.189  -9.935  1.00 43.98  ? 173 THR A C   1 
ATOM   1157 O O   . THR A 1 152 ? 12.056  -6.314  -9.307  1.00 41.52  ? 173 THR A O   1 
ATOM   1158 C CB  . THR A 1 152 ? 15.201  -7.259  -9.183  1.00 41.54  ? 173 THR A CB  1 
ATOM   1159 O OG1 . THR A 1 152 ? 14.499  -8.212  -8.379  1.00 43.24  ? 173 THR A OG1 1 
ATOM   1160 C CG2 . THR A 1 152 ? 16.603  -7.061  -8.629  1.00 43.50  ? 173 THR A CG2 1 
ATOM   1161 N N   . GLU A 1 153 ? 13.190  -6.323  -11.253 1.00 47.88  ? 174 GLU A N   1 
ATOM   1162 C CA  . GLU A 1 153 ? 12.015  -6.425  -12.106 1.00 48.33  ? 174 GLU A CA  1 
ATOM   1163 C C   . GLU A 1 153 ? 11.070  -7.566  -11.738 1.00 46.61  ? 174 GLU A C   1 
ATOM   1164 O O   . GLU A 1 153 ? 9.857   -7.385  -11.766 1.00 43.93  ? 174 GLU A O   1 
ATOM   1165 C CB  . GLU A 1 153 ? 12.443  -6.545  -13.573 1.00 53.04  ? 174 GLU A CB  1 
ATOM   1166 C CG  . GLU A 1 153 ? 13.080  -5.275  -14.141 1.00 57.04  ? 174 GLU A CG  1 
ATOM   1167 C CD  . GLU A 1 153 ? 12.064  -4.224  -14.571 1.00 59.62  ? 174 GLU A CD  1 
ATOM   1168 O OE1 . GLU A 1 153 ? 10.938  -4.199  -14.029 1.00 61.16  ? 174 GLU A OE1 1 
ATOM   1169 O OE2 . GLU A 1 153 ? 12.396  -3.413  -15.464 1.00 64.76  ? 174 GLU A OE2 1 
ATOM   1170 N N   . ASP A 1 154 ? 11.607  -8.733  -11.385 1.00 43.85  ? 175 ASP A N   1 
ATOM   1171 C CA  . ASP A 1 154 ? 10.748  -9.884  -11.085 1.00 42.66  ? 175 ASP A CA  1 
ATOM   1172 C C   . ASP A 1 154 ? 10.149  -9.840  -9.689  1.00 38.24  ? 175 ASP A C   1 
ATOM   1173 O O   . ASP A 1 154 ? 9.384   -10.740 -9.317  1.00 42.22  ? 175 ASP A O   1 
ATOM   1174 C CB  . ASP A 1 154 ? 11.485  -11.219 -11.289 1.00 46.99  ? 175 ASP A CB  1 
ATOM   1175 C CG  . ASP A 1 154 ? 11.702  -11.556 -12.763 1.00 51.71  ? 175 ASP A CG  1 
ATOM   1176 O OD1 . ASP A 1 154 ? 11.584  -10.653 -13.634 1.00 57.80  ? 175 ASP A OD1 1 
ATOM   1177 O OD2 . ASP A 1 154 ? 11.990  -12.737 -13.056 1.00 57.01  ? 175 ASP A OD2 1 
ATOM   1178 N N   . THR A 1 155 ? 10.498  -8.820  -8.906  1.00 31.90  ? 176 THR A N   1 
ATOM   1179 C CA  . THR A 1 155 ? 9.830   -8.605  -7.633  1.00 28.60  ? 176 THR A CA  1 
ATOM   1180 C C   . THR A 1 155 ? 8.650   -7.649  -7.795  1.00 24.61  ? 176 THR A C   1 
ATOM   1181 O O   . THR A 1 155 ? 7.925   -7.467  -6.851  1.00 25.85  ? 176 THR A O   1 
ATOM   1182 C CB  . THR A 1 155 ? 10.770  -8.080  -6.499  1.00 28.77  ? 176 THR A CB  1 
ATOM   1183 O OG1 . THR A 1 155 ? 11.077  -6.707  -6.703  1.00 28.71  ? 176 THR A OG1 1 
ATOM   1184 C CG2 . THR A 1 155 ? 12.078  -8.876  -6.429  1.00 29.50  ? 176 THR A CG2 1 
ATOM   1185 N N   . ILE A 1 156 ? 8.481   -7.030  -8.964  1.00 22.75  ? 177 ILE A N   1 
ATOM   1186 C CA  . ILE A 1 156 ? 7.410   -6.024  -9.176  1.00 22.26  ? 177 ILE A CA  1 
ATOM   1187 C C   . ILE A 1 156 ? 6.221   -6.727  -9.799  1.00 21.70  ? 177 ILE A C   1 
ATOM   1188 O O   . ILE A 1 156 ? 6.358   -7.404  -10.813 1.00 23.75  ? 177 ILE A O   1 
ATOM   1189 C CB  . ILE A 1 156 ? 7.869   -4.851  -10.064 1.00 22.27  ? 177 ILE A CB  1 
ATOM   1190 C CG1 . ILE A 1 156 ? 9.001   -4.083  -9.389  1.00 22.17  ? 177 ILE A CG1 1 
ATOM   1191 C CG2 . ILE A 1 156 ? 6.730   -3.874  -10.337 1.00 22.94  ? 177 ILE A CG2 1 
ATOM   1192 C CD1 . ILE A 1 156 ? 9.905   -3.367  -10.358 1.00 23.51  ? 177 ILE A CD1 1 
ATOM   1193 N N   . VAL A 1 157 ? 5.053   -6.578  -9.181  1.00 20.82  ? 178 VAL A N   1 
ATOM   1194 C CA  . VAL A 1 157 ? 3.863   -7.277  -9.616  1.00 20.04  ? 178 VAL A CA  1 
ATOM   1195 C C   . VAL A 1 157 ? 2.759   -6.285  -9.878  1.00 18.04  ? 178 VAL A C   1 
ATOM   1196 O O   . VAL A 1 157 ? 2.430   -5.517  -8.990  1.00 15.04  ? 178 VAL A O   1 
ATOM   1197 C CB  . VAL A 1 157 ? 3.377   -8.253  -8.524  1.00 23.33  ? 178 VAL A CB  1 
ATOM   1198 C CG1 . VAL A 1 157 ? 2.358   -9.221  -9.092  1.00 23.89  ? 178 VAL A CG1 1 
ATOM   1199 C CG2 . VAL A 1 157 ? 4.557   -8.987  -7.913  1.00 26.66  ? 178 VAL A CG2 1 
ATOM   1200 N N   . PHE A 1 158 ? 2.172   -6.314  -11.076 1.00 16.22  ? 179 PHE A N   1 
ATOM   1201 C CA  . PHE A 1 158 ? 0.924   -5.596  -11.310 1.00 15.72  ? 179 PHE A CA  1 
ATOM   1202 C C   . PHE A 1 158 ? -0.245  -6.555  -11.122 1.00 18.16  ? 179 PHE A C   1 
ATOM   1203 O O   . PHE A 1 158 ? -0.253  -7.672  -11.658 1.00 18.41  ? 179 PHE A O   1 
ATOM   1204 C CB  . PHE A 1 158 ? 0.905   -4.929  -12.680 1.00 16.40  ? 179 PHE A CB  1 
ATOM   1205 C CG  . PHE A 1 158 ? 1.876   -3.793  -12.791 1.00 14.88  ? 179 PHE A CG  1 
ATOM   1206 C CD1 . PHE A 1 158 ? 1.578   -2.548  -12.263 1.00 15.27  ? 179 PHE A CD1 1 
ATOM   1207 C CD2 . PHE A 1 158 ? 3.107   -3.982  -13.395 1.00 16.42  ? 179 PHE A CD2 1 
ATOM   1208 C CE1 . PHE A 1 158 ? 2.496   -1.524  -12.337 1.00 14.68  ? 179 PHE A CE1 1 
ATOM   1209 C CE2 . PHE A 1 158 ? 4.029   -2.959  -13.455 1.00 15.79  ? 179 PHE A CE2 1 
ATOM   1210 C CZ  . PHE A 1 158 ? 3.703   -1.721  -12.947 1.00 15.52  ? 179 PHE A CZ  1 
ATOM   1211 N N   . LEU A 1 159 ? -1.215  -6.129  -10.327 1.00 17.43  ? 180 LEU A N   1 
ATOM   1212 C CA  . LEU A 1 159 ? -2.239  -7.023  -9.813  1.00 18.59  ? 180 LEU A CA  1 
ATOM   1213 C C   . LEU A 1 159 ? -3.415  -7.034  -10.773 1.00 19.94  ? 180 LEU A C   1 
ATOM   1214 O O   . LEU A 1 159 ? -3.958  -5.995  -11.069 1.00 19.68  ? 180 LEU A O   1 
ATOM   1215 C CB  . LEU A 1 159 ? -2.653  -6.592  -8.399  1.00 18.67  ? 180 LEU A CB  1 
ATOM   1216 C CG  . LEU A 1 159 ? -1.547  -6.577  -7.343  1.00 18.09  ? 180 LEU A CG  1 
ATOM   1217 C CD1 . LEU A 1 159 ? -2.035  -6.042  -5.997  1.00 18.74  ? 180 LEU A CD1 1 
ATOM   1218 C CD2 . LEU A 1 159 ? -0.922  -7.944  -7.132  1.00 19.29  ? 180 LEU A CD2 1 
ATOM   1219 N N   . PRO A 1 160 ? -3.809  -8.214  -11.279 1.00 22.83  ? 181 PRO A N   1 
ATOM   1220 C CA  . PRO A 1 160 ? -4.925  -8.250  -12.246 1.00 25.15  ? 181 PRO A CA  1 
ATOM   1221 C C   . PRO A 1 160 ? -6.262  -7.966  -11.579 1.00 26.41  ? 181 PRO A C   1 
ATOM   1222 O O   . PRO A 1 160 ? -6.437  -8.303  -10.413 1.00 26.42  ? 181 PRO A O   1 
ATOM   1223 C CB  . PRO A 1 160 ? -4.890  -9.691  -12.800 1.00 26.06  ? 181 PRO A CB  1 
ATOM   1224 C CG  . PRO A 1 160 ? -3.794  -10.403 -12.096 1.00 26.15  ? 181 PRO A CG  1 
ATOM   1225 C CD  . PRO A 1 160 ? -3.219  -9.535  -11.025 1.00 24.22  ? 181 PRO A CD  1 
ATOM   1226 N N   . GLN A 1 161 ? -7.195  -7.359  -12.299 1.00 32.22  ? 182 GLN A N   1 
ATOM   1227 C CA  . GLN A 1 161 ? -8.551  -7.124  -11.766 1.00 36.44  ? 182 GLN A CA  1 
ATOM   1228 C C   . GLN A 1 161 ? -9.351  -8.429  -11.633 1.00 39.08  ? 182 GLN A C   1 
ATOM   1229 O O   . GLN A 1 161 ? -9.480  -9.191  -12.593 1.00 42.95  ? 182 GLN A O   1 
ATOM   1230 C CB  . GLN A 1 161 ? -9.328  -6.118  -12.631 1.00 39.29  ? 182 GLN A CB  1 
ATOM   1231 C CG  . GLN A 1 161 ? -10.530 -5.529  -11.900 1.00 42.57  ? 182 GLN A CG  1 
ATOM   1232 C CD  . GLN A 1 161 ? -11.674 -5.091  -12.816 1.00 44.33  ? 182 GLN A CD  1 
ATOM   1233 O OE1 . GLN A 1 161 ? -11.543 -4.148  -13.602 1.00 45.87  ? 182 GLN A OE1 1 
ATOM   1234 N NE2 . GLN A 1 161 ? -12.821 -5.754  -12.684 1.00 46.03  ? 182 GLN A NE2 1 
HETATM 1235 O O1  . PWZ B 2 .   ? 10.031  -15.136 13.469  1.00 42.18  ? 201 PWZ A O1  1 
HETATM 1236 C C1  . PWZ B 2 .   ? 8.925   -14.635 13.794  1.00 38.37  ? 201 PWZ A C1  1 
HETATM 1237 O O2  . PWZ B 2 .   ? 8.559   -14.378 14.951  1.00 37.58  ? 201 PWZ A O2  1 
HETATM 1238 C C2  . PWZ B 2 .   ? 7.968   -14.275 12.689  1.00 40.70  ? 201 PWZ A C2  1 
HETATM 1239 C C3  . PWZ B 2 .   ? 8.875   -14.173 11.476  1.00 42.76  ? 201 PWZ A C3  1 
HETATM 1240 C C4  . PWZ B 2 .   ? 8.197   -13.179 10.583  1.00 45.87  ? 201 PWZ A C4  1 
HETATM 1241 C C5  . PWZ B 2 .   ? 9.022   -13.135 9.288   1.00 49.34  ? 201 PWZ A C5  1 
HETATM 1242 C C6  . PWZ B 2 .   ? 8.873   -11.952 8.322   1.00 50.65  ? 201 PWZ A C6  1 
HETATM 1243 C C7  . PWZ B 2 .   ? 8.030   -10.746 8.676   1.00 51.99  ? 201 PWZ A C7  1 
HETATM 1244 C C8  . PWZ B 2 .   ? 6.666   -10.891 7.971   1.00 54.28  ? 201 PWZ A C8  1 
HETATM 1245 C C9  . PWZ B 2 .   ? 5.935   -9.546  8.043   1.00 56.14  ? 201 PWZ A C9  1 
HETATM 1246 C C10 . PWZ B 2 .   ? 6.290   -8.883  6.747   1.00 56.54  ? 201 PWZ A C10 1 
HETATM 1247 O O5  . PWZ B 2 .   ? 4.508   -9.725  7.865   1.00 57.63  ? 201 PWZ A O5  1 
HETATM 1248 C C21 . PWZ B 2 .   ? 4.375   -10.114 6.462   1.00 56.78  ? 201 PWZ A C21 1 
HETATM 1249 C C11 . PWZ B 2 .   ? 5.809   -10.020 5.924   1.00 56.99  ? 201 PWZ A C11 1 
HETATM 1250 C C12 . PWZ B 2 .   ? 6.731   -11.124 6.449   1.00 55.80  ? 201 PWZ A C12 1 
HETATM 1251 C C13 . PWZ B 2 .   ? 6.218   -12.525 6.118   1.00 57.24  ? 201 PWZ A C13 1 
HETATM 1252 C C14 . PWZ B 2 .   ? 7.139   -13.502 5.424   1.00 57.75  ? 201 PWZ A C14 1 
HETATM 1253 C C15 . PWZ B 2 .   ? 6.661   -14.930 5.174   1.00 57.66  ? 201 PWZ A C15 1 
HETATM 1254 O O3  . PWZ B 2 .   ? 6.082   -15.006 3.878   1.00 54.01  ? 201 PWZ A O3  1 
HETATM 1255 C C16 . PWZ B 2 .   ? 7.863   -15.854 5.304   1.00 57.82  ? 201 PWZ A C16 1 
HETATM 1256 C C17 . PWZ B 2 .   ? 7.700   -16.595 6.635   1.00 58.34  ? 201 PWZ A C17 1 
HETATM 1257 C C18 . PWZ B 2 .   ? 9.017   -16.484 7.411   1.00 58.62  ? 201 PWZ A C18 1 
HETATM 1258 C C19 . PWZ B 2 .   ? 9.209   -17.814 8.132   1.00 60.48  ? 201 PWZ A C19 1 
HETATM 1259 C C20 . PWZ B 2 .   ? 10.071  -18.718 7.211   1.00 61.66  ? 201 PWZ A C20 1 
HETATM 1260 O O1  . PWZ C 2 .   ? -1.668  -7.719  8.028   1.00 40.26  ? 202 PWZ A O1  1 
HETATM 1261 C C1  . PWZ C 2 .   ? -1.389  -8.407  9.037   1.00 43.44  ? 202 PWZ A C1  1 
HETATM 1262 O O2  . PWZ C 2 .   ? -1.448  -8.003  10.230  1.00 39.01  ? 202 PWZ A O2  1 
HETATM 1263 C C2  . PWZ C 2 .   ? -0.771  -9.780  8.784   1.00 45.18  ? 202 PWZ A C2  1 
HETATM 1264 C C3  . PWZ C 2 .   ? -1.704  -10.754 8.033   1.00 45.96  ? 202 PWZ A C3  1 
HETATM 1265 C C4  . PWZ C 2 .   ? -1.900  -10.225 6.601   1.00 47.67  ? 202 PWZ A C4  1 
HETATM 1266 C C5  . PWZ C 2 .   ? -2.264  -11.411 5.691   1.00 45.70  ? 202 PWZ A C5  1 
HETATM 1267 C C6  . PWZ C 2 .   ? -2.214  -11.290 4.147   1.00 47.73  ? 202 PWZ A C6  1 
HETATM 1268 C C7  . PWZ C 2 .   ? -2.560  -12.501 3.307   1.00 49.34  ? 202 PWZ A C7  1 
HETATM 1269 C C8  . PWZ C 2 .   ? -3.180  -12.041 1.969   1.00 54.10  ? 202 PWZ A C8  1 
HETATM 1270 C C9  . PWZ C 2 .   ? -3.431  -13.244 1.045   1.00 56.42  ? 202 PWZ A C9  1 
HETATM 1271 C C10 . PWZ C 2 .   ? -4.779  -13.751 1.492   1.00 56.38  ? 202 PWZ A C10 1 
HETATM 1272 O O5  . PWZ C 2 .   ? -3.745  -12.790 -0.307  1.00 56.71  ? 202 PWZ A O5  1 
HETATM 1273 C C21 . PWZ C 2 .   ? -5.156  -12.363 -0.246  1.00 56.49  ? 202 PWZ A C21 1 
HETATM 1274 C C11 . PWZ C 2 .   ? -5.471  -12.470 1.245   1.00 56.55  ? 202 PWZ A C11 1 
HETATM 1275 C C12 . PWZ C 2 .   ? -4.621  -11.501 2.119   1.00 58.05  ? 202 PWZ A C12 1 
HETATM 1276 C C13 . PWZ C 2 .   ? -4.753  -10.039 1.636   1.00 61.68  ? 202 PWZ A C13 1 
HETATM 1277 C C14 . PWZ C 2 .   ? -5.206  -8.953  2.620   1.00 60.42  ? 202 PWZ A C14 1 
HETATM 1278 C C15 . PWZ C 2 .   ? -5.403  -7.524  2.137   1.00 59.69  ? 202 PWZ A C15 1 
HETATM 1279 O O3  . PWZ C 2 .   ? -6.607  -7.061  2.729   1.00 59.46  ? 202 PWZ A O3  1 
HETATM 1280 C C16 . PWZ C 2 .   ? -4.255  -6.640  2.573   1.00 57.48  ? 202 PWZ A C16 1 
HETATM 1281 C C17 . PWZ C 2 .   ? -3.999  -5.695  1.396   1.00 55.56  ? 202 PWZ A C17 1 
HETATM 1282 C C18 . PWZ C 2 .   ? -3.662  -4.324  1.992   1.00 53.46  ? 202 PWZ A C18 1 
HETATM 1283 C C19 . PWZ C 2 .   ? -2.843  -3.562  0.952   1.00 51.26  ? 202 PWZ A C19 1 
HETATM 1284 C C20 . PWZ C 2 .   ? -3.831  -3.033  -0.102  1.00 49.31  ? 202 PWZ A C20 1 
HETATM 1285 S S   . SCN D 3 .   ? -3.662  -16.891 3.087   1.00 20.12  ? 203 SCN A S   1 
HETATM 1286 C C   . SCN D 3 .   ? -5.071  -16.902 2.636   1.00 20.93  ? 203 SCN A C   1 
HETATM 1287 N N   . SCN D 3 .   ? -6.170  -16.908 2.270   1.00 20.86  ? 203 SCN A N   1 
HETATM 1288 S S   . SCN E 3 .   ? 1.125   8.719   -13.541 1.00 18.19  ? 204 SCN A S   1 
HETATM 1289 C C   . SCN E 3 .   ? -0.381  8.869   -13.445 1.00 22.58  ? 204 SCN A C   1 
HETATM 1290 N N   . SCN E 3 .   ? -1.554  8.891   -13.282 1.00 20.55  ? 204 SCN A N   1 
HETATM 1291 O O   . HOH F 4 .   ? 0.003   17.601  -1.732  1.00 11.56  ? 301 HOH A O   1 
HETATM 1292 O O   . HOH F 4 .   ? -15.054 -10.450 6.412   1.00 15.70  ? 302 HOH A O   1 
HETATM 1293 O O   . HOH F 4 .   ? -1.587  0.208   14.031  1.00 16.34  ? 303 HOH A O   1 
HETATM 1294 O O   . HOH F 4 .   ? -10.437 10.841  -8.441  1.00 15.87  ? 304 HOH A O   1 
HETATM 1295 O O   . HOH F 4 .   ? -2.976  16.178  6.036   1.00 21.64  ? 305 HOH A O   1 
HETATM 1296 O O   . HOH F 4 .   ? -11.698 5.426   -6.558  1.00 23.23  ? 306 HOH A O   1 
HETATM 1297 O O   . HOH F 4 .   ? 0.314   11.161  9.512   1.00 17.46  ? 307 HOH A O   1 
HETATM 1298 O O   . HOH F 4 .   ? 5.750   12.552  -12.408 1.00 18.87  ? 308 HOH A O   1 
HETATM 1299 O O   . HOH F 4 .   ? -4.529  5.516   -14.409 1.00 22.90  ? 309 HOH A O   1 
HETATM 1300 O O   . HOH F 4 .   ? 3.842   -0.085  0.815   1.00 15.12  ? 310 HOH A O   1 
HETATM 1301 O O   . HOH F 4 .   ? -17.251 -8.803  4.402   1.00 17.64  ? 311 HOH A O   1 
HETATM 1302 O O   . HOH F 4 .   ? 8.563   10.669  -8.756  1.00 16.52  ? 312 HOH A O   1 
HETATM 1303 O O   . HOH F 4 .   ? -16.718 -13.919 6.382   1.00 11.77  ? 313 HOH A O   1 
HETATM 1304 O O   . HOH F 4 .   ? 9.738   2.711   -15.743 1.00 16.13  ? 314 HOH A O   1 
HETATM 1305 O O   . HOH F 4 .   ? -11.899 2.360   6.163   1.00 19.02  ? 315 HOH A O   1 
HETATM 1306 O O   . HOH F 4 .   ? -2.563  11.431  10.333  1.00 26.34  ? 316 HOH A O   1 
HETATM 1307 O O   . HOH F 4 .   ? -2.849  -12.908 9.940   1.00 19.76  ? 317 HOH A O   1 
HETATM 1308 O O   . HOH F 4 .   ? 0.446   16.126  -5.452  1.00 27.90  ? 318 HOH A O   1 
HETATM 1309 O O   . HOH F 4 .   ? 6.848   2.612   12.720  1.00 26.32  ? 319 HOH A O   1 
HETATM 1310 O O   . HOH F 4 .   ? 7.875   4.113   5.184   1.00 14.32  ? 320 HOH A O   1 
HETATM 1311 O O   . HOH F 4 .   ? 3.723   16.244  3.985   1.00 17.32  ? 321 HOH A O   1 
HETATM 1312 O O   . HOH F 4 .   ? -5.202  -2.511  12.858  1.00 16.34  ? 322 HOH A O   1 
HETATM 1313 O O   . HOH F 4 .   ? 4.467   17.077  8.286   1.00 31.04  ? 323 HOH A O   1 
HETATM 1314 O O   . HOH F 4 .   ? 5.329   -4.470  17.286  1.00 23.69  ? 324 HOH A O   1 
HETATM 1315 O O   . HOH F 4 .   ? -3.063  -2.309  14.510  1.00 28.78  ? 325 HOH A O   1 
HETATM 1316 O O   . HOH F 4 .   ? -8.957  4.086   -15.831 1.00 24.09  ? 326 HOH A O   1 
HETATM 1317 O O   . HOH F 4 .   ? -2.125  -8.994  12.986  1.00 18.48  ? 327 HOH A O   1 
HETATM 1318 O O   . HOH F 4 .   ? -0.107  19.895  4.670   1.00 18.21  ? 328 HOH A O   1 
HETATM 1319 O O   . HOH F 4 .   ? -6.895  -3.243  5.118   1.00 28.65  ? 329 HOH A O   1 
HETATM 1320 O O   . HOH F 4 .   ? 5.546   19.901  3.008   1.00 19.93  ? 330 HOH A O   1 
HETATM 1321 O O   . HOH F 4 .   ? 1.291   12.845  11.661  1.00 28.17  ? 331 HOH A O   1 
HETATM 1322 O O   . HOH F 4 .   ? 1.748   14.678  -7.682  1.00 40.88  ? 332 HOH A O   1 
HETATM 1323 O O   . HOH F 4 .   ? -13.840 -12.979 8.042   1.00 29.30  ? 333 HOH A O   1 
HETATM 1324 O O   . HOH F 4 .   ? -2.163  11.729  -21.715 1.00 21.06  ? 334 HOH A O   1 
HETATM 1325 O O   . HOH F 4 .   ? 4.562   -0.197  17.864  1.00 23.60  ? 335 HOH A O   1 
HETATM 1326 O O   . HOH F 4 .   ? -7.854  5.567   16.008  1.00 33.38  ? 336 HOH A O   1 
HETATM 1327 O O   . HOH F 4 .   ? -12.838 -2.274  0.960   1.00 23.89  ? 337 HOH A O   1 
HETATM 1328 O O   . HOH F 4 .   ? 5.360   7.366   -18.951 1.00 24.21  ? 338 HOH A O   1 
HETATM 1329 O O   . HOH F 4 .   ? -1.865  17.955  -5.667  1.00 20.20  ? 339 HOH A O   1 
HETATM 1330 O O   . HOH F 4 .   ? -4.735  -9.387  17.697  1.00 25.85  ? 340 HOH A O   1 
HETATM 1331 O O   . HOH F 4 .   ? 7.428   13.040  -2.970  1.00 23.97  ? 341 HOH A O   1 
HETATM 1332 O O   . HOH F 4 .   ? -9.525  -6.866  10.084  1.00 32.47  ? 342 HOH A O   1 
HETATM 1333 O O   . HOH F 4 .   ? -3.436  -1.458  -16.639 1.00 29.45  ? 343 HOH A O   1 
HETATM 1334 O O   . HOH F 4 .   ? 6.254   6.270   9.289   1.00 24.77  ? 344 HOH A O   1 
HETATM 1335 O O   . HOH F 4 .   ? -8.528  15.865  -4.878  1.00 29.34  ? 345 HOH A O   1 
HETATM 1336 O O   . HOH F 4 .   ? 3.250   6.186   15.218  1.00 28.50  ? 346 HOH A O   1 
HETATM 1337 O O   . HOH F 4 .   ? -2.812  -3.477  -11.987 1.00 25.07  ? 347 HOH A O   1 
HETATM 1338 O O   . HOH F 4 .   ? -6.499  17.558  -5.758  1.00 35.56  ? 348 HOH A O   1 
HETATM 1339 O O   . HOH F 4 .   ? -2.276  -5.204  -18.295 1.00 36.88  ? 349 HOH A O   1 
HETATM 1340 O O   . HOH F 4 .   ? -2.092  11.698  -12.888 1.00 27.87  ? 350 HOH A O   1 
HETATM 1341 O O   . HOH F 4 .   ? -12.452 1.727   -11.820 1.00 35.45  ? 351 HOH A O   1 
HETATM 1342 O O   . HOH F 4 .   ? 11.081  -9.449  6.744   1.00 39.20  ? 352 HOH A O   1 
HETATM 1343 O O   . HOH F 4 .   ? -11.717 -6.179  -4.062  1.00 31.21  ? 353 HOH A O   1 
HETATM 1344 O O   . HOH F 4 .   ? 15.070  -12.819 1.520   1.00 49.18  ? 354 HOH A O   1 
HETATM 1345 O O   . HOH F 4 .   ? -3.451  12.729  16.377  1.00 31.59  ? 355 HOH A O   1 
HETATM 1346 O O   . HOH F 4 .   ? -10.415 -10.640 -4.818  1.00 30.61  ? 356 HOH A O   1 
HETATM 1347 O O   . HOH F 4 .   ? -12.925 4.749   9.876   1.00 37.29  ? 357 HOH A O   1 
HETATM 1348 O O   . HOH F 4 .   ? -8.343  11.167  11.109  1.00 31.45  ? 358 HOH A O   1 
HETATM 1349 O O   . HOH F 4 .   ? 13.275  -2.418  6.553   1.00 35.03  ? 359 HOH A O   1 
HETATM 1350 O O   . HOH F 4 .   ? -12.297 17.278  2.023   1.00 26.12  ? 360 HOH A O   1 
HETATM 1351 O O   . HOH F 4 .   ? 10.736  -9.815  4.205   1.00 36.58  ? 361 HOH A O   1 
HETATM 1352 O O   . HOH F 4 .   ? -8.786  20.635  -3.255  1.00 39.39  ? 362 HOH A O   1 
HETATM 1353 O O   . HOH F 4 .   ? 1.325   1.552   14.799  1.00 20.99  ? 363 HOH A O   1 
HETATM 1354 O O   . HOH F 4 .   ? -4.228  12.437  -14.798 1.00 29.05  ? 364 HOH A O   1 
HETATM 1355 O O   . HOH F 4 .   ? -10.443 -4.649  -15.804 1.00 48.56  ? 365 HOH A O   1 
HETATM 1356 O O   . HOH F 4 .   ? -15.656 -19.465 1.938   1.00 53.23  ? 366 HOH A O   1 
HETATM 1357 O O   . HOH F 4 .   ? -5.398  -11.330 -3.662  1.00 38.03  ? 367 HOH A O   1 
HETATM 1358 O O   . HOH F 4 .   ? 7.422   -5.517  17.900  1.00 30.56  ? 368 HOH A O   1 
HETATM 1359 O O   . HOH F 4 .   ? -10.540 -11.952 -7.253  1.00 41.20  ? 369 HOH A O   1 
HETATM 1360 O O   . HOH F 4 .   ? -15.389 -1.719  1.885   1.00 43.82  ? 370 HOH A O   1 
HETATM 1361 O O   . HOH F 4 .   ? -10.546 8.565   -11.834 1.00 30.44  ? 371 HOH A O   1 
HETATM 1362 O O   . HOH F 4 .   ? 1.645   -17.626 -13.744 1.00 46.70  ? 372 HOH A O   1 
HETATM 1363 O O   . HOH F 4 .   ? 2.036   4.702   18.144  1.00 44.27  ? 373 HOH A O   1 
HETATM 1364 O O   . HOH F 4 .   ? -2.264  5.534   -21.525 1.00 26.63  ? 374 HOH A O   1 
HETATM 1365 O O   . HOH F 4 .   ? -4.949  9.904   -15.551 1.00 28.98  ? 375 HOH A O   1 
HETATM 1366 O O   . HOH F 4 .   ? -5.947  15.988  -10.435 1.00 39.77  ? 376 HOH A O   1 
HETATM 1367 O O   . HOH F 4 .   ? -6.009  6.284   -11.950 1.00 32.07  ? 377 HOH A O   1 
HETATM 1368 O O   . HOH F 4 .   ? -6.851  -9.815  11.322  1.00 41.34  ? 378 HOH A O   1 
HETATM 1369 O O   . HOH F 4 .   ? -11.357 15.794  -1.263  1.00 29.97  ? 379 HOH A O   1 
HETATM 1370 O O   . HOH F 4 .   ? -3.292  -6.975  19.847  1.00 37.88  ? 380 HOH A O   1 
HETATM 1371 O O   . HOH F 4 .   ? -3.924  -8.582  -2.565  1.00 36.69  ? 381 HOH A O   1 
HETATM 1372 O O   . HOH F 4 .   ? -2.100  -15.217 -1.008  1.00 44.92  ? 382 HOH A O   1 
# 
loop_
_pdbx_poly_seq_scheme.asym_id 
_pdbx_poly_seq_scheme.entity_id 
_pdbx_poly_seq_scheme.seq_id 
_pdbx_poly_seq_scheme.mon_id 
_pdbx_poly_seq_scheme.ndb_seq_num 
_pdbx_poly_seq_scheme.pdb_seq_num 
_pdbx_poly_seq_scheme.auth_seq_num 
_pdbx_poly_seq_scheme.pdb_mon_id 
_pdbx_poly_seq_scheme.auth_mon_id 
_pdbx_poly_seq_scheme.pdb_strand_id 
_pdbx_poly_seq_scheme.pdb_ins_code 
_pdbx_poly_seq_scheme.hetero 
A 1 1   MET 1   22  ?   ?   ?   A . n 
A 1 2   ALA 2   23  ?   ?   ?   A . n 
A 1 3   PRO 3   24  ?   ?   ?   A . n 
A 1 4   GLU 4   25  ?   ?   ?   A . n 
A 1 5   ALA 5   26  ?   ?   ?   A . n 
A 1 6   GLN 6   27  ?   ?   ?   A . n 
A 1 7   VAL 7   28  28  VAL VAL A . n 
A 1 8   SER 8   29  29  SER SER A . n 
A 1 9   VAL 9   30  30  VAL VAL A . n 
A 1 10  GLN 10  31  31  GLN GLN A . n 
A 1 11  PRO 11  32  32  PRO PRO A . n 
A 1 12  ASN 12  33  33  ASN ASN A . n 
A 1 13  PHE 13  34  34  PHE PHE A . n 
A 1 14  GLN 14  35  35  GLN GLN A . n 
A 1 15  GLN 15  36  36  GLN GLN A . n 
A 1 16  ASP 16  37  37  ASP ASP A . n 
A 1 17  LYS 17  38  38  LYS LYS A . n 
A 1 18  PHE 18  39  39  PHE PHE A . n 
A 1 19  LEU 19  40  40  LEU LEU A . n 
A 1 20  GLY 20  41  41  GLY GLY A . n 
A 1 21  ARG 21  42  42  ARG ARG A . n 
A 1 22  TRP 22  43  43  TRP TRP A . n 
A 1 23  PHE 23  44  44  PHE PHE A . n 
A 1 24  SER 24  45  45  SER SER A . n 
A 1 25  ALA 25  46  46  ALA ALA A . n 
A 1 26  GLY 26  47  47  GLY GLY A . n 
A 1 27  LEU 27  48  48  LEU LEU A . n 
A 1 28  ALA 28  49  49  ALA ALA A . n 
A 1 29  SER 29  50  50  SER SER A . n 
A 1 30  ASN 30  51  51  ASN ASN A . n 
A 1 31  SER 31  52  52  SER SER A . n 
A 1 32  SER 32  53  53  SER SER A . n 
A 1 33  TRP 33  54  54  TRP TRP A . n 
A 1 34  LEU 34  55  55  LEU LEU A . n 
A 1 35  ARG 35  56  56  ARG ARG A . n 
A 1 36  GLU 36  57  57  GLU GLU A . n 
A 1 37  LYS 37  58  58  LYS LYS A . n 
A 1 38  LYS 38  59  59  LYS LYS A . n 
A 1 39  ALA 39  60  60  ALA ALA A . n 
A 1 40  ALA 40  61  61  ALA ALA A . n 
A 1 41  LEU 41  62  62  LEU LEU A . n 
A 1 42  SER 42  63  63  SER SER A . n 
A 1 43  MET 43  64  64  MET MET A . n 
A 1 44  CYS 44  65  65  CYS CYS A . n 
A 1 45  LYS 45  66  66  LYS LYS A . n 
A 1 46  SER 46  67  67  SER SER A . n 
A 1 47  VAL 47  68  68  VAL VAL A . n 
A 1 48  VAL 48  69  69  VAL VAL A . n 
A 1 49  ALA 49  70  70  ALA ALA A . n 
A 1 50  PRO 50  71  71  PRO PRO A . n 
A 1 51  ALA 51  72  72  ALA ALA A . n 
A 1 52  THR 52  73  73  THR THR A . n 
A 1 53  ASP 53  74  74  ASP ASP A . n 
A 1 54  GLY 54  75  75  GLY GLY A . n 
A 1 55  GLY 55  76  76  GLY GLY A . n 
A 1 56  LEU 56  77  77  LEU LEU A . n 
A 1 57  ASN 57  78  78  ASN ASN A . n 
A 1 58  LEU 58  79  79  LEU LEU A . n 
A 1 59  THR 59  80  80  THR THR A . n 
A 1 60  SER 60  81  81  SER SER A . n 
A 1 61  THR 61  82  82  THR THR A . n 
A 1 62  PHE 62  83  83  PHE PHE A . n 
A 1 63  LEU 63  84  84  LEU LEU A . n 
A 1 64  ARG 64  85  85  ARG ARG A . n 
A 1 65  LYS 65  86  86  LYS LYS A . n 
A 1 66  ASN 66  87  87  ASN ASN A . n 
A 1 67  GLN 67  88  88  GLN GLN A . n 
A 1 68  CYS 68  89  89  CYS CYS A . n 
A 1 69  GLU 69  90  90  GLU GLU A . n 
A 1 70  THR 70  91  91  THR THR A . n 
A 1 71  ARG 71  92  92  ARG ARG A . n 
A 1 72  THR 72  93  93  THR THR A . n 
A 1 73  MET 73  94  94  MET MET A . n 
A 1 74  LEU 74  95  95  LEU LEU A . n 
A 1 75  LEU 75  96  96  LEU LEU A . n 
A 1 76  GLN 76  97  97  GLN GLN A . n 
A 1 77  PRO 77  98  98  PRO PRO A . n 
A 1 78  ALA 78  99  99  ALA ALA A . n 
A 1 79  GLY 79  100 100 GLY GLY A . n 
A 1 80  SER 80  101 101 SER SER A . n 
A 1 81  LEU 81  102 102 LEU LEU A . n 
A 1 82  GLY 82  103 103 GLY GLY A . n 
A 1 83  SER 83  104 104 SER SER A . n 
A 1 84  TYR 84  105 105 TYR TYR A . n 
A 1 85  SER 85  106 106 SER SER A . n 
A 1 86  TYR 86  107 107 TYR TYR A . n 
A 1 87  ARG 87  108 108 ARG ARG A . n 
A 1 88  SER 88  109 109 SER SER A . n 
A 1 89  PRO 89  110 110 PRO PRO A . n 
A 1 90  HIS 90  111 111 HIS HIS A . n 
A 1 91  TRP 91  112 112 TRP TRP A . n 
A 1 92  GLY 92  113 113 GLY GLY A . n 
A 1 93  SER 93  114 114 SER SER A . n 
A 1 94  THR 94  115 115 THR THR A . n 
A 1 95  TYR 95  116 116 TYR TYR A . n 
A 1 96  SER 96  117 117 SER SER A . n 
A 1 97  VAL 97  118 118 VAL VAL A . n 
A 1 98  SER 98  119 119 SER SER A . n 
A 1 99  VAL 99  120 120 VAL VAL A . n 
A 1 100 VAL 100 121 121 VAL VAL A . n 
A 1 101 GLU 101 122 122 GLU GLU A . n 
A 1 102 THR 102 123 123 THR THR A . n 
A 1 103 ASP 103 124 124 ASP ASP A . n 
A 1 104 TYR 104 125 125 TYR TYR A . n 
A 1 105 ASP 105 126 126 ASP ASP A . n 
A 1 106 GLN 106 127 127 GLN GLN A . n 
A 1 107 TYR 107 128 128 TYR TYR A . n 
A 1 108 ALA 108 129 129 ALA ALA A . n 
A 1 109 LEU 109 130 130 LEU LEU A . n 
A 1 110 LEU 110 131 131 LEU LEU A . n 
A 1 111 TYR 111 132 132 TYR TYR A . n 
A 1 112 SER 112 133 133 SER SER A . n 
A 1 113 GLN 113 134 134 GLN GLN A . n 
A 1 114 GLY 114 135 135 GLY GLY A . n 
A 1 115 SER 115 136 136 SER SER A . n 
A 1 116 LYS 116 137 137 LYS LYS A . n 
A 1 117 GLY 117 138 138 GLY GLY A . n 
A 1 118 PRO 118 139 139 PRO PRO A . n 
A 1 119 GLY 119 140 140 GLY GLY A . n 
A 1 120 GLU 120 141 141 GLU GLU A . n 
A 1 121 ASP 121 142 142 ASP ASP A . n 
A 1 122 PHE 122 143 143 PHE PHE A . n 
A 1 123 ARG 123 144 144 ARG ARG A . n 
A 1 124 MET 124 145 145 MET MET A . n 
A 1 125 ALA 125 146 146 ALA ALA A . n 
A 1 126 THR 126 147 147 THR THR A . n 
A 1 127 LEU 127 148 148 LEU LEU A . n 
A 1 128 TYR 128 149 149 TYR TYR A . n 
A 1 129 SER 129 150 150 SER SER A . n 
A 1 130 ARG 130 151 151 ARG ARG A . n 
A 1 131 THR 131 152 152 THR THR A . n 
A 1 132 GLN 132 153 153 GLN GLN A . n 
A 1 133 THR 133 154 154 THR THR A . n 
A 1 134 PRO 134 155 155 PRO PRO A . n 
A 1 135 ARG 135 156 156 ARG ARG A . n 
A 1 136 ALA 136 157 157 ALA ALA A . n 
A 1 137 GLU 137 158 158 GLU GLU A . n 
A 1 138 LEU 138 159 159 LEU LEU A . n 
A 1 139 LYS 139 160 160 LYS LYS A . n 
A 1 140 GLU 140 161 161 GLU GLU A . n 
A 1 141 LYS 141 162 162 LYS LYS A . n 
A 1 142 PHE 142 163 163 PHE PHE A . n 
A 1 143 THR 143 164 164 THR THR A . n 
A 1 144 ALA 144 165 165 ALA ALA A . n 
A 1 145 PHE 145 166 166 PHE PHE A . n 
A 1 146 CYS 146 167 167 CYS CYS A . n 
A 1 147 LYS 147 168 168 LYS LYS A . n 
A 1 148 ALA 148 169 169 ALA ALA A . n 
A 1 149 GLN 149 170 170 GLN GLN A . n 
A 1 150 GLY 150 171 171 GLY GLY A . n 
A 1 151 PHE 151 172 172 PHE PHE A . n 
A 1 152 THR 152 173 173 THR THR A . n 
A 1 153 GLU 153 174 174 GLU GLU A . n 
A 1 154 ASP 154 175 175 ASP ASP A . n 
A 1 155 THR 155 176 176 THR THR A . n 
A 1 156 ILE 156 177 177 ILE ILE A . n 
A 1 157 VAL 157 178 178 VAL VAL A . n 
A 1 158 PHE 158 179 179 PHE PHE A . n 
A 1 159 LEU 159 180 180 LEU LEU A . n 
A 1 160 PRO 160 181 181 PRO PRO A . n 
A 1 161 GLN 161 182 182 GLN GLN A . n 
A 1 162 THR 162 183 ?   ?   ?   A . n 
A 1 163 ASP 163 184 ?   ?   ?   A . n 
A 1 164 LYS 164 185 ?   ?   ?   A . n 
A 1 165 CYS 165 186 ?   ?   ?   A . n 
A 1 166 MET 166 187 ?   ?   ?   A . n 
A 1 167 THR 167 188 ?   ?   ?   A . n 
A 1 168 GLU 168 189 ?   ?   ?   A . n 
A 1 169 GLN 169 190 ?   ?   ?   A . n 
A 1 170 ALA 170 191 ?   ?   ?   A . n 
A 1 171 HIS 171 192 ?   ?   ?   A . n 
A 1 172 HIS 172 193 ?   ?   ?   A . n 
A 1 173 HIS 173 194 ?   ?   ?   A . n 
A 1 174 HIS 174 195 ?   ?   ?   A . n 
A 1 175 HIS 175 196 ?   ?   ?   A . n 
A 1 176 HIS 176 197 ?   ?   ?   A . n 
# 
loop_
_pdbx_nonpoly_scheme.asym_id 
_pdbx_nonpoly_scheme.entity_id 
_pdbx_nonpoly_scheme.mon_id 
_pdbx_nonpoly_scheme.ndb_seq_num 
_pdbx_nonpoly_scheme.pdb_seq_num 
_pdbx_nonpoly_scheme.auth_seq_num 
_pdbx_nonpoly_scheme.pdb_mon_id 
_pdbx_nonpoly_scheme.auth_mon_id 
_pdbx_nonpoly_scheme.pdb_strand_id 
_pdbx_nonpoly_scheme.pdb_ins_code 
B 2 PWZ 1  201 1788 PWZ PWZ A . 
C 2 PWZ 1  202 1789 PWZ PWZ A . 
D 3 SCN 1  203 1790 SCN SCN A . 
E 3 SCN 1  204 1791 SCN SCN A . 
F 4 HOH 1  301 1    HOH HOH A . 
F 4 HOH 2  302 2    HOH HOH A . 
F 4 HOH 3  303 3    HOH HOH A . 
F 4 HOH 4  304 4    HOH HOH A . 
F 4 HOH 5  305 5    HOH HOH A . 
F 4 HOH 6  306 6    HOH HOH A . 
F 4 HOH 7  307 7    HOH HOH A . 
F 4 HOH 8  308 8    HOH HOH A . 
F 4 HOH 9  309 9    HOH HOH A . 
F 4 HOH 10 310 10   HOH HOH A . 
F 4 HOH 11 311 11   HOH HOH A . 
F 4 HOH 12 312 12   HOH HOH A . 
F 4 HOH 13 313 13   HOH HOH A . 
F 4 HOH 14 314 14   HOH HOH A . 
F 4 HOH 15 315 15   HOH HOH A . 
F 4 HOH 16 316 16   HOH HOH A . 
F 4 HOH 17 317 17   HOH HOH A . 
F 4 HOH 18 318 18   HOH HOH A . 
F 4 HOH 19 319 19   HOH HOH A . 
F 4 HOH 20 320 20   HOH HOH A . 
F 4 HOH 21 321 21   HOH HOH A . 
F 4 HOH 22 322 22   HOH HOH A . 
F 4 HOH 23 323 23   HOH HOH A . 
F 4 HOH 24 324 24   HOH HOH A . 
F 4 HOH 25 325 25   HOH HOH A . 
F 4 HOH 26 326 26   HOH HOH A . 
F 4 HOH 27 327 27   HOH HOH A . 
F 4 HOH 28 328 28   HOH HOH A . 
F 4 HOH 29 329 29   HOH HOH A . 
F 4 HOH 30 330 30   HOH HOH A . 
F 4 HOH 31 331 31   HOH HOH A . 
F 4 HOH 32 332 32   HOH HOH A . 
F 4 HOH 33 333 33   HOH HOH A . 
F 4 HOH 34 334 34   HOH HOH A . 
F 4 HOH 35 335 35   HOH HOH A . 
F 4 HOH 36 336 36   HOH HOH A . 
F 4 HOH 37 337 37   HOH HOH A . 
F 4 HOH 38 338 38   HOH HOH A . 
F 4 HOH 39 339 39   HOH HOH A . 
F 4 HOH 40 340 40   HOH HOH A . 
F 4 HOH 41 341 41   HOH HOH A . 
F 4 HOH 42 342 42   HOH HOH A . 
F 4 HOH 43 343 43   HOH HOH A . 
F 4 HOH 44 344 44   HOH HOH A . 
F 4 HOH 45 345 45   HOH HOH A . 
F 4 HOH 46 346 46   HOH HOH A . 
F 4 HOH 47 347 47   HOH HOH A . 
F 4 HOH 48 348 48   HOH HOH A . 
F 4 HOH 49 349 49   HOH HOH A . 
F 4 HOH 50 350 50   HOH HOH A . 
F 4 HOH 51 351 51   HOH HOH A . 
F 4 HOH 52 352 52   HOH HOH A . 
F 4 HOH 53 353 53   HOH HOH A . 
F 4 HOH 54 354 54   HOH HOH A . 
F 4 HOH 55 355 55   HOH HOH A . 
F 4 HOH 56 356 56   HOH HOH A . 
F 4 HOH 57 357 57   HOH HOH A . 
F 4 HOH 58 358 58   HOH HOH A . 
F 4 HOH 59 359 59   HOH HOH A . 
F 4 HOH 60 360 60   HOH HOH A . 
F 4 HOH 61 361 61   HOH HOH A . 
F 4 HOH 62 362 62   HOH HOH A . 
F 4 HOH 63 363 63   HOH HOH A . 
F 4 HOH 64 364 64   HOH HOH A . 
F 4 HOH 65 365 65   HOH HOH A . 
F 4 HOH 66 366 66   HOH HOH A . 
F 4 HOH 67 367 67   HOH HOH A . 
F 4 HOH 68 368 69   HOH HOH A . 
F 4 HOH 69 369 70   HOH HOH A . 
F 4 HOH 70 370 71   HOH HOH A . 
F 4 HOH 71 371 72   HOH HOH A . 
F 4 HOH 72 372 74   HOH HOH A . 
F 4 HOH 73 373 75   HOH HOH A . 
F 4 HOH 74 374 76   HOH HOH A . 
F 4 HOH 75 375 77   HOH HOH A . 
F 4 HOH 76 376 78   HOH HOH A . 
F 4 HOH 77 377 79   HOH HOH A . 
F 4 HOH 78 378 80   HOH HOH A . 
F 4 HOH 79 379 81   HOH HOH A . 
F 4 HOH 80 380 82   HOH HOH A . 
F 4 HOH 81 381 83   HOH HOH A . 
F 4 HOH 82 382 85   HOH HOH A . 
# 
_pdbx_struct_assembly.id                   1 
_pdbx_struct_assembly.details              author_and_software_defined_assembly 
_pdbx_struct_assembly.method_details       PISA 
_pdbx_struct_assembly.oligomeric_details   monomeric 
_pdbx_struct_assembly.oligomeric_count     1 
# 
_pdbx_struct_assembly_gen.assembly_id       1 
_pdbx_struct_assembly_gen.oper_expression   1 
_pdbx_struct_assembly_gen.asym_id_list      A,B,C,D,E,F 
# 
_pdbx_struct_oper_list.id                   1 
_pdbx_struct_oper_list.type                 'identity operation' 
_pdbx_struct_oper_list.name                 1_555 
_pdbx_struct_oper_list.symmetry_operation   x,y,z 
_pdbx_struct_oper_list.matrix[1][1]         1.0000000000 
_pdbx_struct_oper_list.matrix[1][2]         0.0000000000 
_pdbx_struct_oper_list.matrix[1][3]         0.0000000000 
_pdbx_struct_oper_list.vector[1]            0.0000000000 
_pdbx_struct_oper_list.matrix[2][1]         0.0000000000 
_pdbx_struct_oper_list.matrix[2][2]         1.0000000000 
_pdbx_struct_oper_list.matrix[2][3]         0.0000000000 
_pdbx_struct_oper_list.vector[2]            0.0000000000 
_pdbx_struct_oper_list.matrix[3][1]         0.0000000000 
_pdbx_struct_oper_list.matrix[3][2]         0.0000000000 
_pdbx_struct_oper_list.matrix[3][3]         1.0000000000 
_pdbx_struct_oper_list.vector[3]            0.0000000000 
# 
loop_
_pdbx_audit_revision_history.ordinal 
_pdbx_audit_revision_history.data_content_type 
_pdbx_audit_revision_history.major_revision 
_pdbx_audit_revision_history.minor_revision 
_pdbx_audit_revision_history.revision_date 
1 'Structure model' 1 0 2013-03-20 
2 'Structure model' 1 1 2013-05-22 
3 'Structure model' 1 2 2023-09-20 
# 
_pdbx_audit_revision_details.ordinal             1 
_pdbx_audit_revision_details.revision_ordinal    1 
_pdbx_audit_revision_details.data_content_type   'Structure model' 
_pdbx_audit_revision_details.provider            repository 
_pdbx_audit_revision_details.type                'Initial release' 
_pdbx_audit_revision_details.description         ? 
_pdbx_audit_revision_details.details             ? 
# 
loop_
_pdbx_audit_revision_group.ordinal 
_pdbx_audit_revision_group.revision_ordinal 
_pdbx_audit_revision_group.data_content_type 
_pdbx_audit_revision_group.group 
1 2 'Structure model' 'Database references'    
2 3 'Structure model' 'Data collection'        
3 3 'Structure model' 'Database references'    
4 3 'Structure model' 'Derived calculations'   
5 3 'Structure model' 'Refinement description' 
# 
loop_
_pdbx_audit_revision_category.ordinal 
_pdbx_audit_revision_category.revision_ordinal 
_pdbx_audit_revision_category.data_content_type 
_pdbx_audit_revision_category.category 
1 3 'Structure model' chem_comp_atom                
2 3 'Structure model' chem_comp_bond                
3 3 'Structure model' database_2                    
4 3 'Structure model' pdbx_initial_refinement_model 
5 3 'Structure model' struct_ref_seq_dif            
6 3 'Structure model' struct_site                   
# 
loop_
_pdbx_audit_revision_item.ordinal 
_pdbx_audit_revision_item.revision_ordinal 
_pdbx_audit_revision_item.data_content_type 
_pdbx_audit_revision_item.item 
1 3 'Structure model' '_database_2.pdbx_DOI'                
2 3 'Structure model' '_database_2.pdbx_database_accession' 
3 3 'Structure model' '_struct_ref_seq_dif.details'         
4 3 'Structure model' '_struct_site.pdbx_auth_asym_id'      
5 3 'Structure model' '_struct_site.pdbx_auth_comp_id'      
6 3 'Structure model' '_struct_site.pdbx_auth_seq_id'       
# 
loop_
_software.name 
_software.classification 
_software.version 
_software.citation_id 
_software.pdbx_ordinal 
HKL-2000 'data collection' .        ? 1 
PHASER   phasing           MR       ? 2 
REFMAC   refinement        5.7.0029 ? 3 
MOSFLM   'data reduction'  .        ? 4 
SCALA    'data scaling'    .        ? 5 
# 
loop_
_pdbx_validate_torsion.id 
_pdbx_validate_torsion.PDB_model_num 
_pdbx_validate_torsion.auth_comp_id 
_pdbx_validate_torsion.auth_asym_id 
_pdbx_validate_torsion.auth_seq_id 
_pdbx_validate_torsion.PDB_ins_code 
_pdbx_validate_torsion.label_alt_id 
_pdbx_validate_torsion.phi 
_pdbx_validate_torsion.psi 
1 1 GLU A 57  ? ? -98.40 -64.43  
2 1 LYS A 86  ? ? 49.16  -111.92 
3 1 TYR A 125 ? ? 70.79  -39.72  
# 
loop_
_pdbx_unobs_or_zero_occ_residues.id 
_pdbx_unobs_or_zero_occ_residues.PDB_model_num 
_pdbx_unobs_or_zero_occ_residues.polymer_flag 
_pdbx_unobs_or_zero_occ_residues.occupancy_flag 
_pdbx_unobs_or_zero_occ_residues.auth_asym_id 
_pdbx_unobs_or_zero_occ_residues.auth_comp_id 
_pdbx_unobs_or_zero_occ_residues.auth_seq_id 
_pdbx_unobs_or_zero_occ_residues.PDB_ins_code 
_pdbx_unobs_or_zero_occ_residues.label_asym_id 
_pdbx_unobs_or_zero_occ_residues.label_comp_id 
_pdbx_unobs_or_zero_occ_residues.label_seq_id 
1  1 Y 1 A MET 22  ? A MET 1   
2  1 Y 1 A ALA 23  ? A ALA 2   
3  1 Y 1 A PRO 24  ? A PRO 3   
4  1 Y 1 A GLU 25  ? A GLU 4   
5  1 Y 1 A ALA 26  ? A ALA 5   
6  1 Y 1 A GLN 27  ? A GLN 6   
7  1 Y 1 A THR 183 ? A THR 162 
8  1 Y 1 A ASP 184 ? A ASP 163 
9  1 Y 1 A LYS 185 ? A LYS 164 
10 1 Y 1 A CYS 186 ? A CYS 165 
11 1 Y 1 A MET 187 ? A MET 166 
12 1 Y 1 A THR 188 ? A THR 167 
13 1 Y 1 A GLU 189 ? A GLU 168 
14 1 Y 1 A GLN 190 ? A GLN 169 
15 1 Y 1 A ALA 191 ? A ALA 170 
16 1 Y 1 A HIS 192 ? A HIS 171 
17 1 Y 1 A HIS 193 ? A HIS 172 
18 1 Y 1 A HIS 194 ? A HIS 173 
19 1 Y 1 A HIS 195 ? A HIS 174 
20 1 Y 1 A HIS 196 ? A HIS 175 
21 1 Y 1 A HIS 197 ? A HIS 176 
# 
loop_
_chem_comp_atom.comp_id 
_chem_comp_atom.atom_id 
_chem_comp_atom.type_symbol 
_chem_comp_atom.pdbx_aromatic_flag 
_chem_comp_atom.pdbx_stereo_config 
_chem_comp_atom.pdbx_ordinal 
ALA N    N N N 1   
ALA CA   C N S 2   
ALA C    C N N 3   
ALA O    O N N 4   
ALA CB   C N N 5   
ALA OXT  O N N 6   
ALA H    H N N 7   
ALA H2   H N N 8   
ALA HA   H N N 9   
ALA HB1  H N N 10  
ALA HB2  H N N 11  
ALA HB3  H N N 12  
ALA HXT  H N N 13  
ARG N    N N N 14  
ARG CA   C N S 15  
ARG C    C N N 16  
ARG O    O N N 17  
ARG CB   C N N 18  
ARG CG   C N N 19  
ARG CD   C N N 20  
ARG NE   N N N 21  
ARG CZ   C N N 22  
ARG NH1  N N N 23  
ARG NH2  N N N 24  
ARG OXT  O N N 25  
ARG H    H N N 26  
ARG H2   H N N 27  
ARG HA   H N N 28  
ARG HB2  H N N 29  
ARG HB3  H N N 30  
ARG HG2  H N N 31  
ARG HG3  H N N 32  
ARG HD2  H N N 33  
ARG HD3  H N N 34  
ARG HE   H N N 35  
ARG HH11 H N N 36  
ARG HH12 H N N 37  
ARG HH21 H N N 38  
ARG HH22 H N N 39  
ARG HXT  H N N 40  
ASN N    N N N 41  
ASN CA   C N S 42  
ASN C    C N N 43  
ASN O    O N N 44  
ASN CB   C N N 45  
ASN CG   C N N 46  
ASN OD1  O N N 47  
ASN ND2  N N N 48  
ASN OXT  O N N 49  
ASN H    H N N 50  
ASN H2   H N N 51  
ASN HA   H N N 52  
ASN HB2  H N N 53  
ASN HB3  H N N 54  
ASN HD21 H N N 55  
ASN HD22 H N N 56  
ASN HXT  H N N 57  
ASP N    N N N 58  
ASP CA   C N S 59  
ASP C    C N N 60  
ASP O    O N N 61  
ASP CB   C N N 62  
ASP CG   C N N 63  
ASP OD1  O N N 64  
ASP OD2  O N N 65  
ASP OXT  O N N 66  
ASP H    H N N 67  
ASP H2   H N N 68  
ASP HA   H N N 69  
ASP HB2  H N N 70  
ASP HB3  H N N 71  
ASP HD2  H N N 72  
ASP HXT  H N N 73  
CYS N    N N N 74  
CYS CA   C N R 75  
CYS C    C N N 76  
CYS O    O N N 77  
CYS CB   C N N 78  
CYS SG   S N N 79  
CYS OXT  O N N 80  
CYS H    H N N 81  
CYS H2   H N N 82  
CYS HA   H N N 83  
CYS HB2  H N N 84  
CYS HB3  H N N 85  
CYS HG   H N N 86  
CYS HXT  H N N 87  
GLN N    N N N 88  
GLN CA   C N S 89  
GLN C    C N N 90  
GLN O    O N N 91  
GLN CB   C N N 92  
GLN CG   C N N 93  
GLN CD   C N N 94  
GLN OE1  O N N 95  
GLN NE2  N N N 96  
GLN OXT  O N N 97  
GLN H    H N N 98  
GLN H2   H N N 99  
GLN HA   H N N 100 
GLN HB2  H N N 101 
GLN HB3  H N N 102 
GLN HG2  H N N 103 
GLN HG3  H N N 104 
GLN HE21 H N N 105 
GLN HE22 H N N 106 
GLN HXT  H N N 107 
GLU N    N N N 108 
GLU CA   C N S 109 
GLU C    C N N 110 
GLU O    O N N 111 
GLU CB   C N N 112 
GLU CG   C N N 113 
GLU CD   C N N 114 
GLU OE1  O N N 115 
GLU OE2  O N N 116 
GLU OXT  O N N 117 
GLU H    H N N 118 
GLU H2   H N N 119 
GLU HA   H N N 120 
GLU HB2  H N N 121 
GLU HB3  H N N 122 
GLU HG2  H N N 123 
GLU HG3  H N N 124 
GLU HE2  H N N 125 
GLU HXT  H N N 126 
GLY N    N N N 127 
GLY CA   C N N 128 
GLY C    C N N 129 
GLY O    O N N 130 
GLY OXT  O N N 131 
GLY H    H N N 132 
GLY H2   H N N 133 
GLY HA2  H N N 134 
GLY HA3  H N N 135 
GLY HXT  H N N 136 
HIS N    N N N 137 
HIS CA   C N S 138 
HIS C    C N N 139 
HIS O    O N N 140 
HIS CB   C N N 141 
HIS CG   C Y N 142 
HIS ND1  N Y N 143 
HIS CD2  C Y N 144 
HIS CE1  C Y N 145 
HIS NE2  N Y N 146 
HIS OXT  O N N 147 
HIS H    H N N 148 
HIS H2   H N N 149 
HIS HA   H N N 150 
HIS HB2  H N N 151 
HIS HB3  H N N 152 
HIS HD1  H N N 153 
HIS HD2  H N N 154 
HIS HE1  H N N 155 
HIS HE2  H N N 156 
HIS HXT  H N N 157 
HOH O    O N N 158 
HOH H1   H N N 159 
HOH H2   H N N 160 
ILE N    N N N 161 
ILE CA   C N S 162 
ILE C    C N N 163 
ILE O    O N N 164 
ILE CB   C N S 165 
ILE CG1  C N N 166 
ILE CG2  C N N 167 
ILE CD1  C N N 168 
ILE OXT  O N N 169 
ILE H    H N N 170 
ILE H2   H N N 171 
ILE HA   H N N 172 
ILE HB   H N N 173 
ILE HG12 H N N 174 
ILE HG13 H N N 175 
ILE HG21 H N N 176 
ILE HG22 H N N 177 
ILE HG23 H N N 178 
ILE HD11 H N N 179 
ILE HD12 H N N 180 
ILE HD13 H N N 181 
ILE HXT  H N N 182 
LEU N    N N N 183 
LEU CA   C N S 184 
LEU C    C N N 185 
LEU O    O N N 186 
LEU CB   C N N 187 
LEU CG   C N N 188 
LEU CD1  C N N 189 
LEU CD2  C N N 190 
LEU OXT  O N N 191 
LEU H    H N N 192 
LEU H2   H N N 193 
LEU HA   H N N 194 
LEU HB2  H N N 195 
LEU HB3  H N N 196 
LEU HG   H N N 197 
LEU HD11 H N N 198 
LEU HD12 H N N 199 
LEU HD13 H N N 200 
LEU HD21 H N N 201 
LEU HD22 H N N 202 
LEU HD23 H N N 203 
LEU HXT  H N N 204 
LYS N    N N N 205 
LYS CA   C N S 206 
LYS C    C N N 207 
LYS O    O N N 208 
LYS CB   C N N 209 
LYS CG   C N N 210 
LYS CD   C N N 211 
LYS CE   C N N 212 
LYS NZ   N N N 213 
LYS OXT  O N N 214 
LYS H    H N N 215 
LYS H2   H N N 216 
LYS HA   H N N 217 
LYS HB2  H N N 218 
LYS HB3  H N N 219 
LYS HG2  H N N 220 
LYS HG3  H N N 221 
LYS HD2  H N N 222 
LYS HD3  H N N 223 
LYS HE2  H N N 224 
LYS HE3  H N N 225 
LYS HZ1  H N N 226 
LYS HZ2  H N N 227 
LYS HZ3  H N N 228 
LYS HXT  H N N 229 
MET N    N N N 230 
MET CA   C N S 231 
MET C    C N N 232 
MET O    O N N 233 
MET CB   C N N 234 
MET CG   C N N 235 
MET SD   S N N 236 
MET CE   C N N 237 
MET OXT  O N N 238 
MET H    H N N 239 
MET H2   H N N 240 
MET HA   H N N 241 
MET HB2  H N N 242 
MET HB3  H N N 243 
MET HG2  H N N 244 
MET HG3  H N N 245 
MET HE1  H N N 246 
MET HE2  H N N 247 
MET HE3  H N N 248 
MET HXT  H N N 249 
PHE N    N N N 250 
PHE CA   C N S 251 
PHE C    C N N 252 
PHE O    O N N 253 
PHE CB   C N N 254 
PHE CG   C Y N 255 
PHE CD1  C Y N 256 
PHE CD2  C Y N 257 
PHE CE1  C Y N 258 
PHE CE2  C Y N 259 
PHE CZ   C Y N 260 
PHE OXT  O N N 261 
PHE H    H N N 262 
PHE H2   H N N 263 
PHE HA   H N N 264 
PHE HB2  H N N 265 
PHE HB3  H N N 266 
PHE HD1  H N N 267 
PHE HD2  H N N 268 
PHE HE1  H N N 269 
PHE HE2  H N N 270 
PHE HZ   H N N 271 
PHE HXT  H N N 272 
PRO N    N N N 273 
PRO CA   C N S 274 
PRO C    C N N 275 
PRO O    O N N 276 
PRO CB   C N N 277 
PRO CG   C N N 278 
PRO CD   C N N 279 
PRO OXT  O N N 280 
PRO H    H N N 281 
PRO HA   H N N 282 
PRO HB2  H N N 283 
PRO HB3  H N N 284 
PRO HG2  H N N 285 
PRO HG3  H N N 286 
PRO HD2  H N N 287 
PRO HD3  H N N 288 
PRO HXT  H N N 289 
PWZ O1   O N N 290 
PWZ C1   C N N 291 
PWZ O2   O N N 292 
PWZ C2   C N N 293 
PWZ C3   C N N 294 
PWZ C4   C N N 295 
PWZ C5   C N N 296 
PWZ C6   C N N 297 
PWZ C7   C N N 298 
PWZ C8   C N R 299 
PWZ C9   C N R 300 
PWZ C10  C N N 301 
PWZ O5   O N N 302 
PWZ C21  C N N 303 
PWZ C11  C N S 304 
PWZ C12  C N S 305 
PWZ C13  C N N 306 
PWZ C14  C N N 307 
PWZ C15  C N S 308 
PWZ O3   O N N 309 
PWZ C16  C N N 310 
PWZ C17  C N N 311 
PWZ C18  C N N 312 
PWZ C19  C N N 313 
PWZ C20  C N N 314 
PWZ H1   H N N 315 
PWZ H2   H N N 316 
PWZ H3   H N N 317 
PWZ H4   H N N 318 
PWZ H5   H N N 319 
PWZ H6   H N N 320 
PWZ H7   H N N 321 
PWZ H8   H N N 322 
PWZ H9   H N N 323 
PWZ H10  H N N 324 
PWZ H11  H N N 325 
PWZ H12  H N N 326 
PWZ H13  H N N 327 
PWZ H14  H N N 328 
PWZ H15  H N N 329 
PWZ H16  H N N 330 
PWZ H17  H N N 331 
PWZ H18  H N N 332 
PWZ H19  H N N 333 
PWZ H20  H N N 334 
PWZ H21  H N N 335 
PWZ H22  H N N 336 
PWZ H23  H N N 337 
PWZ H24  H N N 338 
PWZ H25  H N N 339 
PWZ H26  H N N 340 
PWZ H27  H N N 341 
PWZ H28  H N N 342 
PWZ H29  H N N 343 
PWZ H30  H N N 344 
PWZ H31  H N N 345 
PWZ H32  H N N 346 
PWZ H33  H N N 347 
PWZ H34  H N N 348 
SCN S    S N N 349 
SCN C    C N N 350 
SCN N    N N N 351 
SER N    N N N 352 
SER CA   C N S 353 
SER C    C N N 354 
SER O    O N N 355 
SER CB   C N N 356 
SER OG   O N N 357 
SER OXT  O N N 358 
SER H    H N N 359 
SER H2   H N N 360 
SER HA   H N N 361 
SER HB2  H N N 362 
SER HB3  H N N 363 
SER HG   H N N 364 
SER HXT  H N N 365 
THR N    N N N 366 
THR CA   C N S 367 
THR C    C N N 368 
THR O    O N N 369 
THR CB   C N R 370 
THR OG1  O N N 371 
THR CG2  C N N 372 
THR OXT  O N N 373 
THR H    H N N 374 
THR H2   H N N 375 
THR HA   H N N 376 
THR HB   H N N 377 
THR HG1  H N N 378 
THR HG21 H N N 379 
THR HG22 H N N 380 
THR HG23 H N N 381 
THR HXT  H N N 382 
TRP N    N N N 383 
TRP CA   C N S 384 
TRP C    C N N 385 
TRP O    O N N 386 
TRP CB   C N N 387 
TRP CG   C Y N 388 
TRP CD1  C Y N 389 
TRP CD2  C Y N 390 
TRP NE1  N Y N 391 
TRP CE2  C Y N 392 
TRP CE3  C Y N 393 
TRP CZ2  C Y N 394 
TRP CZ3  C Y N 395 
TRP CH2  C Y N 396 
TRP OXT  O N N 397 
TRP H    H N N 398 
TRP H2   H N N 399 
TRP HA   H N N 400 
TRP HB2  H N N 401 
TRP HB3  H N N 402 
TRP HD1  H N N 403 
TRP HE1  H N N 404 
TRP HE3  H N N 405 
TRP HZ2  H N N 406 
TRP HZ3  H N N 407 
TRP HH2  H N N 408 
TRP HXT  H N N 409 
TYR N    N N N 410 
TYR CA   C N S 411 
TYR C    C N N 412 
TYR O    O N N 413 
TYR CB   C N N 414 
TYR CG   C Y N 415 
TYR CD1  C Y N 416 
TYR CD2  C Y N 417 
TYR CE1  C Y N 418 
TYR CE2  C Y N 419 
TYR CZ   C Y N 420 
TYR OH   O N N 421 
TYR OXT  O N N 422 
TYR H    H N N 423 
TYR H2   H N N 424 
TYR HA   H N N 425 
TYR HB2  H N N 426 
TYR HB3  H N N 427 
TYR HD1  H N N 428 
TYR HD2  H N N 429 
TYR HE1  H N N 430 
TYR HE2  H N N 431 
TYR HH   H N N 432 
TYR HXT  H N N 433 
VAL N    N N N 434 
VAL CA   C N S 435 
VAL C    C N N 436 
VAL O    O N N 437 
VAL CB   C N N 438 
VAL CG1  C N N 439 
VAL CG2  C N N 440 
VAL OXT  O N N 441 
VAL H    H N N 442 
VAL H2   H N N 443 
VAL HA   H N N 444 
VAL HB   H N N 445 
VAL HG11 H N N 446 
VAL HG12 H N N 447 
VAL HG13 H N N 448 
VAL HG21 H N N 449 
VAL HG22 H N N 450 
VAL HG23 H N N 451 
VAL HXT  H N N 452 
# 
loop_
_chem_comp_bond.comp_id 
_chem_comp_bond.atom_id_1 
_chem_comp_bond.atom_id_2 
_chem_comp_bond.value_order 
_chem_comp_bond.pdbx_aromatic_flag 
_chem_comp_bond.pdbx_stereo_config 
_chem_comp_bond.pdbx_ordinal 
ALA N   CA   sing N N 1   
ALA N   H    sing N N 2   
ALA N   H2   sing N N 3   
ALA CA  C    sing N N 4   
ALA CA  CB   sing N N 5   
ALA CA  HA   sing N N 6   
ALA C   O    doub N N 7   
ALA C   OXT  sing N N 8   
ALA CB  HB1  sing N N 9   
ALA CB  HB2  sing N N 10  
ALA CB  HB3  sing N N 11  
ALA OXT HXT  sing N N 12  
ARG N   CA   sing N N 13  
ARG N   H    sing N N 14  
ARG N   H2   sing N N 15  
ARG CA  C    sing N N 16  
ARG CA  CB   sing N N 17  
ARG CA  HA   sing N N 18  
ARG C   O    doub N N 19  
ARG C   OXT  sing N N 20  
ARG CB  CG   sing N N 21  
ARG CB  HB2  sing N N 22  
ARG CB  HB3  sing N N 23  
ARG CG  CD   sing N N 24  
ARG CG  HG2  sing N N 25  
ARG CG  HG3  sing N N 26  
ARG CD  NE   sing N N 27  
ARG CD  HD2  sing N N 28  
ARG CD  HD3  sing N N 29  
ARG NE  CZ   sing N N 30  
ARG NE  HE   sing N N 31  
ARG CZ  NH1  sing N N 32  
ARG CZ  NH2  doub N N 33  
ARG NH1 HH11 sing N N 34  
ARG NH1 HH12 sing N N 35  
ARG NH2 HH21 sing N N 36  
ARG NH2 HH22 sing N N 37  
ARG OXT HXT  sing N N 38  
ASN N   CA   sing N N 39  
ASN N   H    sing N N 40  
ASN N   H2   sing N N 41  
ASN CA  C    sing N N 42  
ASN CA  CB   sing N N 43  
ASN CA  HA   sing N N 44  
ASN C   O    doub N N 45  
ASN C   OXT  sing N N 46  
ASN CB  CG   sing N N 47  
ASN CB  HB2  sing N N 48  
ASN CB  HB3  sing N N 49  
ASN CG  OD1  doub N N 50  
ASN CG  ND2  sing N N 51  
ASN ND2 HD21 sing N N 52  
ASN ND2 HD22 sing N N 53  
ASN OXT HXT  sing N N 54  
ASP N   CA   sing N N 55  
ASP N   H    sing N N 56  
ASP N   H2   sing N N 57  
ASP CA  C    sing N N 58  
ASP CA  CB   sing N N 59  
ASP CA  HA   sing N N 60  
ASP C   O    doub N N 61  
ASP C   OXT  sing N N 62  
ASP CB  CG   sing N N 63  
ASP CB  HB2  sing N N 64  
ASP CB  HB3  sing N N 65  
ASP CG  OD1  doub N N 66  
ASP CG  OD2  sing N N 67  
ASP OD2 HD2  sing N N 68  
ASP OXT HXT  sing N N 69  
CYS N   CA   sing N N 70  
CYS N   H    sing N N 71  
CYS N   H2   sing N N 72  
CYS CA  C    sing N N 73  
CYS CA  CB   sing N N 74  
CYS CA  HA   sing N N 75  
CYS C   O    doub N N 76  
CYS C   OXT  sing N N 77  
CYS CB  SG   sing N N 78  
CYS CB  HB2  sing N N 79  
CYS CB  HB3  sing N N 80  
CYS SG  HG   sing N N 81  
CYS OXT HXT  sing N N 82  
GLN N   CA   sing N N 83  
GLN N   H    sing N N 84  
GLN N   H2   sing N N 85  
GLN CA  C    sing N N 86  
GLN CA  CB   sing N N 87  
GLN CA  HA   sing N N 88  
GLN C   O    doub N N 89  
GLN C   OXT  sing N N 90  
GLN CB  CG   sing N N 91  
GLN CB  HB2  sing N N 92  
GLN CB  HB3  sing N N 93  
GLN CG  CD   sing N N 94  
GLN CG  HG2  sing N N 95  
GLN CG  HG3  sing N N 96  
GLN CD  OE1  doub N N 97  
GLN CD  NE2  sing N N 98  
GLN NE2 HE21 sing N N 99  
GLN NE2 HE22 sing N N 100 
GLN OXT HXT  sing N N 101 
GLU N   CA   sing N N 102 
GLU N   H    sing N N 103 
GLU N   H2   sing N N 104 
GLU CA  C    sing N N 105 
GLU CA  CB   sing N N 106 
GLU CA  HA   sing N N 107 
GLU C   O    doub N N 108 
GLU C   OXT  sing N N 109 
GLU CB  CG   sing N N 110 
GLU CB  HB2  sing N N 111 
GLU CB  HB3  sing N N 112 
GLU CG  CD   sing N N 113 
GLU CG  HG2  sing N N 114 
GLU CG  HG3  sing N N 115 
GLU CD  OE1  doub N N 116 
GLU CD  OE2  sing N N 117 
GLU OE2 HE2  sing N N 118 
GLU OXT HXT  sing N N 119 
GLY N   CA   sing N N 120 
GLY N   H    sing N N 121 
GLY N   H2   sing N N 122 
GLY CA  C    sing N N 123 
GLY CA  HA2  sing N N 124 
GLY CA  HA3  sing N N 125 
GLY C   O    doub N N 126 
GLY C   OXT  sing N N 127 
GLY OXT HXT  sing N N 128 
HIS N   CA   sing N N 129 
HIS N   H    sing N N 130 
HIS N   H2   sing N N 131 
HIS CA  C    sing N N 132 
HIS CA  CB   sing N N 133 
HIS CA  HA   sing N N 134 
HIS C   O    doub N N 135 
HIS C   OXT  sing N N 136 
HIS CB  CG   sing N N 137 
HIS CB  HB2  sing N N 138 
HIS CB  HB3  sing N N 139 
HIS CG  ND1  sing Y N 140 
HIS CG  CD2  doub Y N 141 
HIS ND1 CE1  doub Y N 142 
HIS ND1 HD1  sing N N 143 
HIS CD2 NE2  sing Y N 144 
HIS CD2 HD2  sing N N 145 
HIS CE1 NE2  sing Y N 146 
HIS CE1 HE1  sing N N 147 
HIS NE2 HE2  sing N N 148 
HIS OXT HXT  sing N N 149 
HOH O   H1   sing N N 150 
HOH O   H2   sing N N 151 
ILE N   CA   sing N N 152 
ILE N   H    sing N N 153 
ILE N   H2   sing N N 154 
ILE CA  C    sing N N 155 
ILE CA  CB   sing N N 156 
ILE CA  HA   sing N N 157 
ILE C   O    doub N N 158 
ILE C   OXT  sing N N 159 
ILE CB  CG1  sing N N 160 
ILE CB  CG2  sing N N 161 
ILE CB  HB   sing N N 162 
ILE CG1 CD1  sing N N 163 
ILE CG1 HG12 sing N N 164 
ILE CG1 HG13 sing N N 165 
ILE CG2 HG21 sing N N 166 
ILE CG2 HG22 sing N N 167 
ILE CG2 HG23 sing N N 168 
ILE CD1 HD11 sing N N 169 
ILE CD1 HD12 sing N N 170 
ILE CD1 HD13 sing N N 171 
ILE OXT HXT  sing N N 172 
LEU N   CA   sing N N 173 
LEU N   H    sing N N 174 
LEU N   H2   sing N N 175 
LEU CA  C    sing N N 176 
LEU CA  CB   sing N N 177 
LEU CA  HA   sing N N 178 
LEU C   O    doub N N 179 
LEU C   OXT  sing N N 180 
LEU CB  CG   sing N N 181 
LEU CB  HB2  sing N N 182 
LEU CB  HB3  sing N N 183 
LEU CG  CD1  sing N N 184 
LEU CG  CD2  sing N N 185 
LEU CG  HG   sing N N 186 
LEU CD1 HD11 sing N N 187 
LEU CD1 HD12 sing N N 188 
LEU CD1 HD13 sing N N 189 
LEU CD2 HD21 sing N N 190 
LEU CD2 HD22 sing N N 191 
LEU CD2 HD23 sing N N 192 
LEU OXT HXT  sing N N 193 
LYS N   CA   sing N N 194 
LYS N   H    sing N N 195 
LYS N   H2   sing N N 196 
LYS CA  C    sing N N 197 
LYS CA  CB   sing N N 198 
LYS CA  HA   sing N N 199 
LYS C   O    doub N N 200 
LYS C   OXT  sing N N 201 
LYS CB  CG   sing N N 202 
LYS CB  HB2  sing N N 203 
LYS CB  HB3  sing N N 204 
LYS CG  CD   sing N N 205 
LYS CG  HG2  sing N N 206 
LYS CG  HG3  sing N N 207 
LYS CD  CE   sing N N 208 
LYS CD  HD2  sing N N 209 
LYS CD  HD3  sing N N 210 
LYS CE  NZ   sing N N 211 
LYS CE  HE2  sing N N 212 
LYS CE  HE3  sing N N 213 
LYS NZ  HZ1  sing N N 214 
LYS NZ  HZ2  sing N N 215 
LYS NZ  HZ3  sing N N 216 
LYS OXT HXT  sing N N 217 
MET N   CA   sing N N 218 
MET N   H    sing N N 219 
MET N   H2   sing N N 220 
MET CA  C    sing N N 221 
MET CA  CB   sing N N 222 
MET CA  HA   sing N N 223 
MET C   O    doub N N 224 
MET C   OXT  sing N N 225 
MET CB  CG   sing N N 226 
MET CB  HB2  sing N N 227 
MET CB  HB3  sing N N 228 
MET CG  SD   sing N N 229 
MET CG  HG2  sing N N 230 
MET CG  HG3  sing N N 231 
MET SD  CE   sing N N 232 
MET CE  HE1  sing N N 233 
MET CE  HE2  sing N N 234 
MET CE  HE3  sing N N 235 
MET OXT HXT  sing N N 236 
PHE N   CA   sing N N 237 
PHE N   H    sing N N 238 
PHE N   H2   sing N N 239 
PHE CA  C    sing N N 240 
PHE CA  CB   sing N N 241 
PHE CA  HA   sing N N 242 
PHE C   O    doub N N 243 
PHE C   OXT  sing N N 244 
PHE CB  CG   sing N N 245 
PHE CB  HB2  sing N N 246 
PHE CB  HB3  sing N N 247 
PHE CG  CD1  doub Y N 248 
PHE CG  CD2  sing Y N 249 
PHE CD1 CE1  sing Y N 250 
PHE CD1 HD1  sing N N 251 
PHE CD2 CE2  doub Y N 252 
PHE CD2 HD2  sing N N 253 
PHE CE1 CZ   doub Y N 254 
PHE CE1 HE1  sing N N 255 
PHE CE2 CZ   sing Y N 256 
PHE CE2 HE2  sing N N 257 
PHE CZ  HZ   sing N N 258 
PHE OXT HXT  sing N N 259 
PRO N   CA   sing N N 260 
PRO N   CD   sing N N 261 
PRO N   H    sing N N 262 
PRO CA  C    sing N N 263 
PRO CA  CB   sing N N 264 
PRO CA  HA   sing N N 265 
PRO C   O    doub N N 266 
PRO C   OXT  sing N N 267 
PRO CB  CG   sing N N 268 
PRO CB  HB2  sing N N 269 
PRO CB  HB3  sing N N 270 
PRO CG  CD   sing N N 271 
PRO CG  HG2  sing N N 272 
PRO CG  HG3  sing N N 273 
PRO CD  HD2  sing N N 274 
PRO CD  HD3  sing N N 275 
PRO OXT HXT  sing N N 276 
PWZ C19 C20  sing N N 277 
PWZ C19 C18  sing N N 278 
PWZ C18 C17  sing N N 279 
PWZ C17 C16  sing N N 280 
PWZ O1  C1   doub N N 281 
PWZ C16 C15  sing N N 282 
PWZ C2  C1   sing N N 283 
PWZ C2  C3   sing N N 284 
PWZ C1  O2   sing N N 285 
PWZ C6  C7   sing N N 286 
PWZ C6  C5   doub N E 287 
PWZ C4  C5   sing N N 288 
PWZ C4  C3   sing N N 289 
PWZ O5  C9   sing N N 290 
PWZ O5  C21  sing N N 291 
PWZ C8  C7   sing N N 292 
PWZ C8  C9   sing N N 293 
PWZ C8  C12  sing N N 294 
PWZ C9  C10  sing N N 295 
PWZ C15 C14  sing N N 296 
PWZ C15 O3   sing N N 297 
PWZ C13 C14  doub N E 298 
PWZ C13 C12  sing N N 299 
PWZ C21 C11  sing N N 300 
PWZ C12 C11  sing N N 301 
PWZ C10 C11  sing N N 302 
PWZ O2  H1   sing N N 303 
PWZ C2  H2   sing N N 304 
PWZ C2  H3   sing N N 305 
PWZ C3  H4   sing N N 306 
PWZ C3  H5   sing N N 307 
PWZ C4  H6   sing N N 308 
PWZ C4  H7   sing N N 309 
PWZ C5  H8   sing N N 310 
PWZ C6  H9   sing N N 311 
PWZ C7  H10  sing N N 312 
PWZ C7  H11  sing N N 313 
PWZ C8  H12  sing N N 314 
PWZ C9  H13  sing N N 315 
PWZ C10 H14  sing N N 316 
PWZ C10 H15  sing N N 317 
PWZ C21 H16  sing N N 318 
PWZ C21 H17  sing N N 319 
PWZ C11 H18  sing N N 320 
PWZ C12 H19  sing N N 321 
PWZ C13 H20  sing N N 322 
PWZ C14 H21  sing N N 323 
PWZ C15 H22  sing N N 324 
PWZ O3  H23  sing N N 325 
PWZ C16 H24  sing N N 326 
PWZ C16 H25  sing N N 327 
PWZ C17 H26  sing N N 328 
PWZ C17 H27  sing N N 329 
PWZ C18 H28  sing N N 330 
PWZ C18 H29  sing N N 331 
PWZ C19 H30  sing N N 332 
PWZ C19 H31  sing N N 333 
PWZ C20 H32  sing N N 334 
PWZ C20 H33  sing N N 335 
PWZ C20 H34  sing N N 336 
SCN S   C    sing N N 337 
SCN C   N    trip N N 338 
SER N   CA   sing N N 339 
SER N   H    sing N N 340 
SER N   H2   sing N N 341 
SER CA  C    sing N N 342 
SER CA  CB   sing N N 343 
SER CA  HA   sing N N 344 
SER C   O    doub N N 345 
SER C   OXT  sing N N 346 
SER CB  OG   sing N N 347 
SER CB  HB2  sing N N 348 
SER CB  HB3  sing N N 349 
SER OG  HG   sing N N 350 
SER OXT HXT  sing N N 351 
THR N   CA   sing N N 352 
THR N   H    sing N N 353 
THR N   H2   sing N N 354 
THR CA  C    sing N N 355 
THR CA  CB   sing N N 356 
THR CA  HA   sing N N 357 
THR C   O    doub N N 358 
THR C   OXT  sing N N 359 
THR CB  OG1  sing N N 360 
THR CB  CG2  sing N N 361 
THR CB  HB   sing N N 362 
THR OG1 HG1  sing N N 363 
THR CG2 HG21 sing N N 364 
THR CG2 HG22 sing N N 365 
THR CG2 HG23 sing N N 366 
THR OXT HXT  sing N N 367 
TRP N   CA   sing N N 368 
TRP N   H    sing N N 369 
TRP N   H2   sing N N 370 
TRP CA  C    sing N N 371 
TRP CA  CB   sing N N 372 
TRP CA  HA   sing N N 373 
TRP C   O    doub N N 374 
TRP C   OXT  sing N N 375 
TRP CB  CG   sing N N 376 
TRP CB  HB2  sing N N 377 
TRP CB  HB3  sing N N 378 
TRP CG  CD1  doub Y N 379 
TRP CG  CD2  sing Y N 380 
TRP CD1 NE1  sing Y N 381 
TRP CD1 HD1  sing N N 382 
TRP CD2 CE2  doub Y N 383 
TRP CD2 CE3  sing Y N 384 
TRP NE1 CE2  sing Y N 385 
TRP NE1 HE1  sing N N 386 
TRP CE2 CZ2  sing Y N 387 
TRP CE3 CZ3  doub Y N 388 
TRP CE3 HE3  sing N N 389 
TRP CZ2 CH2  doub Y N 390 
TRP CZ2 HZ2  sing N N 391 
TRP CZ3 CH2  sing Y N 392 
TRP CZ3 HZ3  sing N N 393 
TRP CH2 HH2  sing N N 394 
TRP OXT HXT  sing N N 395 
TYR N   CA   sing N N 396 
TYR N   H    sing N N 397 
TYR N   H2   sing N N 398 
TYR CA  C    sing N N 399 
TYR CA  CB   sing N N 400 
TYR CA  HA   sing N N 401 
TYR C   O    doub N N 402 
TYR C   OXT  sing N N 403 
TYR CB  CG   sing N N 404 
TYR CB  HB2  sing N N 405 
TYR CB  HB3  sing N N 406 
TYR CG  CD1  doub Y N 407 
TYR CG  CD2  sing Y N 408 
TYR CD1 CE1  sing Y N 409 
TYR CD1 HD1  sing N N 410 
TYR CD2 CE2  doub Y N 411 
TYR CD2 HD2  sing N N 412 
TYR CE1 CZ   doub Y N 413 
TYR CE1 HE1  sing N N 414 
TYR CE2 CZ   sing Y N 415 
TYR CE2 HE2  sing N N 416 
TYR CZ  OH   sing N N 417 
TYR OH  HH   sing N N 418 
TYR OXT HXT  sing N N 419 
VAL N   CA   sing N N 420 
VAL N   H    sing N N 421 
VAL N   H2   sing N N 422 
VAL CA  C    sing N N 423 
VAL CA  CB   sing N N 424 
VAL CA  HA   sing N N 425 
VAL C   O    doub N N 426 
VAL C   OXT  sing N N 427 
VAL CB  CG1  sing N N 428 
VAL CB  CG2  sing N N 429 
VAL CB  HB   sing N N 430 
VAL CG1 HG11 sing N N 431 
VAL CG1 HG12 sing N N 432 
VAL CG1 HG13 sing N N 433 
VAL CG2 HG21 sing N N 434 
VAL CG2 HG22 sing N N 435 
VAL CG2 HG23 sing N N 436 
VAL OXT HXT  sing N N 437 
# 
loop_
_pdbx_entity_nonpoly.entity_id 
_pdbx_entity_nonpoly.name 
_pdbx_entity_nonpoly.comp_id 
2 '(5E)-7-{(1R,4S,5S,6R)-5-[(1E,3S)-3-hydroxyoct-1-en-1-yl]-2-oxabicyclo[2.2.1]hept-6-yl}hept-5-enoic acid' PWZ 
3 'THIOCYANATE ION'                                                                                         SCN 
4 water                                                                                                     HOH 
# 
_pdbx_initial_refinement_model.id               1 
_pdbx_initial_refinement_model.entity_id_list   ? 
_pdbx_initial_refinement_model.type             'experimental model' 
_pdbx_initial_refinement_model.source_name      PDB 
_pdbx_initial_refinement_model.accession_code   2CZT 
_pdbx_initial_refinement_model.details          ? 
# 
